data_4GHF
#
_entry.id   4GHF
#
_cell.length_a   110.519
_cell.length_b   150.318
_cell.length_c   96.105
_cell.angle_alpha   90.00
_cell.angle_beta   90.00
_cell.angle_gamma   90.00
#
_symmetry.space_group_name_H-M   'P 21 21 2'
#
loop_
_entity.id
_entity.type
_entity.pdbx_description
1 polymer 'Homoprotocatechuate 2,3-dioxygenase'
2 non-polymer 'FE (II) ION'
3 non-polymer 4-NITROCATECHOL
4 non-polymer 'HEXAETHYLENE GLYCOL'
5 non-polymer 'CHLORIDE ION'
6 non-polymer 'CALCIUM ION'
7 non-polymer 'TETRAETHYLENE GLYCOL'
8 non-polymer 'OXYGEN MOLECULE'
9 water water
#
_entity_poly.entity_id   1
_entity_poly.type   'polypeptide(L)'
_entity_poly.pdbx_seq_one_letter_code
;MSNEIPKPVAPAPDILRCAYAELVVTDLAKSRNFYVDVLGLHVSYEDENQIYLRSFEEFIHHNLVLTKGPVAALKAMAFR
VRTPEDVDKAEAYYQELGCRTERRKDGFVKGIGDALRVEDPLGFPYEFFFETTHVERLHMRYDLYSAGELVRLDHFNQVT
PDVPRGRKYLEDLGFRVTEDIQDDEGTTYAAWMHRKGTVHDTALTGGNGPRLHHVAFSTHEKHNIIQICDKMGALRISDR
IERGPGRHGVSNAFYLFILDPDNHRIEIYTQDYYTGDPDNPTITWNVHDNQRRDWWGNPVVPSWYTEASKVLDLDGNVQE
IIERTDDSELEVTIGADGFSFTRAGDEDGSYHGQASKGFKLGNQL
;
_entity_poly.pdbx_strand_id   A,B,C,D
#
# COMPACT_ATOMS: atom_id res chain seq x y z
N GLU A 4 -19.81 3.04 42.67
CA GLU A 4 -21.29 2.95 42.60
C GLU A 4 -21.79 1.55 42.15
N ILE A 5 -21.18 0.93 41.13
CA ILE A 5 -21.32 -0.54 40.95
C ILE A 5 -20.22 -1.12 41.85
N PRO A 6 -20.59 -1.93 42.87
CA PRO A 6 -19.54 -2.33 43.84
C PRO A 6 -18.54 -3.33 43.26
N LYS A 7 -17.33 -3.36 43.81
CA LYS A 7 -16.31 -4.35 43.42
C LYS A 7 -16.53 -5.65 44.22
N PRO A 8 -16.85 -6.77 43.52
CA PRO A 8 -17.09 -8.03 44.23
C PRO A 8 -15.87 -8.49 45.00
N VAL A 9 -16.09 -9.19 46.10
CA VAL A 9 -15.03 -9.94 46.75
C VAL A 9 -14.55 -11.07 45.83
N ALA A 10 -15.48 -11.74 45.14
CA ALA A 10 -15.11 -12.81 44.18
C ALA A 10 -14.13 -12.33 43.08
N PRO A 11 -13.10 -13.15 42.77
CA PRO A 11 -12.11 -12.80 41.75
C PRO A 11 -12.73 -12.63 40.35
N ALA A 12 -12.27 -11.63 39.62
CA ALA A 12 -12.76 -11.44 38.25
C ALA A 12 -12.24 -12.58 37.37
N PRO A 13 -13.04 -12.96 36.37
CA PRO A 13 -12.56 -13.91 35.35
C PRO A 13 -11.42 -13.30 34.55
N ASP A 14 -10.47 -14.14 34.10
CA ASP A 14 -9.40 -13.65 33.23
C ASP A 14 -9.90 -13.64 31.79
N ILE A 15 -10.22 -12.46 31.26
CA ILE A 15 -10.80 -12.28 29.92
C ILE A 15 -9.66 -12.06 28.92
N LEU A 16 -9.65 -12.81 27.84
CA LEU A 16 -8.60 -12.74 26.84
C LEU A 16 -8.84 -11.63 25.86
N ARG A 17 -10.09 -11.49 25.40
CA ARG A 17 -10.38 -10.67 24.24
C ARG A 17 -11.83 -10.75 23.88
N CYS A 18 -12.33 -9.77 23.10
CA CYS A 18 -13.62 -9.93 22.43
C CYS A 18 -13.49 -11.04 21.41
N ALA A 19 -14.53 -11.84 21.24
CA ALA A 19 -14.45 -13.06 20.46
C ALA A 19 -15.52 -13.15 19.36
N TYR A 20 -16.78 -12.90 19.68
CA TYR A 20 -17.86 -12.86 18.69
C TYR A 20 -19.05 -12.05 19.14
N ALA A 21 -19.89 -11.65 18.18
CA ALA A 21 -21.19 -11.06 18.51
C ALA A 21 -22.28 -11.89 17.88
N GLU A 22 -23.40 -12.03 18.58
CA GLU A 22 -24.62 -12.57 18.01
C GLU A 22 -25.57 -11.41 17.70
N LEU A 23 -25.90 -11.23 16.41
CA LEU A 23 -26.80 -10.18 15.95
C LEU A 23 -28.06 -10.83 15.44
N VAL A 24 -29.21 -10.35 15.92
CA VAL A 24 -30.52 -10.71 15.38
C VAL A 24 -30.78 -9.82 14.16
N VAL A 25 -31.16 -10.46 13.06
CA VAL A 25 -31.43 -9.80 11.81
C VAL A 25 -32.79 -10.24 11.33
N THR A 26 -33.41 -9.44 10.48
CA THR A 26 -34.80 -9.69 10.09
C THR A 26 -34.95 -10.42 8.76
N ASP A 27 -33.96 -10.32 7.89
CA ASP A 27 -34.02 -11.03 6.58
C ASP A 27 -32.64 -11.67 6.38
N LEU A 28 -32.57 -12.97 6.63
CA LEU A 28 -31.31 -13.65 6.70
C LEU A 28 -30.58 -13.56 5.35
N ALA A 29 -31.35 -13.71 4.25
CA ALA A 29 -30.83 -13.58 2.89
C ALA A 29 -30.20 -12.19 2.56
N LYS A 30 -30.88 -11.12 2.86
CA LYS A 30 -30.29 -9.80 2.65
C LYS A 30 -29.05 -9.60 3.51
N SER A 31 -29.07 -10.07 4.75
CA SER A 31 -27.90 -9.91 5.64
C SER A 31 -26.73 -10.74 5.12
N ARG A 32 -27.01 -11.97 4.66
CA ARG A 32 -25.98 -12.80 4.04
C ARG A 32 -25.32 -12.10 2.84
N ASN A 33 -26.13 -11.46 2.01
CA ASN A 33 -25.57 -10.77 0.86
C ASN A 33 -24.58 -9.68 1.30
N PHE A 34 -24.94 -8.97 2.36
CA PHE A 34 -24.08 -7.89 2.89
C PHE A 34 -22.79 -8.44 3.49
N TYR A 35 -22.92 -9.35 4.45
CA TYR A 35 -21.73 -9.80 5.20
C TYR A 35 -20.86 -10.78 4.41
N VAL A 36 -21.46 -11.61 3.57
CA VAL A 36 -20.69 -12.54 2.73
C VAL A 36 -20.34 -11.96 1.36
N ASP A 37 -21.32 -11.56 0.56
CA ASP A 37 -21.05 -11.07 -0.80
C ASP A 37 -20.40 -9.72 -0.86
N VAL A 38 -20.86 -8.75 -0.06
CA VAL A 38 -20.24 -7.40 -0.05
C VAL A 38 -18.94 -7.42 0.77
N LEU A 39 -19.00 -7.86 2.03
CA LEU A 39 -17.84 -7.79 2.92
C LEU A 39 -16.88 -8.98 2.92
N GLY A 40 -17.30 -10.15 2.38
CA GLY A 40 -16.38 -11.27 2.17
C GLY A 40 -16.08 -12.09 3.42
N LEU A 41 -16.92 -12.01 4.45
CA LEU A 41 -16.70 -12.85 5.66
C LEU A 41 -16.92 -14.31 5.24
N HIS A 42 -16.30 -15.22 5.97
CA HIS A 42 -16.26 -16.64 5.61
C HIS A 42 -17.25 -17.44 6.42
N VAL A 43 -18.01 -18.28 5.75
CA VAL A 43 -19.09 -19.04 6.38
C VAL A 43 -18.56 -20.28 7.08
N SER A 44 -18.69 -20.34 8.41
CA SER A 44 -18.27 -21.56 9.13
C SER A 44 -19.39 -22.58 9.15
N TYR A 45 -20.62 -22.10 9.15
CA TYR A 45 -21.79 -22.94 9.24
C TYR A 45 -22.97 -22.09 8.85
N GLU A 46 -23.93 -22.65 8.16
CA GLU A 46 -25.20 -21.96 7.97
C GLU A 46 -26.38 -22.90 7.81
N ASP A 47 -27.54 -22.42 8.24
CA ASP A 47 -28.81 -23.07 7.95
C ASP A 47 -29.87 -21.99 7.67
N GLU A 48 -31.16 -22.32 7.71
N GLU A 48 -31.15 -22.38 7.75
CA GLU A 48 -32.20 -21.35 7.37
CA GLU A 48 -32.32 -21.52 7.49
C GLU A 48 -32.54 -20.36 8.52
C GLU A 48 -32.48 -20.37 8.49
N ASN A 49 -31.96 -20.58 9.70
CA ASN A 49 -32.15 -19.68 10.83
C ASN A 49 -30.92 -18.85 11.23
N GLN A 50 -29.72 -19.31 10.88
CA GLN A 50 -28.47 -18.68 11.34
C GLN A 50 -27.34 -18.85 10.35
N ILE A 51 -26.45 -17.87 10.33
CA ILE A 51 -25.23 -17.91 9.54
C ILE A 51 -24.09 -17.64 10.53
N TYR A 52 -23.05 -18.47 10.52
CA TYR A 52 -21.92 -18.32 11.39
C TYR A 52 -20.75 -17.90 10.52
N LEU A 53 -20.15 -16.77 10.88
CA LEU A 53 -19.14 -16.15 10.05
C LEU A 53 -17.89 -15.90 10.80
N ARG A 54 -16.77 -15.95 10.09
CA ARG A 54 -15.48 -15.66 10.71
C ARG A 54 -14.59 -14.85 9.79
N SER A 55 -13.65 -14.17 10.41
CA SER A 55 -12.68 -13.41 9.70
C SER A 55 -11.53 -14.30 9.14
N PHE A 56 -10.69 -13.71 8.31
CA PHE A 56 -9.61 -14.43 7.59
C PHE A 56 -8.58 -15.11 8.53
N GLU A 57 -8.30 -14.53 9.70
CA GLU A 57 -7.22 -15.06 10.57
C GLU A 57 -7.72 -15.81 11.77
N GLU A 58 -9.03 -15.98 11.88
CA GLU A 58 -9.60 -16.61 13.06
C GLU A 58 -9.50 -18.14 13.03
N PHE A 59 -9.28 -18.74 14.19
CA PHE A 59 -9.33 -20.19 14.34
C PHE A 59 -10.49 -20.70 15.22
N ILE A 60 -11.11 -19.82 16.02
CA ILE A 60 -12.31 -20.23 16.77
C ILE A 60 -13.46 -20.27 15.81
N HIS A 61 -14.60 -20.81 16.24
CA HIS A 61 -15.62 -21.16 15.25
C HIS A 61 -16.15 -19.99 14.46
N HIS A 62 -16.30 -18.83 15.09
CA HIS A 62 -16.96 -17.73 14.45
C HIS A 62 -16.62 -16.49 15.22
N ASN A 63 -16.74 -15.37 14.53
CA ASN A 63 -16.68 -14.02 15.09
C ASN A 63 -18.03 -13.30 15.06
N LEU A 64 -18.97 -13.83 14.29
CA LEU A 64 -20.25 -13.19 14.10
C LEU A 64 -21.28 -14.25 13.84
N VAL A 65 -22.39 -14.18 14.58
CA VAL A 65 -23.52 -15.08 14.36
C VAL A 65 -24.70 -14.21 13.99
N LEU A 66 -25.27 -14.46 12.84
CA LEU A 66 -26.46 -13.76 12.40
C LEU A 66 -27.61 -14.71 12.67
N THR A 67 -28.53 -14.27 13.50
CA THR A 67 -29.69 -15.04 13.90
C THR A 67 -30.97 -14.39 13.41
N LYS A 68 -31.76 -15.14 12.65
CA LYS A 68 -33.03 -14.60 12.15
C LYS A 68 -33.96 -14.38 13.35
N GLY A 69 -34.64 -13.23 13.38
CA GLY A 69 -35.61 -12.94 14.47
C GLY A 69 -36.47 -11.78 14.03
N PRO A 70 -37.50 -11.45 14.82
CA PRO A 70 -38.47 -10.43 14.47
C PRO A 70 -37.97 -9.01 14.72
N VAL A 71 -37.06 -8.84 15.68
CA VAL A 71 -36.55 -7.51 16.04
C VAL A 71 -35.03 -7.46 15.97
N ALA A 72 -34.50 -6.69 15.03
CA ALA A 72 -33.05 -6.53 14.88
C ALA A 72 -32.39 -5.94 16.14
N ALA A 73 -31.35 -6.60 16.64
CA ALA A 73 -30.77 -6.24 17.95
C ALA A 73 -29.51 -7.03 18.24
N LEU A 74 -28.72 -6.57 19.18
CA LEU A 74 -27.62 -7.38 19.72
C LEU A 74 -28.18 -8.41 20.70
N LYS A 75 -27.91 -9.70 20.45
CA LYS A 75 -28.32 -10.72 21.39
C LYS A 75 -27.23 -11.08 22.39
N ALA A 76 -25.97 -10.96 22.02
CA ALA A 76 -24.88 -11.33 22.90
C ALA A 76 -23.59 -10.73 22.37
N MET A 77 -22.82 -10.13 23.26
CA MET A 77 -21.42 -9.77 23.01
C MET A 77 -20.53 -10.71 23.86
N ALA A 78 -19.74 -11.54 23.18
CA ALA A 78 -18.98 -12.60 23.77
C ALA A 78 -17.49 -12.33 23.83
N PHE A 79 -16.98 -12.59 25.03
CA PHE A 79 -15.58 -12.51 25.36
C PHE A 79 -15.08 -13.90 25.73
N ARG A 80 -13.93 -14.28 25.18
CA ARG A 80 -13.30 -15.54 25.53
C ARG A 80 -12.47 -15.34 26.76
N VAL A 81 -12.55 -16.29 27.71
CA VAL A 81 -11.77 -16.30 28.96
C VAL A 81 -10.65 -17.35 28.92
N ARG A 82 -9.68 -17.23 29.81
CA ARG A 82 -8.41 -17.95 29.61
C ARG A 82 -8.56 -19.45 29.86
N THR A 83 -9.41 -19.85 30.82
CA THR A 83 -9.51 -21.28 31.14
C THR A 83 -10.97 -21.65 31.31
N PRO A 84 -11.26 -22.96 31.31
CA PRO A 84 -12.61 -23.37 31.70
C PRO A 84 -13.00 -22.83 33.07
N GLU A 85 -12.08 -22.87 34.05
CA GLU A 85 -12.35 -22.37 35.40
C GLU A 85 -12.71 -20.88 35.47
N ASP A 86 -12.32 -20.09 34.46
CA ASP A 86 -12.69 -18.66 34.40
C ASP A 86 -14.19 -18.47 34.11
N VAL A 87 -14.86 -19.44 33.52
CA VAL A 87 -16.30 -19.30 33.30
C VAL A 87 -17.02 -19.44 34.65
N ASP A 88 -16.51 -20.30 35.53
CA ASP A 88 -17.02 -20.37 36.93
C ASP A 88 -16.74 -19.08 37.69
N LYS A 89 -15.57 -18.49 37.47
CA LYS A 89 -15.26 -17.22 38.09
C LYS A 89 -16.19 -16.11 37.62
N ALA A 90 -16.46 -16.06 36.32
CA ALA A 90 -17.40 -15.08 35.79
C ALA A 90 -18.78 -15.29 36.44
N GLU A 91 -19.24 -16.53 36.52
CA GLU A 91 -20.52 -16.83 37.14
C GLU A 91 -20.64 -16.31 38.59
N ALA A 92 -19.70 -16.68 39.45
CA ALA A 92 -19.63 -16.19 40.85
C ALA A 92 -19.55 -14.66 40.95
N TYR A 93 -18.84 -14.05 40.01
CA TYR A 93 -18.65 -12.60 39.99
C TYR A 93 -19.96 -11.86 39.73
N TYR A 94 -20.66 -12.26 38.67
CA TYR A 94 -21.90 -11.61 38.30
C TYR A 94 -23.05 -11.92 39.24
N GLN A 95 -22.99 -13.09 39.93
CA GLN A 95 -23.95 -13.43 41.00
C GLN A 95 -23.78 -12.44 42.14
N GLU A 96 -22.53 -12.21 42.54
CA GLU A 96 -22.24 -11.25 43.60
C GLU A 96 -22.58 -9.81 43.23
N LEU A 97 -22.48 -9.47 41.94
CA LEU A 97 -23.00 -8.18 41.44
C LEU A 97 -24.54 -8.13 41.46
N GLY A 98 -25.21 -9.27 41.62
CA GLY A 98 -26.68 -9.32 41.67
C GLY A 98 -27.30 -9.32 40.28
N CYS A 99 -26.48 -9.68 39.29
CA CYS A 99 -26.93 -9.72 37.91
C CYS A 99 -27.58 -11.05 37.61
N ARG A 100 -28.54 -11.01 36.70
CA ARG A 100 -29.15 -12.23 36.21
C ARG A 100 -28.17 -12.96 35.30
N THR A 101 -28.01 -14.29 35.48
CA THR A 101 -27.11 -15.09 34.68
C THR A 101 -27.77 -16.37 34.17
N GLU A 102 -27.25 -16.92 33.07
N GLU A 102 -27.23 -16.92 33.08
CA GLU A 102 -27.68 -18.22 32.56
CA GLU A 102 -27.64 -18.22 32.56
C GLU A 102 -26.48 -18.98 32.02
C GLU A 102 -26.42 -18.96 32.07
N ARG A 103 -26.27 -20.19 32.55
CA ARG A 103 -25.08 -21.04 32.22
C ARG A 103 -25.52 -22.25 31.44
N ARG A 104 -24.90 -22.51 30.28
CA ARG A 104 -25.18 -23.72 29.51
C ARG A 104 -23.92 -24.49 29.12
N LYS A 105 -23.86 -25.75 29.56
CA LYS A 105 -22.66 -26.56 29.39
C LYS A 105 -22.40 -26.83 27.90
N ASP A 106 -23.44 -26.81 27.07
CA ASP A 106 -23.30 -27.09 25.64
C ASP A 106 -23.39 -25.85 24.77
N GLY A 107 -23.34 -24.67 25.38
CA GLY A 107 -23.32 -23.43 24.60
C GLY A 107 -24.71 -22.96 24.20
N PHE A 108 -24.80 -21.71 23.78
CA PHE A 108 -26.02 -21.08 23.27
C PHE A 108 -26.09 -21.10 21.77
N VAL A 109 -24.91 -21.04 21.12
CA VAL A 109 -24.81 -21.07 19.68
C VAL A 109 -23.84 -22.18 19.30
N LYS A 110 -23.93 -22.65 18.05
CA LYS A 110 -23.05 -23.71 17.55
C LYS A 110 -21.57 -23.34 17.63
N GLY A 111 -20.71 -24.32 17.92
CA GLY A 111 -19.27 -24.02 17.95
C GLY A 111 -18.74 -23.44 19.25
N ILE A 112 -19.63 -23.18 20.20
CA ILE A 112 -19.21 -22.71 21.53
C ILE A 112 -19.67 -23.75 22.55
N GLY A 113 -18.77 -24.14 23.45
CA GLY A 113 -19.10 -25.09 24.52
C GLY A 113 -19.63 -24.36 25.75
N ASP A 114 -19.21 -24.80 26.93
CA ASP A 114 -19.69 -24.23 28.18
C ASP A 114 -19.61 -22.71 28.19
N ALA A 115 -20.75 -22.04 28.39
CA ALA A 115 -20.87 -20.59 28.27
C ALA A 115 -21.81 -20.00 29.31
N LEU A 116 -21.47 -18.80 29.78
CA LEU A 116 -22.29 -18.06 30.72
C LEU A 116 -22.77 -16.82 30.02
N ARG A 117 -24.08 -16.58 29.99
CA ARG A 117 -24.58 -15.26 29.55
C ARG A 117 -25.11 -14.52 30.74
N VAL A 118 -24.90 -13.19 30.76
CA VAL A 118 -25.36 -12.34 31.87
C VAL A 118 -26.00 -11.07 31.30
N GLU A 119 -26.97 -10.48 32.03
CA GLU A 119 -27.46 -9.10 31.83
C GLU A 119 -26.61 -8.27 32.78
N ASP A 120 -25.67 -7.53 32.25
CA ASP A 120 -24.67 -6.93 33.12
C ASP A 120 -25.19 -5.62 33.73
N PRO A 121 -24.38 -4.97 34.58
CA PRO A 121 -24.98 -3.88 35.34
C PRO A 121 -25.39 -2.69 34.48
N LEU A 122 -24.97 -2.66 33.24
CA LEU A 122 -25.33 -1.59 32.33
C LEU A 122 -26.39 -2.04 31.35
N GLY A 123 -26.93 -3.25 31.55
CA GLY A 123 -27.98 -3.76 30.72
C GLY A 123 -27.55 -4.49 29.45
N PHE A 124 -26.26 -4.81 29.33
CA PHE A 124 -25.78 -5.49 28.10
C PHE A 124 -25.70 -6.99 28.28
N PRO A 125 -26.01 -7.71 27.21
CA PRO A 125 -25.90 -9.15 27.22
C PRO A 125 -24.49 -9.61 26.93
N TYR A 126 -23.72 -9.90 27.96
CA TYR A 126 -22.36 -10.39 27.86
C TYR A 126 -22.36 -11.95 27.91
N GLU A 127 -21.47 -12.55 27.12
CA GLU A 127 -21.18 -13.99 27.18
C GLU A 127 -19.70 -14.19 27.49
N PHE A 128 -19.43 -15.10 28.42
CA PHE A 128 -18.09 -15.59 28.73
C PHE A 128 -17.99 -17.08 28.42
N PHE A 129 -16.93 -17.47 27.72
CA PHE A 129 -16.71 -18.88 27.36
C PHE A 129 -15.23 -19.17 27.19
N PHE A 130 -14.88 -20.45 27.26
CA PHE A 130 -13.57 -20.92 26.90
C PHE A 130 -13.68 -21.86 25.72
N GLU A 131 -14.40 -22.96 25.93
CA GLU A 131 -14.56 -24.03 24.94
C GLU A 131 -15.18 -23.55 23.62
N THR A 132 -14.47 -23.78 22.54
CA THR A 132 -14.97 -23.48 21.22
C THR A 132 -14.43 -24.51 20.18
N THR A 133 -15.20 -24.78 19.14
CA THR A 133 -14.76 -25.66 18.03
C THR A 133 -13.76 -24.97 17.13
N HIS A 134 -12.58 -25.57 16.96
CA HIS A 134 -11.56 -24.98 16.12
C HIS A 134 -11.91 -25.26 14.70
N VAL A 135 -11.62 -24.30 13.85
CA VAL A 135 -11.83 -24.44 12.42
C VAL A 135 -10.51 -24.13 11.68
N GLU A 136 -10.52 -24.28 10.36
CA GLU A 136 -9.34 -24.00 9.54
C GLU A 136 -9.06 -22.53 9.58
N ARG A 137 -7.87 -22.18 10.03
N ARG A 137 -7.88 -22.15 10.07
CA ARG A 137 -7.46 -20.80 10.11
CA ARG A 137 -7.49 -20.74 10.14
C ARG A 137 -7.08 -20.44 8.69
C ARG A 137 -7.05 -20.38 8.74
N LEU A 138 -7.76 -19.45 8.12
CA LEU A 138 -7.58 -19.11 6.70
C LEU A 138 -6.51 -18.07 6.43
N HIS A 139 -5.66 -17.81 7.40
CA HIS A 139 -4.72 -16.69 7.34
C HIS A 139 -3.74 -16.70 6.19
N MET A 140 -3.50 -17.88 5.58
CA MET A 140 -2.61 -17.98 4.42
C MET A 140 -3.34 -18.43 3.13
N ARG A 141 -4.67 -18.42 3.20
CA ARG A 141 -5.49 -18.79 2.04
C ARG A 141 -5.64 -17.61 1.07
N TYR A 142 -4.52 -17.22 0.49
CA TYR A 142 -4.51 -16.03 -0.38
C TYR A 142 -5.27 -16.29 -1.68
N ASP A 143 -5.58 -17.54 -1.96
CA ASP A 143 -6.54 -17.92 -3.00
C ASP A 143 -7.98 -17.44 -2.74
N LEU A 144 -8.30 -17.15 -1.49
CA LEU A 144 -9.62 -16.65 -1.08
C LEU A 144 -9.59 -15.17 -0.74
N TYR A 145 -8.41 -14.57 -0.63
CA TYR A 145 -8.23 -13.24 -0.07
C TYR A 145 -8.87 -12.23 -1.02
N SER A 146 -9.76 -11.42 -0.47
CA SER A 146 -10.46 -10.34 -1.13
C SER A 146 -9.66 -9.05 -1.05
N ALA A 147 -9.83 -8.16 -2.02
CA ALA A 147 -9.20 -6.86 -1.95
C ALA A 147 -9.62 -6.03 -0.74
N GLY A 148 -10.80 -6.35 -0.20
CA GLY A 148 -11.29 -5.74 1.04
C GLY A 148 -11.24 -6.62 2.29
N GLU A 149 -10.33 -7.59 2.33
CA GLU A 149 -10.43 -8.68 3.31
C GLU A 149 -10.45 -8.23 4.78
N LEU A 150 -11.45 -8.71 5.52
CA LEU A 150 -11.53 -8.55 7.00
C LEU A 150 -10.81 -9.68 7.71
N VAL A 151 -9.82 -9.33 8.51
CA VAL A 151 -8.83 -10.29 8.98
C VAL A 151 -9.06 -10.69 10.43
N ARG A 152 -9.57 -9.77 11.27
CA ARG A 152 -9.85 -10.11 12.70
C ARG A 152 -11.11 -9.37 13.16
N LEU A 153 -11.74 -9.87 14.21
CA LEU A 153 -12.68 -9.07 15.00
C LEU A 153 -11.85 -8.21 15.96
N ASP A 154 -12.13 -6.91 16.04
CA ASP A 154 -11.30 -6.07 16.91
C ASP A 154 -11.97 -5.62 18.22
N HIS A 155 -13.19 -5.10 18.14
CA HIS A 155 -13.89 -4.60 19.34
C HIS A 155 -15.36 -4.38 19.15
N PHE A 156 -16.01 -4.09 20.27
CA PHE A 156 -17.39 -3.66 20.35
C PHE A 156 -17.37 -2.22 20.87
N ASN A 157 -18.45 -1.49 20.64
CA ASN A 157 -18.62 -0.16 21.24
C ASN A 157 -20.05 -0.06 21.72
N GLN A 158 -20.19 0.28 22.98
CA GLN A 158 -21.46 0.28 23.70
C GLN A 158 -21.90 1.69 24.00
N VAL A 159 -23.19 1.98 23.83
CA VAL A 159 -23.78 3.27 24.23
C VAL A 159 -24.42 3.14 25.58
N THR A 160 -24.06 4.04 26.50
CA THR A 160 -24.46 3.93 27.89
C THR A 160 -24.53 5.35 28.49
N PRO A 161 -25.53 5.63 29.33
CA PRO A 161 -25.76 7.04 29.69
C PRO A 161 -24.71 7.68 30.62
N ASP A 162 -24.11 6.87 31.48
CA ASP A 162 -23.17 7.34 32.53
C ASP A 162 -21.80 6.63 32.32
N VAL A 163 -20.84 7.33 31.71
CA VAL A 163 -19.60 6.67 31.35
C VAL A 163 -18.74 6.32 32.55
N PRO A 164 -18.54 7.23 33.51
CA PRO A 164 -17.74 6.91 34.68
C PRO A 164 -18.23 5.67 35.42
N ARG A 165 -19.54 5.55 35.56
CA ARG A 165 -20.14 4.41 36.24
C ARG A 165 -19.73 3.09 35.59
N GLY A 166 -19.86 3.08 34.27
CA GLY A 166 -19.43 1.96 33.42
C GLY A 166 -17.97 1.66 33.46
N ARG A 167 -17.17 2.70 33.38
CA ARG A 167 -15.72 2.59 33.39
C ARG A 167 -15.20 1.90 34.66
N LYS A 168 -15.73 2.27 35.81
CA LYS A 168 -15.28 1.69 37.08
C LYS A 168 -15.59 0.18 37.12
N TYR A 169 -16.77 -0.18 36.63
CA TYR A 169 -17.19 -1.56 36.56
C TYR A 169 -16.31 -2.38 35.63
N LEU A 170 -16.02 -1.89 34.44
CA LEU A 170 -15.14 -2.59 33.53
C LEU A 170 -13.69 -2.66 34.01
N GLU A 171 -13.25 -1.65 34.73
CA GLU A 171 -11.90 -1.68 35.26
C GLU A 171 -11.78 -2.76 36.36
N ASP A 172 -12.81 -2.95 37.17
CA ASP A 172 -12.77 -3.99 38.20
C ASP A 172 -12.78 -5.37 37.55
N LEU A 173 -13.39 -5.44 36.39
CA LEU A 173 -13.44 -6.65 35.60
C LEU A 173 -12.10 -6.89 34.84
N GLY A 174 -11.16 -5.93 34.91
CA GLY A 174 -9.79 -6.13 34.44
C GLY A 174 -9.41 -5.36 33.16
N PHE A 175 -10.39 -4.67 32.56
CA PHE A 175 -10.17 -3.80 31.41
C PHE A 175 -9.39 -2.55 31.81
N ARG A 176 -8.48 -2.11 30.96
CA ARG A 176 -7.73 -0.89 31.25
C ARG A 176 -8.07 0.18 30.26
N VAL A 177 -8.31 1.38 30.78
CA VAL A 177 -8.64 2.51 29.93
C VAL A 177 -7.37 2.96 29.22
N THR A 178 -7.48 3.15 27.91
CA THR A 178 -6.36 3.55 27.09
C THR A 178 -6.54 5.00 26.65
N GLU A 179 -7.75 5.37 26.33
CA GLU A 179 -8.05 6.73 25.88
C GLU A 179 -9.45 7.10 26.36
N ASP A 180 -9.69 8.40 26.54
CA ASP A 180 -11.04 8.89 26.80
C ASP A 180 -11.24 10.32 26.26
N ILE A 181 -12.49 10.77 26.32
CA ILE A 181 -12.88 12.12 25.89
C ILE A 181 -13.60 12.76 27.05
N GLN A 182 -13.08 13.90 27.49
CA GLN A 182 -13.65 14.67 28.61
C GLN A 182 -13.75 16.11 28.22
N ASP A 183 -14.36 16.90 29.08
CA ASP A 183 -14.29 18.36 28.95
C ASP A 183 -13.74 18.99 30.20
N ASP A 184 -13.68 20.30 30.21
CA ASP A 184 -13.08 21.00 31.36
C ASP A 184 -14.06 21.21 32.53
N GLU A 185 -15.24 20.58 32.46
CA GLU A 185 -16.33 20.74 33.41
C GLU A 185 -16.68 19.42 34.09
N GLY A 186 -15.84 18.41 33.90
CA GLY A 186 -15.95 17.18 34.68
C GLY A 186 -16.78 16.10 34.03
N THR A 187 -17.18 16.32 32.78
CA THR A 187 -17.98 15.34 32.03
C THR A 187 -17.08 14.42 31.23
N THR A 188 -17.41 13.13 31.22
CA THR A 188 -16.74 12.17 30.39
C THR A 188 -17.77 11.78 29.32
N TYR A 189 -17.36 11.81 28.08
CA TYR A 189 -18.21 11.53 26.90
C TYR A 189 -17.96 10.15 26.30
N ALA A 190 -16.74 9.59 26.50
CA ALA A 190 -16.34 8.29 25.90
C ALA A 190 -15.09 7.77 26.58
N ALA A 191 -14.93 6.44 26.59
CA ALA A 191 -13.74 5.77 27.13
C ALA A 191 -13.54 4.49 26.36
N TRP A 192 -12.28 4.15 26.10
CA TRP A 192 -11.89 2.92 25.43
C TRP A 192 -11.11 2.07 26.38
N MET A 193 -11.27 0.76 26.33
CA MET A 193 -10.61 -0.07 27.31
C MET A 193 -10.34 -1.48 26.81
N HIS A 194 -9.24 -2.06 27.26
CA HIS A 194 -8.76 -3.29 26.61
C HIS A 194 -8.40 -4.37 27.58
N ARG A 195 -8.45 -5.60 27.05
CA ARG A 195 -7.74 -6.78 27.59
C ARG A 195 -6.58 -7.28 26.73
N LYS A 196 -6.74 -7.31 25.41
CA LYS A 196 -5.81 -8.04 24.55
C LYS A 196 -4.56 -7.25 24.11
N GLY A 197 -4.46 -5.99 24.54
CA GLY A 197 -3.24 -5.21 24.20
C GLY A 197 -3.34 -4.35 22.96
N THR A 198 -4.55 -4.11 22.48
CA THR A 198 -4.81 -3.15 21.42
C THR A 198 -5.53 -1.99 22.13
N VAL A 199 -5.98 -0.96 21.41
CA VAL A 199 -6.54 0.19 22.09
C VAL A 199 -7.83 -0.20 22.82
N HIS A 200 -8.58 -1.18 22.28
CA HIS A 200 -9.74 -1.62 22.95
C HIS A 200 -10.29 -2.96 22.52
N ASP A 201 -10.98 -3.58 23.47
CA ASP A 201 -11.90 -4.69 23.21
C ASP A 201 -13.34 -4.27 23.31
N THR A 202 -13.63 -3.33 24.22
CA THR A 202 -14.89 -2.66 24.20
C THR A 202 -14.65 -1.16 24.49
N ALA A 203 -15.70 -0.39 24.30
CA ALA A 203 -15.64 1.07 24.50
C ALA A 203 -17.00 1.50 24.94
N LEU A 204 -17.02 2.59 25.70
CA LEU A 204 -18.27 3.20 26.14
C LEU A 204 -18.44 4.56 25.50
N THR A 205 -19.57 4.77 24.84
CA THR A 205 -19.92 6.05 24.22
C THR A 205 -21.12 6.55 25.02
N GLY A 206 -21.01 7.77 25.55
CA GLY A 206 -22.07 8.37 26.34
C GLY A 206 -23.29 8.64 25.49
N GLY A 207 -24.44 8.09 25.88
CA GLY A 207 -25.66 8.37 25.20
C GLY A 207 -26.75 7.52 25.77
N ASN A 208 -27.92 7.63 25.16
CA ASN A 208 -29.00 6.85 25.71
C ASN A 208 -28.74 5.35 25.50
N GLY A 209 -29.02 4.53 26.50
CA GLY A 209 -28.71 3.09 26.39
C GLY A 209 -29.37 2.26 27.45
N PRO A 210 -29.08 0.94 27.46
CA PRO A 210 -28.10 0.27 26.60
C PRO A 210 -28.42 0.13 25.13
N ARG A 211 -27.46 0.45 24.26
CA ARG A 211 -27.54 0.19 22.83
C ARG A 211 -26.16 -0.17 22.36
N LEU A 212 -26.08 -0.98 21.31
CA LEU A 212 -24.81 -1.27 20.65
C LEU A 212 -24.51 -0.23 19.55
N HIS A 213 -23.40 0.45 19.71
CA HIS A 213 -22.99 1.38 18.70
C HIS A 213 -22.51 0.69 17.44
N HIS A 214 -21.51 -0.20 17.60
CA HIS A 214 -20.96 -0.91 16.46
C HIS A 214 -20.17 -2.10 16.89
N VAL A 215 -19.87 -2.97 15.91
CA VAL A 215 -18.90 -4.04 16.02
C VAL A 215 -17.81 -3.71 15.00
N ALA A 216 -16.54 -3.92 15.35
CA ALA A 216 -15.43 -3.49 14.50
C ALA A 216 -14.60 -4.68 14.03
N PHE A 217 -14.31 -4.74 12.73
CA PHE A 217 -13.38 -5.70 12.17
C PHE A 217 -12.17 -4.98 11.63
N SER A 218 -11.05 -5.68 11.63
N SER A 218 -11.02 -5.65 11.65
CA SER A 218 -9.80 -5.14 11.10
CA SER A 218 -9.81 -5.04 11.11
C SER A 218 -9.51 -5.60 9.69
C SER A 218 -9.37 -5.65 9.79
N THR A 219 -8.65 -4.83 9.03
CA THR A 219 -7.98 -5.22 7.80
C THR A 219 -6.49 -5.12 8.03
N HIS A 220 -5.73 -5.65 7.08
CA HIS A 220 -4.28 -5.56 7.12
C HIS A 220 -3.82 -4.17 6.84
N GLU A 221 -4.40 -3.57 5.81
CA GLU A 221 -3.86 -2.29 5.32
C GLU A 221 -4.93 -1.27 5.00
N LYS A 222 -4.53 -0.02 4.88
CA LYS A 222 -5.49 1.01 4.63
C LYS A 222 -6.17 0.88 3.24
N HIS A 223 -5.45 0.40 2.26
CA HIS A 223 -6.05 0.22 0.95
C HIS A 223 -7.21 -0.78 0.98
N ASN A 224 -7.22 -1.72 1.92
CA ASN A 224 -8.30 -2.68 2.00
C ASN A 224 -9.62 -1.95 2.36
N ILE A 225 -9.51 -0.92 3.23
CA ILE A 225 -10.69 -0.16 3.64
C ILE A 225 -11.16 0.70 2.47
N ILE A 226 -10.23 1.26 1.71
N ILE A 226 -10.23 1.26 1.71
CA ILE A 226 -10.54 2.04 0.51
CA ILE A 226 -10.55 2.06 0.51
C ILE A 226 -11.31 1.20 -0.50
C ILE A 226 -11.30 1.21 -0.51
N GLN A 227 -10.89 -0.05 -0.66
CA GLN A 227 -11.58 -0.96 -1.53
C GLN A 227 -13.02 -1.24 -1.13
N ILE A 228 -13.30 -1.36 0.16
CA ILE A 228 -14.70 -1.58 0.60
C ILE A 228 -15.59 -0.42 0.12
N CYS A 229 -15.12 0.82 0.28
CA CYS A 229 -15.78 2.01 -0.25
C CYS A 229 -15.95 1.96 -1.75
N ASP A 230 -14.88 1.67 -2.47
CA ASP A 230 -14.93 1.57 -3.93
C ASP A 230 -15.97 0.53 -4.40
N LYS A 231 -15.96 -0.62 -3.77
CA LYS A 231 -16.90 -1.69 -4.09
C LYS A 231 -18.35 -1.26 -3.82
N MET A 232 -18.55 -0.57 -2.72
CA MET A 232 -19.89 -0.06 -2.37
C MET A 232 -20.37 0.95 -3.39
N GLY A 233 -19.48 1.79 -3.92
CA GLY A 233 -19.85 2.65 -5.05
C GLY A 233 -20.23 1.86 -6.29
N ALA A 234 -19.46 0.81 -6.62
CA ALA A 234 -19.73 0.04 -7.81
C ALA A 234 -21.06 -0.67 -7.71
N LEU A 235 -21.38 -1.11 -6.51
CA LEU A 235 -22.69 -1.79 -6.26
C LEU A 235 -23.82 -0.78 -6.07
N ARG A 236 -23.52 0.52 -6.11
CA ARG A 236 -24.49 1.60 -6.00
C ARG A 236 -25.19 1.51 -4.67
N ILE A 237 -24.39 1.26 -3.62
CA ILE A 237 -24.86 1.26 -2.24
C ILE A 237 -24.03 2.17 -1.36
N SER A 238 -23.46 3.20 -1.96
CA SER A 238 -22.72 4.22 -1.23
C SER A 238 -23.53 4.93 -0.19
N ASP A 239 -24.85 4.86 -0.28
CA ASP A 239 -25.69 5.41 0.78
C ASP A 239 -25.60 4.61 2.10
N ARG A 240 -24.98 3.43 2.09
CA ARG A 240 -24.77 2.65 3.30
C ARG A 240 -23.42 2.90 3.95
N ILE A 241 -22.60 3.80 3.36
CA ILE A 241 -21.40 4.35 3.98
C ILE A 241 -21.85 5.50 4.87
N GLU A 242 -21.68 5.38 6.18
CA GLU A 242 -22.16 6.41 7.08
C GLU A 242 -21.12 7.49 7.33
N ARG A 243 -19.89 7.07 7.53
CA ARG A 243 -18.86 7.99 7.98
C ARG A 243 -17.51 7.42 7.60
N GLY A 244 -16.63 8.29 7.11
CA GLY A 244 -15.29 7.85 6.76
C GLY A 244 -15.18 7.69 5.25
N PRO A 245 -14.09 7.09 4.77
CA PRO A 245 -12.99 6.64 5.58
C PRO A 245 -12.21 7.81 6.16
N GLY A 246 -11.48 7.50 7.20
CA GLY A 246 -10.73 8.51 7.95
C GLY A 246 -9.61 7.95 8.77
N ARG A 247 -8.87 8.87 9.39
CA ARG A 247 -7.96 8.55 10.45
C ARG A 247 -8.63 8.99 11.76
N HIS A 248 -8.67 8.11 12.77
CA HIS A 248 -9.20 8.49 14.09
C HIS A 248 -8.12 9.27 14.84
N GLY A 249 -8.52 10.23 15.67
CA GLY A 249 -7.64 10.82 16.68
C GLY A 249 -7.44 9.79 17.77
N VAL A 250 -8.48 9.56 18.56
CA VAL A 250 -8.47 8.49 19.51
C VAL A 250 -8.21 7.16 18.79
N SER A 251 -7.25 6.39 19.28
CA SER A 251 -6.82 5.09 18.70
C SER A 251 -5.79 5.17 17.58
N ASN A 252 -5.75 6.30 16.85
CA ASN A 252 -4.86 6.46 15.71
C ASN A 252 -5.16 5.49 14.58
N ALA A 253 -6.31 4.83 14.58
CA ALA A 253 -6.58 3.81 13.56
C ALA A 253 -7.19 4.45 12.29
N PHE A 254 -7.02 3.80 11.16
CA PHE A 254 -7.70 4.18 9.91
C PHE A 254 -9.04 3.43 9.96
N TYR A 255 -10.12 4.09 9.57
CA TYR A 255 -11.47 3.59 9.85
C TYR A 255 -12.49 3.88 8.74
N LEU A 256 -13.60 3.14 8.84
CA LEU A 256 -14.75 3.29 7.99
C LEU A 256 -15.97 2.81 8.78
N PHE A 257 -17.07 3.55 8.72
CA PHE A 257 -18.40 3.09 9.28
C PHE A 257 -19.42 2.89 8.17
N ILE A 258 -19.99 1.66 8.14
CA ILE A 258 -20.98 1.28 7.18
C ILE A 258 -22.18 0.68 7.94
N LEU A 259 -23.33 0.66 7.26
CA LEU A 259 -24.56 0.20 7.86
C LEU A 259 -25.09 -1.06 7.20
N ASP A 260 -25.36 -2.10 7.97
CA ASP A 260 -25.96 -3.34 7.42
C ASP A 260 -27.46 -3.19 7.09
N PRO A 261 -28.08 -4.20 6.50
CA PRO A 261 -29.46 -4.06 6.12
C PRO A 261 -30.45 -3.75 7.23
N ASP A 262 -30.17 -4.10 8.50
CA ASP A 262 -31.00 -3.71 9.63
C ASP A 262 -30.49 -2.46 10.37
N ASN A 263 -29.52 -1.79 9.75
N ASN A 263 -29.53 -1.76 9.75
CA ASN A 263 -28.86 -0.58 10.29
CA ASN A 263 -28.85 -0.60 10.31
C ASN A 263 -27.85 -0.85 11.40
C ASN A 263 -28.02 -0.90 11.57
N HIS A 264 -27.51 -2.12 11.66
CA HIS A 264 -26.41 -2.45 12.56
C HIS A 264 -25.15 -1.82 11.99
N ARG A 265 -24.45 -1.06 12.79
CA ARG A 265 -23.25 -0.38 12.31
C ARG A 265 -22.04 -1.22 12.46
N ILE A 266 -21.27 -1.32 11.38
CA ILE A 266 -20.03 -2.06 11.35
C ILE A 266 -18.90 -1.09 11.09
N GLU A 267 -17.87 -1.17 11.92
CA GLU A 267 -16.64 -0.44 11.65
C GLU A 267 -15.59 -1.35 11.05
N ILE A 268 -14.84 -0.83 10.05
CA ILE A 268 -13.65 -1.48 9.52
C ILE A 268 -12.50 -0.59 10.01
N TYR A 269 -11.47 -1.21 10.54
CA TYR A 269 -10.47 -0.56 11.41
C TYR A 269 -9.09 -1.12 11.11
N THR A 270 -8.04 -0.33 11.16
CA THR A 270 -6.71 -0.90 11.00
C THR A 270 -5.65 0.02 11.63
N GLN A 271 -4.63 -0.60 12.20
CA GLN A 271 -3.39 0.03 12.62
C GLN A 271 -3.46 0.99 13.81
N ASP A 272 -4.12 0.53 14.85
CA ASP A 272 -3.88 1.10 16.19
C ASP A 272 -2.57 0.58 16.80
N TYR A 273 -2.32 0.87 18.09
CA TYR A 273 -1.01 0.66 18.70
C TYR A 273 -1.10 -0.30 19.90
N TYR A 274 0.05 -0.67 20.46
CA TYR A 274 0.20 -1.66 21.49
C TYR A 274 -0.06 -1.01 22.82
N THR A 275 -0.95 -1.62 23.61
CA THR A 275 -1.32 -1.06 24.93
C THR A 275 -1.09 -2.03 26.09
N GLY A 276 -0.41 -3.14 25.86
CA GLY A 276 -0.39 -4.22 26.85
C GLY A 276 0.48 -3.96 28.09
N ASP A 277 1.29 -2.91 28.08
CA ASP A 277 2.07 -2.62 29.32
C ASP A 277 1.10 -2.04 30.34
N PRO A 278 1.25 -2.39 31.60
CA PRO A 278 0.27 -2.00 32.62
C PRO A 278 0.22 -0.51 32.93
N ASP A 279 1.32 0.22 32.66
CA ASP A 279 1.38 1.65 32.85
C ASP A 279 1.30 2.36 31.49
N ASN A 280 0.75 1.67 30.50
CA ASN A 280 0.46 2.30 29.21
C ASN A 280 -0.11 3.70 29.43
N PRO A 281 0.50 4.73 28.84
CA PRO A 281 0.02 6.09 29.18
C PRO A 281 -1.40 6.33 28.65
N THR A 282 -2.33 6.87 29.45
CA THR A 282 -3.71 7.08 29.04
C THR A 282 -3.68 8.42 28.31
N ILE A 283 -4.44 8.53 27.24
CA ILE A 283 -4.60 9.79 26.48
C ILE A 283 -6.06 10.33 26.70
N THR A 284 -6.19 11.59 27.12
CA THR A 284 -7.50 12.21 27.29
C THR A 284 -7.61 13.35 26.30
N TRP A 285 -8.62 13.30 25.45
CA TRP A 285 -8.93 14.36 24.52
C TRP A 285 -9.98 15.25 25.09
N ASN A 286 -9.90 16.52 24.71
CA ASN A 286 -11.01 17.42 24.97
C ASN A 286 -12.13 17.22 23.95
N VAL A 287 -13.38 17.24 24.39
CA VAL A 287 -14.53 17.00 23.52
C VAL A 287 -14.66 18.05 22.39
N HIS A 288 -14.10 19.23 22.59
CA HIS A 288 -14.16 20.28 21.57
C HIS A 288 -13.03 20.24 20.59
N ASP A 289 -12.11 19.29 20.74
CA ASP A 289 -10.97 19.16 19.82
C ASP A 289 -11.48 18.49 18.53
N ASN A 290 -11.55 19.25 17.44
CA ASN A 290 -12.07 18.74 16.17
C ASN A 290 -11.21 17.68 15.46
N GLN A 291 -10.04 17.36 16.00
CA GLN A 291 -9.23 16.23 15.52
C GLN A 291 -9.35 14.97 16.37
N ARG A 292 -10.25 14.95 17.37
CA ARG A 292 -10.28 13.84 18.33
C ARG A 292 -10.93 12.61 17.73
N ARG A 293 -11.90 12.79 16.87
CA ARG A 293 -12.61 11.64 16.33
C ARG A 293 -12.16 11.42 14.90
N ASP A 294 -12.21 12.43 14.05
CA ASP A 294 -11.55 12.37 12.76
C ASP A 294 -10.32 13.28 12.83
N TRP A 295 -9.15 12.70 12.80
CA TRP A 295 -7.85 13.43 12.88
C TRP A 295 -7.72 14.53 11.82
N TRP A 296 -8.35 14.31 10.67
CA TRP A 296 -8.28 15.26 9.56
C TRP A 296 -9.31 16.34 9.66
N GLY A 297 -10.10 16.34 10.74
CA GLY A 297 -11.07 17.39 10.96
C GLY A 297 -12.37 17.24 10.20
N ASN A 298 -12.59 16.07 9.59
CA ASN A 298 -13.83 15.87 8.89
C ASN A 298 -14.97 15.77 9.91
N PRO A 299 -16.11 16.36 9.57
CA PRO A 299 -17.27 16.45 10.49
C PRO A 299 -17.90 15.09 10.76
N VAL A 300 -18.37 14.91 12.01
CA VAL A 300 -19.04 13.68 12.41
C VAL A 300 -20.54 13.87 12.16
N VAL A 301 -21.12 13.05 11.28
CA VAL A 301 -22.52 13.21 10.90
C VAL A 301 -23.38 12.94 12.15
N PRO A 302 -24.44 13.72 12.37
CA PRO A 302 -25.28 13.52 13.57
C PRO A 302 -25.79 12.10 13.77
N SER A 303 -26.13 11.38 12.70
CA SER A 303 -26.56 9.95 12.85
C SER A 303 -25.58 9.09 13.60
N TRP A 304 -24.29 9.38 13.48
CA TRP A 304 -23.29 8.62 14.19
C TRP A 304 -23.47 8.76 15.70
N TYR A 305 -23.92 9.94 16.14
CA TYR A 305 -24.17 10.11 17.55
C TYR A 305 -25.55 9.62 17.97
N THR A 306 -26.55 9.70 17.12
CA THR A 306 -27.93 9.45 17.58
C THR A 306 -28.41 8.00 17.42
N GLU A 307 -27.86 7.31 16.42
CA GLU A 307 -28.36 5.98 16.03
C GLU A 307 -27.48 4.89 16.54
N ALA A 308 -28.11 3.84 17.02
CA ALA A 308 -27.41 2.68 17.56
C ALA A 308 -28.40 1.52 17.64
N SER A 309 -27.89 0.30 17.77
CA SER A 309 -28.74 -0.90 17.81
C SER A 309 -29.38 -1.22 19.14
N LYS A 310 -30.62 -1.71 19.12
CA LYS A 310 -31.23 -2.21 20.34
C LYS A 310 -30.41 -3.38 20.87
N VAL A 311 -30.50 -3.67 22.18
CA VAL A 311 -29.92 -4.87 22.78
C VAL A 311 -30.98 -5.68 23.50
N LEU A 312 -30.78 -6.99 23.56
CA LEU A 312 -31.74 -7.89 24.18
C LEU A 312 -31.30 -8.32 25.54
N ASP A 313 -32.28 -8.62 26.41
CA ASP A 313 -32.02 -9.32 27.69
C ASP A 313 -31.95 -10.86 27.48
N LEU A 314 -31.75 -11.66 28.53
CA LEU A 314 -31.58 -13.09 28.39
C LEU A 314 -32.82 -13.81 27.87
N ASP A 315 -33.98 -13.17 27.97
CA ASP A 315 -35.23 -13.75 27.46
C ASP A 315 -35.50 -13.35 26.01
N GLY A 316 -34.66 -12.48 25.48
CA GLY A 316 -34.80 -12.12 24.06
C GLY A 316 -35.66 -10.90 23.83
N ASN A 317 -35.94 -10.16 24.90
CA ASN A 317 -36.70 -8.93 24.82
C ASN A 317 -35.82 -7.70 24.80
N VAL A 318 -36.24 -6.69 24.06
CA VAL A 318 -35.51 -5.45 23.97
C VAL A 318 -35.34 -4.80 25.34
N GLN A 319 -34.12 -4.38 25.66
CA GLN A 319 -33.86 -3.64 26.88
C GLN A 319 -34.39 -2.20 26.77
N GLU A 320 -35.07 -1.74 27.81
CA GLU A 320 -35.54 -0.37 27.88
C GLU A 320 -34.36 0.62 27.88
N ILE A 321 -34.52 1.72 27.16
CA ILE A 321 -33.45 2.73 27.02
C ILE A 321 -33.56 3.80 28.11
N ILE A 322 -32.45 4.03 28.80
CA ILE A 322 -32.35 5.01 29.87
C ILE A 322 -31.73 6.26 29.25
N GLU A 323 -32.31 7.43 29.52
CA GLU A 323 -31.79 8.67 28.94
C GLU A 323 -30.49 9.18 29.66
N ARG A 324 -29.57 9.67 28.85
CA ARG A 324 -28.39 10.34 29.37
C ARG A 324 -28.81 11.72 29.80
N THR A 325 -28.36 12.10 30.99
CA THR A 325 -28.57 13.44 31.48
C THR A 325 -27.30 14.29 31.52
N ASP A 326 -26.13 13.66 31.48
CA ASP A 326 -24.87 14.39 31.25
C ASP A 326 -24.89 15.06 29.87
N ASP A 327 -24.04 16.05 29.64
CA ASP A 327 -24.03 16.77 28.35
C ASP A 327 -23.80 15.82 27.14
N SER A 328 -24.34 16.20 26.00
CA SER A 328 -24.32 15.41 24.79
C SER A 328 -23.16 15.84 23.93
N GLU A 329 -22.33 14.88 23.51
CA GLU A 329 -21.23 15.19 22.61
C GLU A 329 -21.72 15.89 21.32
N LEU A 330 -22.78 15.40 20.74
CA LEU A 330 -23.38 16.09 19.58
C LEU A 330 -23.67 17.54 19.86
N GLU A 331 -24.45 17.79 20.91
CA GLU A 331 -24.86 19.15 21.19
C GLU A 331 -23.71 20.09 21.46
N VAL A 332 -22.73 19.62 22.22
CA VAL A 332 -21.65 20.52 22.64
C VAL A 332 -20.64 20.77 21.52
N THR A 333 -20.62 19.93 20.47
CA THR A 333 -19.67 20.11 19.37
C THR A 333 -20.30 20.61 18.04
N ILE A 334 -21.45 20.08 17.67
CA ILE A 334 -22.06 20.44 16.37
C ILE A 334 -23.50 20.89 16.44
N GLY A 335 -24.09 20.94 17.64
CA GLY A 335 -25.42 21.47 17.79
C GLY A 335 -25.46 22.98 17.63
N ALA A 336 -26.62 23.58 17.88
CA ALA A 336 -26.81 25.00 17.68
C ALA A 336 -25.91 25.86 18.54
N ASP A 337 -25.59 25.40 19.75
CA ASP A 337 -24.70 26.11 20.69
C ASP A 337 -23.36 25.33 20.84
N GLY A 338 -23.03 24.56 19.82
CA GLY A 338 -21.81 23.77 19.79
C GLY A 338 -20.57 24.56 19.48
N PHE A 339 -19.45 23.95 19.78
CA PHE A 339 -18.17 24.55 19.47
C PHE A 339 -17.13 23.47 19.25
N SER A 340 -16.24 23.72 18.29
CA SER A 340 -15.00 22.94 18.18
C SER A 340 -13.85 23.78 17.65
N PHE A 341 -12.64 23.33 17.94
CA PHE A 341 -11.43 24.04 17.56
C PHE A 341 -10.50 23.10 16.80
N THR A 342 -9.65 23.68 15.97
CA THR A 342 -8.57 22.96 15.30
C THR A 342 -7.30 23.07 16.19
N ARG A 343 -6.95 24.30 16.53
CA ARG A 343 -5.87 24.63 17.46
C ARG A 343 -6.43 25.24 18.77
N ALA A 344 -6.04 24.65 19.90
CA ALA A 344 -6.51 25.14 21.17
C ALA A 344 -6.20 26.63 21.30
N GLY A 345 -7.22 27.45 21.56
CA GLY A 345 -6.97 28.89 21.81
C GLY A 345 -6.98 29.75 20.56
N ASP A 346 -7.14 29.14 19.38
CA ASP A 346 -7.13 29.89 18.13
C ASP A 346 -8.51 29.95 17.58
N GLU A 347 -8.98 31.18 17.34
CA GLU A 347 -10.27 31.40 16.70
C GLU A 347 -10.27 30.93 15.27
N ASP A 348 -9.15 31.08 14.58
N ASP A 348 -9.14 31.08 14.57
CA ASP A 348 -9.04 30.63 13.22
CA ASP A 348 -9.01 30.59 13.22
C ASP A 348 -9.09 29.09 13.22
C ASP A 348 -9.12 29.06 13.26
N GLY A 349 -9.93 28.50 12.39
CA GLY A 349 -10.10 27.06 12.38
C GLY A 349 -11.09 26.54 13.42
N SER A 350 -11.82 27.43 14.07
CA SER A 350 -12.84 27.01 15.03
C SER A 350 -14.21 27.13 14.40
N TYR A 351 -15.15 26.41 14.99
CA TYR A 351 -16.50 26.23 14.45
C TYR A 351 -17.50 26.56 15.54
N HIS A 352 -18.43 27.45 15.26
CA HIS A 352 -19.43 27.85 16.23
C HIS A 352 -20.78 27.44 15.74
N GLY A 353 -21.43 26.53 16.44
CA GLY A 353 -22.79 26.22 16.16
C GLY A 353 -22.96 25.50 14.84
N GLN A 354 -21.93 24.77 14.44
CA GLN A 354 -22.00 24.00 13.19
C GLN A 354 -20.80 23.12 13.10
N ALA A 355 -20.92 22.14 12.21
CA ALA A 355 -19.89 21.15 11.99
C ALA A 355 -18.77 21.75 11.09
N SER A 356 -17.61 21.10 11.08
CA SER A 356 -16.45 21.57 10.32
C SER A 356 -16.70 21.43 8.81
N LYS A 357 -15.84 22.05 7.99
CA LYS A 357 -15.80 21.79 6.55
C LYS A 357 -17.15 22.12 5.87
N GLY A 358 -17.72 23.29 6.21
CA GLY A 358 -18.73 23.97 5.40
C GLY A 358 -20.17 23.63 5.69
N GLU B 4 15.47 -31.68 30.36
CA GLU B 4 16.89 -31.53 30.84
C GLU B 4 17.11 -30.24 31.66
N ILE B 5 16.57 -29.09 31.26
CA ILE B 5 16.60 -27.91 32.16
C ILE B 5 15.40 -28.02 33.09
N PRO B 6 15.65 -28.18 34.38
CA PRO B 6 14.55 -28.51 35.27
C PRO B 6 13.61 -27.33 35.49
N LYS B 7 12.35 -27.66 35.72
CA LYS B 7 11.36 -26.65 36.06
C LYS B 7 11.56 -26.22 37.52
N PRO B 8 11.90 -24.95 37.78
CA PRO B 8 12.06 -24.51 39.15
C PRO B 8 10.76 -24.60 39.96
N VAL B 9 10.88 -24.70 41.29
CA VAL B 9 9.71 -24.57 42.15
C VAL B 9 9.28 -23.11 42.27
N ALA B 10 10.25 -22.18 42.26
CA ALA B 10 9.95 -20.75 42.33
C ALA B 10 9.14 -20.35 41.09
N PRO B 11 8.15 -19.47 41.27
CA PRO B 11 7.27 -19.05 40.17
C PRO B 11 8.01 -18.22 39.12
N ALA B 12 7.70 -18.42 37.83
CA ALA B 12 8.30 -17.62 36.76
C ALA B 12 7.86 -16.19 36.86
N PRO B 13 8.74 -15.23 36.55
CA PRO B 13 8.29 -13.86 36.44
C PRO B 13 7.26 -13.72 35.32
N ASP B 14 6.36 -12.74 35.43
CA ASP B 14 5.33 -12.54 34.42
C ASP B 14 5.93 -11.59 33.40
N ILE B 15 6.36 -12.13 32.27
CA ILE B 15 7.02 -11.32 31.23
C ILE B 15 5.98 -10.72 30.28
N LEU B 16 6.04 -9.42 30.06
CA LEU B 16 5.14 -8.73 29.10
C LEU B 16 5.53 -8.92 27.65
N ARG B 17 6.81 -8.66 27.31
CA ARG B 17 7.23 -8.53 25.92
C ARG B 17 8.72 -8.31 25.86
N CYS B 18 9.31 -8.58 24.70
CA CYS B 18 10.63 -8.06 24.40
C CYS B 18 10.53 -6.51 24.43
N ALA B 19 11.57 -5.86 24.95
CA ALA B 19 11.55 -4.42 25.19
C ALA B 19 12.72 -3.67 24.55
N TYR B 20 13.94 -4.16 24.73
CA TYR B 20 15.07 -3.56 24.06
C TYR B 20 16.20 -4.52 23.95
N ALA B 21 17.13 -4.18 23.06
CA ALA B 21 18.42 -4.90 22.98
C ALA B 21 19.54 -3.88 23.18
N GLU B 22 20.58 -4.26 23.92
CA GLU B 22 21.81 -3.48 23.97
C GLU B 22 22.83 -4.21 23.06
N LEU B 23 23.25 -3.55 21.99
CA LEU B 23 24.28 -4.08 21.10
C LEU B 23 25.57 -3.32 21.28
N VAL B 24 26.67 -4.05 21.38
CA VAL B 24 27.99 -3.41 21.37
C VAL B 24 28.40 -3.20 19.91
N VAL B 25 28.85 -2.00 19.60
CA VAL B 25 29.25 -1.60 18.27
C VAL B 25 30.66 -1.03 18.30
N THR B 26 31.41 -1.17 17.21
CA THR B 26 32.83 -0.76 17.19
C THR B 26 33.03 0.72 16.82
N ASP B 27 32.16 1.26 15.99
CA ASP B 27 32.24 2.68 15.57
C ASP B 27 30.87 3.31 15.77
N LEU B 28 30.74 4.11 16.80
CA LEU B 28 29.47 4.65 17.19
C LEU B 28 28.87 5.53 16.10
N ALA B 29 29.68 6.38 15.48
CA ALA B 29 29.21 7.28 14.38
C ALA B 29 28.69 6.50 13.17
N LYS B 30 29.41 5.46 12.75
CA LYS B 30 28.94 4.64 11.66
C LYS B 30 27.59 3.95 11.99
N SER B 31 27.47 3.43 13.20
CA SER B 31 26.23 2.76 13.59
C SER B 31 25.11 3.77 13.70
N ARG B 32 25.40 4.99 14.16
CA ARG B 32 24.38 5.99 14.28
C ARG B 32 23.86 6.32 12.87
N ASN B 33 24.76 6.36 11.90
CA ASN B 33 24.34 6.70 10.53
C ASN B 33 23.37 5.59 10.03
N PHE B 34 23.65 4.35 10.36
CA PHE B 34 22.79 3.26 9.90
C PHE B 34 21.42 3.32 10.61
N TYR B 35 21.41 3.34 11.93
CA TYR B 35 20.14 3.26 12.67
C TYR B 35 19.31 4.54 12.67
N VAL B 36 19.94 5.71 12.58
CA VAL B 36 19.21 6.98 12.60
C VAL B 36 19.03 7.48 11.15
N ASP B 37 20.13 7.60 10.40
CA ASP B 37 20.04 8.26 9.07
C ASP B 37 19.44 7.32 8.04
N VAL B 38 19.79 6.04 8.07
CA VAL B 38 19.18 5.09 7.14
C VAL B 38 17.81 4.62 7.60
N LEU B 39 17.75 4.03 8.80
CA LEU B 39 16.52 3.41 9.31
C LEU B 39 15.54 4.35 10.00
N GLY B 40 15.96 5.53 10.42
CA GLY B 40 14.97 6.47 10.95
C GLY B 40 14.54 6.29 12.39
N LEU B 41 15.27 5.49 13.19
CA LEU B 41 14.92 5.37 14.62
C LEU B 41 15.17 6.73 15.30
N HIS B 42 14.44 6.93 16.38
CA HIS B 42 14.36 8.23 17.10
C HIS B 42 15.28 8.22 18.29
N VAL B 43 16.12 9.24 18.38
CA VAL B 43 17.11 9.33 19.44
C VAL B 43 16.47 9.77 20.73
N SER B 44 16.55 8.93 21.78
CA SER B 44 16.14 9.31 23.14
C SER B 44 17.23 10.00 23.97
N TYR B 45 18.48 9.62 23.71
CA TYR B 45 19.64 10.18 24.37
C TYR B 45 20.86 9.69 23.66
N GLU B 46 21.87 10.51 23.63
CA GLU B 46 23.15 10.04 23.10
C GLU B 46 24.29 10.79 23.72
N ASP B 47 25.43 10.12 23.74
CA ASP B 47 26.67 10.75 24.08
C ASP B 47 27.76 10.10 23.26
N GLU B 48 29.01 10.32 23.68
N GLU B 48 29.01 10.29 23.64
CA GLU B 48 30.21 9.78 23.03
CA GLU B 48 30.11 9.79 22.87
C GLU B 48 30.28 8.26 23.05
C GLU B 48 30.39 8.28 23.12
N ASN B 49 29.66 7.66 24.05
CA ASN B 49 29.76 6.21 24.28
C ASN B 49 28.55 5.38 23.90
N GLN B 50 27.37 6.02 23.85
CA GLN B 50 26.09 5.29 23.68
C GLN B 50 25.09 6.09 22.92
N ILE B 51 24.23 5.41 22.18
CA ILE B 51 23.05 6.00 21.55
C ILE B 51 21.84 5.16 21.96
N TYR B 52 20.83 5.84 22.45
CA TYR B 52 19.57 5.27 22.86
C TYR B 52 18.49 5.60 21.84
N LEU B 53 17.91 4.57 21.21
CA LEU B 53 16.97 4.74 20.12
C LEU B 53 15.64 4.09 20.45
N ARG B 54 14.56 4.67 19.92
CA ARG B 54 13.24 4.08 20.03
C ARG B 54 12.48 4.14 18.72
N SER B 55 11.51 3.25 18.61
CA SER B 55 10.60 3.18 17.47
C SER B 55 9.44 4.22 17.60
N PHE B 56 8.72 4.40 16.51
CA PHE B 56 7.73 5.46 16.40
C PHE B 56 6.61 5.38 17.46
N GLU B 57 6.19 4.17 17.84
CA GLU B 57 5.06 4.04 18.76
C GLU B 57 5.47 3.74 20.21
N GLU B 58 6.74 3.79 20.54
CA GLU B 58 7.23 3.32 21.83
C GLU B 58 7.09 4.50 22.87
N PHE B 59 6.74 4.18 24.10
CA PHE B 59 6.67 5.17 25.17
C PHE B 59 7.72 4.89 26.26
N ILE B 60 8.28 3.67 26.32
CA ILE B 60 9.42 3.46 27.23
C ILE B 60 10.63 4.17 26.65
N HIS B 61 11.69 4.26 27.43
CA HIS B 61 12.81 5.14 27.06
C HIS B 61 13.48 4.77 25.74
N HIS B 62 13.61 3.47 25.46
CA HIS B 62 14.27 3.01 24.28
C HIS B 62 13.93 1.56 23.92
N ASN B 63 14.15 1.22 22.65
CA ASN B 63 14.12 -0.16 22.14
C ASN B 63 15.49 -0.69 21.74
N LEU B 64 16.49 0.19 21.69
CA LEU B 64 17.79 -0.21 21.22
C LEU B 64 18.82 0.70 21.85
N VAL B 65 19.83 0.11 22.50
CA VAL B 65 20.98 0.84 22.99
C VAL B 65 22.24 0.39 22.23
N LEU B 66 22.95 1.32 21.65
CA LEU B 66 24.16 1.08 20.90
C LEU B 66 25.28 1.54 21.82
N THR B 67 26.14 0.60 22.20
CA THR B 67 27.19 0.87 23.16
C THR B 67 28.54 0.65 22.50
N LYS B 68 29.37 1.69 22.50
CA LYS B 68 30.70 1.53 21.93
C LYS B 68 31.52 0.53 22.73
N GLY B 69 32.17 -0.41 22.05
CA GLY B 69 33.08 -1.34 22.72
C GLY B 69 34.07 -1.95 21.74
N PRO B 70 34.98 -2.76 22.27
CA PRO B 70 36.04 -3.30 21.41
C PRO B 70 35.60 -4.45 20.46
N VAL B 71 34.56 -5.18 20.84
CA VAL B 71 34.16 -6.42 20.15
C VAL B 71 32.64 -6.35 19.96
N ALA B 72 32.18 -6.24 18.71
CA ALA B 72 30.74 -6.18 18.45
C ALA B 72 30.05 -7.48 18.87
N ALA B 73 28.95 -7.31 19.58
CA ALA B 73 28.29 -8.41 20.29
C ALA B 73 26.93 -7.95 20.81
N LEU B 74 26.04 -8.89 21.10
CA LEU B 74 24.89 -8.61 21.96
C LEU B 74 25.30 -8.55 23.45
N LYS B 75 25.02 -7.43 24.11
CA LYS B 75 25.30 -7.31 25.53
C LYS B 75 24.11 -7.72 26.41
N ALA B 76 22.90 -7.46 25.93
CA ALA B 76 21.67 -7.83 26.65
C ALA B 76 20.45 -7.82 25.76
N MET B 77 19.61 -8.87 25.85
N MET B 77 19.60 -8.83 25.97
CA MET B 77 18.27 -8.78 25.31
CA MET B 77 18.28 -8.96 25.35
C MET B 77 17.37 -8.62 26.52
C MET B 77 17.25 -8.72 26.46
N ALA B 78 16.54 -7.59 26.47
CA ALA B 78 15.75 -7.19 27.63
C ALA B 78 14.27 -7.39 27.41
N PHE B 79 13.65 -7.96 28.43
CA PHE B 79 12.22 -8.18 28.54
C PHE B 79 11.65 -7.37 29.68
N ARG B 80 10.55 -6.66 29.42
CA ARG B 80 9.83 -5.94 30.43
C ARG B 80 8.85 -6.91 31.14
N VAL B 81 8.84 -6.83 32.47
CA VAL B 81 7.95 -7.66 33.30
C VAL B 81 6.80 -6.84 33.83
N ARG B 82 5.78 -7.54 34.33
CA ARG B 82 4.52 -6.84 34.63
C ARG B 82 4.58 -5.91 35.83
N THR B 83 5.31 -6.31 36.87
CA THR B 83 5.42 -5.53 38.13
C THR B 83 6.86 -5.49 38.65
N PRO B 84 7.20 -4.49 39.49
CA PRO B 84 8.49 -4.45 40.22
C PRO B 84 8.86 -5.78 40.86
N GLU B 85 7.88 -6.45 41.45
CA GLU B 85 8.04 -7.69 42.16
C GLU B 85 8.44 -8.87 41.25
N ASP B 86 8.11 -8.75 39.95
CA ASP B 86 8.52 -9.76 39.00
C ASP B 86 10.04 -9.73 38.74
N VAL B 87 10.70 -8.61 39.01
CA VAL B 87 12.15 -8.56 38.94
C VAL B 87 12.74 -9.44 40.07
N ASP B 88 12.23 -9.33 41.30
CA ASP B 88 12.59 -10.27 42.36
C ASP B 88 12.26 -11.72 41.97
N LYS B 89 11.10 -11.95 41.38
CA LYS B 89 10.74 -13.29 40.95
C LYS B 89 11.74 -13.82 39.94
N ALA B 90 12.11 -13.00 38.98
CA ALA B 90 13.14 -13.39 38.01
C ALA B 90 14.46 -13.78 38.68
N GLU B 91 14.90 -13.02 39.67
CA GLU B 91 16.19 -13.29 40.30
C GLU B 91 16.10 -14.68 40.97
N ALA B 92 15.01 -14.90 41.71
CA ALA B 92 14.81 -16.20 42.45
C ALA B 92 14.75 -17.40 41.48
N TYR B 93 14.07 -17.21 40.36
CA TYR B 93 13.87 -18.26 39.36
C TYR B 93 15.20 -18.66 38.73
N TYR B 94 16.02 -17.67 38.34
CA TYR B 94 17.28 -17.97 37.65
C TYR B 94 18.31 -18.48 38.66
N GLN B 95 18.24 -18.05 39.92
CA GLN B 95 19.14 -18.58 40.94
C GLN B 95 18.82 -20.04 41.19
N GLU B 96 17.56 -20.40 41.15
CA GLU B 96 17.20 -21.79 41.30
C GLU B 96 17.71 -22.63 40.11
N LEU B 97 17.71 -22.05 38.91
CA LEU B 97 18.26 -22.71 37.75
C LEU B 97 19.79 -22.84 37.74
N GLY B 98 20.46 -22.26 38.73
CA GLY B 98 21.91 -22.28 38.82
C GLY B 98 22.65 -21.28 37.95
N CYS B 99 21.98 -20.19 37.59
CA CYS B 99 22.58 -19.19 36.70
C CYS B 99 23.17 -18.02 37.43
N ARG B 100 24.19 -17.42 36.82
CA ARG B 100 24.80 -16.20 37.33
C ARG B 100 23.86 -15.03 37.06
N THR B 101 23.76 -14.14 38.04
CA THR B 101 22.83 -13.02 37.96
C THR B 101 23.48 -11.77 38.51
N GLU B 102 23.03 -10.63 38.00
CA GLU B 102 23.48 -9.34 38.51
C GLU B 102 22.30 -8.40 38.61
N ARG B 103 22.14 -7.80 39.79
CA ARG B 103 21.05 -6.89 40.09
C ARG B 103 21.56 -5.46 40.33
N ARG B 104 21.03 -4.50 39.58
CA ARG B 104 21.36 -3.09 39.78
C ARG B 104 20.08 -2.29 39.99
N LYS B 105 19.95 -1.70 41.18
CA LYS B 105 18.71 -1.02 41.59
C LYS B 105 18.43 0.21 40.75
N ASP B 106 19.48 0.78 40.15
CA ASP B 106 19.33 1.93 39.29
C ASP B 106 19.64 1.66 37.84
N GLY B 107 19.74 0.39 37.43
CA GLY B 107 19.77 0.03 36.02
C GLY B 107 21.15 -0.16 35.49
N PHE B 108 21.26 -0.88 34.36
CA PHE B 108 22.51 -1.03 33.62
C PHE B 108 22.71 0.08 32.58
N VAL B 109 21.60 0.52 31.99
CA VAL B 109 21.58 1.57 31.01
C VAL B 109 20.66 2.69 31.44
N LYS B 110 20.87 3.85 30.86
CA LYS B 110 20.09 5.01 31.20
C LYS B 110 18.65 4.74 30.83
N GLY B 111 17.73 5.31 31.59
CA GLY B 111 16.32 5.14 31.27
C GLY B 111 15.67 3.86 31.75
N ILE B 112 16.43 2.98 32.39
CA ILE B 112 15.90 1.77 33.01
C ILE B 112 16.26 1.86 34.48
N GLY B 113 15.30 1.51 35.35
CA GLY B 113 15.54 1.46 36.79
C GLY B 113 15.98 0.09 37.22
N ASP B 114 15.40 -0.41 38.29
CA ASP B 114 15.81 -1.71 38.88
C ASP B 114 15.78 -2.81 37.81
N ALA B 115 16.93 -3.43 37.57
CA ALA B 115 17.08 -4.41 36.49
C ALA B 115 17.93 -5.58 36.93
N LEU B 116 17.57 -6.76 36.44
CA LEU B 116 18.32 -7.98 36.70
C LEU B 116 18.90 -8.48 35.39
N ARG B 117 20.21 -8.68 35.31
CA ARG B 117 20.75 -9.39 34.15
C ARG B 117 21.19 -10.76 34.56
N VAL B 118 20.98 -11.71 33.66
CA VAL B 118 21.32 -13.09 33.93
C VAL B 118 22.08 -13.68 32.77
N GLU B 119 22.93 -14.65 33.06
CA GLU B 119 23.46 -15.56 32.03
C GLU B 119 22.53 -16.74 32.05
N ASP B 120 21.61 -16.82 31.09
CA ASP B 120 20.56 -17.85 31.10
C ASP B 120 21.17 -19.26 30.79
N PRO B 121 20.39 -20.33 30.89
CA PRO B 121 20.96 -21.66 30.68
C PRO B 121 21.47 -21.97 29.29
N LEU B 122 21.09 -21.16 28.31
CA LEU B 122 21.54 -21.30 26.91
C LEU B 122 22.74 -20.38 26.63
N GLY B 123 23.22 -19.68 27.65
CA GLY B 123 24.33 -18.77 27.51
C GLY B 123 23.97 -17.36 27.09
N PHE B 124 22.68 -17.02 27.09
CA PHE B 124 22.28 -15.70 26.62
C PHE B 124 22.17 -14.71 27.76
N PRO B 125 22.57 -13.44 27.49
CA PRO B 125 22.44 -12.37 28.47
C PRO B 125 21.05 -11.75 28.39
N TYR B 126 20.15 -12.19 29.25
CA TYR B 126 18.82 -11.65 29.40
C TYR B 126 18.80 -10.58 30.48
N GLU B 127 17.98 -9.55 30.27
CA GLU B 127 17.64 -8.56 31.30
C GLU B 127 16.15 -8.59 31.55
N PHE B 128 15.76 -8.46 32.80
CA PHE B 128 14.37 -8.27 33.19
C PHE B 128 14.28 -6.99 33.99
N PHE B 129 13.33 -6.14 33.64
CA PHE B 129 13.09 -4.88 34.35
C PHE B 129 11.58 -4.52 34.29
N PHE B 130 11.13 -3.74 35.26
CA PHE B 130 9.87 -3.04 35.14
C PHE B 130 10.06 -1.52 34.96
N GLU B 131 10.85 -0.91 35.83
CA GLU B 131 10.97 0.57 35.89
C GLU B 131 11.69 1.12 34.67
N THR B 132 11.08 2.12 34.03
CA THR B 132 11.69 2.78 32.89
C THR B 132 11.15 4.22 32.76
N THR B 133 12.01 5.10 32.27
CA THR B 133 11.65 6.48 32.07
C THR B 133 10.74 6.57 30.87
N HIS B 134 9.54 7.11 31.04
CA HIS B 134 8.68 7.31 29.88
C HIS B 134 9.11 8.53 29.12
N VAL B 135 8.88 8.46 27.81
CA VAL B 135 9.24 9.54 26.90
C VAL B 135 8.02 9.84 26.05
N GLU B 136 8.11 10.87 25.22
CA GLU B 136 7.04 11.23 24.27
C GLU B 136 6.73 10.10 23.30
N ARG B 137 5.52 9.58 23.34
CA ARG B 137 5.11 8.54 22.43
C ARG B 137 4.81 9.20 21.08
N LEU B 138 5.56 8.82 20.05
CA LEU B 138 5.51 9.57 18.78
C LEU B 138 4.52 9.06 17.76
N HIS B 139 3.53 8.29 18.21
CA HIS B 139 2.67 7.53 17.31
C HIS B 139 1.81 8.34 16.39
N MET B 140 1.58 9.60 16.69
CA MET B 140 0.78 10.46 15.81
C MET B 140 1.61 11.65 15.30
N ARG B 141 2.94 11.55 15.44
CA ARG B 141 3.86 12.59 14.94
C ARG B 141 4.15 12.37 13.50
N TYR B 142 3.11 12.55 12.67
CA TYR B 142 3.23 12.29 11.29
C TYR B 142 4.10 13.32 10.56
N ASP B 143 4.38 14.41 11.22
CA ASP B 143 5.39 15.35 10.80
C ASP B 143 6.79 14.77 10.84
N LEU B 144 6.98 13.69 11.58
CA LEU B 144 8.25 13.00 11.66
C LEU B 144 8.25 11.71 10.88
N TYR B 145 7.09 11.18 10.53
CA TYR B 145 6.96 9.84 9.98
C TYR B 145 7.71 9.70 8.65
N SER B 146 8.54 8.67 8.57
CA SER B 146 9.34 8.45 7.38
C SER B 146 8.70 7.39 6.51
N ALA B 147 9.01 7.39 5.23
CA ALA B 147 8.41 6.44 4.30
C ALA B 147 8.74 4.97 4.66
N GLY B 148 9.78 4.75 5.45
CA GLY B 148 10.14 3.40 5.95
C GLY B 148 10.04 3.28 7.46
N GLU B 149 9.08 3.96 8.07
CA GLU B 149 9.11 4.11 9.52
C GLU B 149 9.04 2.81 10.30
N LEU B 150 9.95 2.62 11.26
CA LEU B 150 9.90 1.45 12.19
C LEU B 150 9.03 1.86 13.38
N VAL B 151 7.94 1.12 13.56
CA VAL B 151 6.90 1.49 14.52
C VAL B 151 6.99 0.80 15.87
N ARG B 152 7.46 -0.44 15.92
CA ARG B 152 7.61 -1.18 17.16
C ARG B 152 8.83 -2.06 17.14
N LEU B 153 9.36 -2.38 18.31
CA LEU B 153 10.21 -3.56 18.44
C LEU B 153 9.32 -4.82 18.47
N ASP B 154 9.66 -5.85 17.71
CA ASP B 154 8.80 -7.04 17.64
C ASP B 154 9.40 -8.27 18.31
N HIS B 155 10.64 -8.64 18.01
CA HIS B 155 11.20 -9.87 18.57
C HIS B 155 12.69 -9.98 18.47
N PHE B 156 13.22 -10.97 19.18
CA PHE B 156 14.61 -11.41 19.03
C PHE B 156 14.58 -12.83 18.42
N ASN B 157 15.73 -13.25 17.91
CA ASN B 157 15.94 -14.59 17.40
C ASN B 157 17.33 -15.01 17.75
N GLN B 158 17.40 -16.13 18.48
CA GLN B 158 18.58 -16.64 19.13
C GLN B 158 19.02 -17.92 18.43
N VAL B 159 20.32 -18.06 18.17
CA VAL B 159 20.93 -19.30 17.65
C VAL B 159 21.44 -20.16 18.83
N THR B 160 20.97 -21.41 18.88
CA THR B 160 21.29 -22.30 19.98
C THR B 160 21.37 -23.72 19.43
N PRO B 161 22.30 -24.55 19.94
CA PRO B 161 22.54 -25.85 19.30
C PRO B 161 21.41 -26.90 19.48
N ASP B 162 20.67 -26.83 20.58
CA ASP B 162 19.68 -27.89 20.96
C ASP B 162 18.34 -27.21 21.17
N VAL B 163 17.48 -27.23 20.14
CA VAL B 163 16.28 -26.42 20.18
C VAL B 163 15.27 -26.97 21.17
N PRO B 164 15.13 -28.31 21.26
CA PRO B 164 14.17 -28.78 22.24
C PRO B 164 14.52 -28.44 23.70
N ARG B 165 15.80 -28.48 24.02
CA ARG B 165 16.23 -28.10 25.35
C ARG B 165 15.83 -26.67 25.71
N GLY B 166 16.09 -25.74 24.78
CA GLY B 166 15.76 -24.35 24.93
C GLY B 166 14.25 -24.14 24.97
N ARG B 167 13.54 -24.87 24.12
CA ARG B 167 12.11 -24.69 24.03
C ARG B 167 11.40 -25.04 25.34
N LYS B 168 11.80 -26.14 25.96
CA LYS B 168 11.24 -26.57 27.25
C LYS B 168 11.45 -25.51 28.32
N TYR B 169 12.65 -24.96 28.38
CA TYR B 169 13.02 -23.92 29.35
C TYR B 169 12.19 -22.65 29.16
N LEU B 170 12.02 -22.22 27.91
CA LEU B 170 11.22 -21.04 27.62
C LEU B 170 9.72 -21.27 27.86
N GLU B 171 9.23 -22.48 27.65
CA GLU B 171 7.84 -22.81 27.99
C GLU B 171 7.58 -22.73 29.49
N ASP B 172 8.50 -23.25 30.32
CA ASP B 172 8.42 -23.13 31.77
C ASP B 172 8.42 -21.65 32.22
N LEU B 173 9.15 -20.81 31.50
CA LEU B 173 9.21 -19.38 31.76
C LEU B 173 7.94 -18.68 31.30
N GLY B 174 7.09 -19.40 30.57
CA GLY B 174 5.77 -18.94 30.17
C GLY B 174 5.58 -18.53 28.72
N PHE B 175 6.60 -18.67 27.88
CA PHE B 175 6.46 -18.44 26.43
C PHE B 175 5.67 -19.62 25.82
N ARG B 176 4.80 -19.37 24.86
CA ARG B 176 4.13 -20.50 24.20
C ARG B 176 4.64 -20.59 22.78
N VAL B 177 4.93 -21.81 22.34
CA VAL B 177 5.39 -22.01 20.94
C VAL B 177 4.17 -21.83 20.04
N THR B 178 4.33 -21.03 18.99
CA THR B 178 3.31 -20.78 18.02
C THR B 178 3.55 -21.58 16.71
N GLU B 179 4.81 -21.66 16.27
CA GLU B 179 5.19 -22.40 15.09
C GLU B 179 6.55 -23.00 15.30
N ASP B 180 6.80 -24.08 14.59
CA ASP B 180 8.11 -24.68 14.58
C ASP B 180 8.42 -25.37 13.28
N ILE B 181 9.69 -25.69 13.11
CA ILE B 181 10.12 -26.45 11.91
C ILE B 181 10.78 -27.74 12.38
N GLN B 182 10.32 -28.85 11.86
CA GLN B 182 10.82 -30.18 12.30
C GLN B 182 10.93 -31.04 11.08
N ASP B 183 11.58 -32.17 11.18
CA ASP B 183 11.48 -33.16 10.11
C ASP B 183 10.85 -34.43 10.59
N ASP B 184 10.86 -35.45 9.74
CA ASP B 184 10.16 -36.69 10.07
C ASP B 184 10.99 -37.65 10.92
N GLU B 185 12.21 -37.22 11.27
CA GLU B 185 13.18 -38.02 11.99
C GLU B 185 13.43 -37.49 13.40
N GLY B 186 12.58 -36.63 13.89
CA GLY B 186 12.66 -36.19 15.25
C GLY B 186 13.47 -34.94 15.52
N THR B 187 13.92 -34.29 14.48
CA THR B 187 14.80 -33.12 14.68
C THR B 187 13.98 -31.88 14.67
N THR B 188 14.25 -30.95 15.61
CA THR B 188 13.68 -29.61 15.57
C THR B 188 14.74 -28.64 15.13
N TYR B 189 14.44 -27.87 14.07
CA TYR B 189 15.36 -26.90 13.49
C TYR B 189 15.13 -25.48 14.00
N ALA B 190 13.91 -25.15 14.43
CA ALA B 190 13.56 -23.78 14.84
C ALA B 190 12.24 -23.79 15.54
N ALA B 191 12.05 -22.84 16.48
CA ALA B 191 10.77 -22.67 17.17
C ALA B 191 10.60 -21.20 17.49
N TRP B 192 9.35 -20.76 17.44
CA TRP B 192 8.92 -19.36 17.69
C TRP B 192 8.01 -19.37 18.89
N MET B 193 8.17 -18.42 19.80
CA MET B 193 7.40 -18.46 21.04
C MET B 193 7.12 -17.08 21.58
N HIS B 194 5.95 -16.89 22.18
CA HIS B 194 5.51 -15.55 22.56
C HIS B 194 5.01 -15.40 23.98
N ARG B 195 5.04 -14.14 24.45
CA ARG B 195 4.27 -13.65 25.60
C ARG B 195 3.17 -12.61 25.18
N LYS B 196 3.48 -11.72 24.22
CA LYS B 196 2.57 -10.58 23.96
C LYS B 196 1.42 -10.79 23.01
N GLY B 197 1.31 -11.96 22.41
CA GLY B 197 0.15 -12.24 21.58
C GLY B 197 0.41 -12.01 20.10
N THR B 198 1.69 -11.91 19.72
CA THR B 198 2.08 -11.96 18.31
C THR B 198 2.77 -13.32 18.08
N VAL B 199 3.22 -13.62 16.85
CA VAL B 199 3.84 -14.93 16.64
C VAL B 199 4.99 -15.17 17.59
N HIS B 200 5.72 -14.11 17.94
CA HIS B 200 6.81 -14.29 18.87
C HIS B 200 7.38 -13.07 19.50
N ASP B 201 8.04 -13.31 20.64
CA ASP B 201 8.91 -12.38 21.30
C ASP B 201 10.36 -12.79 21.19
N THR B 202 10.64 -14.10 21.23
CA THR B 202 11.93 -14.63 20.86
C THR B 202 11.71 -15.90 20.07
N ALA B 203 12.78 -16.43 19.55
CA ALA B 203 12.73 -17.62 18.70
C ALA B 203 14.09 -18.25 18.80
N LEU B 204 14.10 -19.56 18.61
CA LEU B 204 15.27 -20.33 18.66
C LEU B 204 15.52 -20.87 17.27
N THR B 205 16.74 -20.66 16.79
CA THR B 205 17.17 -21.21 15.51
C THR B 205 18.30 -22.18 15.79
N GLY B 206 18.20 -23.40 15.29
CA GLY B 206 19.23 -24.37 15.53
C GLY B 206 20.56 -23.99 14.84
N GLY B 207 21.65 -23.99 15.60
CA GLY B 207 22.97 -23.70 15.08
C GLY B 207 23.95 -23.55 16.20
N ASN B 208 25.20 -23.32 15.87
CA ASN B 208 26.23 -23.17 16.87
C ASN B 208 25.91 -21.95 17.71
N GLY B 209 26.02 -22.05 19.03
CA GLY B 209 25.71 -20.89 19.83
C GLY B 209 26.17 -21.00 21.26
N PRO B 210 25.83 -20.00 22.08
CA PRO B 210 24.91 -18.91 21.81
C PRO B 210 25.41 -17.81 20.87
N ARG B 211 24.54 -17.45 19.93
CA ARG B 211 24.76 -16.30 19.08
C ARG B 211 23.40 -15.64 18.89
N LEU B 212 23.36 -14.34 18.63
CA LEU B 212 22.12 -13.62 18.31
C LEU B 212 21.89 -13.61 16.79
N HIS B 213 20.79 -14.17 16.35
CA HIS B 213 20.51 -14.19 14.92
C HIS B 213 20.09 -12.82 14.45
N HIS B 214 19.04 -12.25 15.06
CA HIS B 214 18.58 -10.89 14.70
C HIS B 214 17.71 -10.26 15.76
N VAL B 215 17.53 -8.96 15.63
CA VAL B 215 16.48 -8.20 16.31
C VAL B 215 15.53 -7.74 15.23
N ALA B 216 14.24 -7.76 15.49
CA ALA B 216 13.20 -7.42 14.52
C ALA B 216 12.38 -6.21 14.95
N PHE B 217 12.18 -5.28 14.02
CA PHE B 217 11.31 -4.16 14.17
C PHE B 217 10.17 -4.22 13.15
N SER B 218 8.99 -3.76 13.54
CA SER B 218 7.83 -3.80 12.63
C SER B 218 7.62 -2.45 11.94
N THR B 219 6.91 -2.51 10.82
CA THR B 219 6.36 -1.36 10.13
C THR B 219 4.83 -1.47 10.10
N HIS B 220 4.14 -0.41 9.66
CA HIS B 220 2.67 -0.50 9.54
C HIS B 220 2.26 -1.33 8.35
N GLU B 221 2.94 -1.12 7.23
CA GLU B 221 2.50 -1.67 5.95
C GLU B 221 3.64 -2.24 5.12
N LYS B 222 3.29 -3.05 4.14
CA LYS B 222 4.32 -3.63 3.29
C LYS B 222 5.14 -2.61 2.48
N HIS B 223 4.49 -1.52 2.03
CA HIS B 223 5.19 -0.54 1.24
C HIS B 223 6.30 0.12 2.07
N ASN B 224 6.17 0.11 3.38
CA ASN B 224 7.21 0.69 4.24
C ASN B 224 8.49 -0.14 4.13
N ILE B 225 8.36 -1.48 4.08
CA ILE B 225 9.52 -2.34 3.94
C ILE B 225 10.14 -2.18 2.56
N ILE B 226 9.30 -2.08 1.53
N ILE B 226 9.29 -2.08 1.52
CA ILE B 226 9.75 -1.79 0.17
CA ILE B 226 9.78 -1.83 0.17
C ILE B 226 10.59 -0.55 0.13
C ILE B 226 10.59 -0.54 0.11
N GLN B 227 10.15 0.50 0.80
CA GLN B 227 10.87 1.76 0.81
C GLN B 227 12.22 1.61 1.46
N ILE B 228 12.36 0.80 2.49
CA ILE B 228 13.70 0.62 3.10
C ILE B 228 14.67 0.05 2.05
N CYS B 229 14.21 -0.92 1.28
CA CYS B 229 15.01 -1.50 0.19
C CYS B 229 15.36 -0.47 -0.83
N ASP B 230 14.34 0.31 -1.21
CA ASP B 230 14.53 1.33 -2.24
C ASP B 230 15.53 2.40 -1.81
N LYS B 231 15.45 2.79 -0.55
CA LYS B 231 16.39 3.72 0.02
C LYS B 231 17.81 3.15 0.08
N MET B 232 17.95 1.90 0.47
CA MET B 232 19.28 1.26 0.45
C MET B 232 19.88 1.22 -0.96
N GLY B 233 19.06 0.98 -1.98
CA GLY B 233 19.55 1.08 -3.34
C GLY B 233 20.02 2.49 -3.67
N ALA B 234 19.25 3.50 -3.30
CA ALA B 234 19.59 4.92 -3.51
C ALA B 234 20.87 5.34 -2.80
N LEU B 235 21.10 4.81 -1.61
CA LEU B 235 22.32 5.05 -0.89
C LEU B 235 23.51 4.16 -1.35
N ARG B 236 23.25 3.28 -2.30
CA ARG B 236 24.25 2.37 -2.87
C ARG B 236 24.87 1.48 -1.77
N ILE B 237 23.98 1.00 -0.91
CA ILE B 237 24.29 0.05 0.14
C ILE B 237 23.38 -1.17 0.02
N SER B 238 22.95 -1.51 -1.19
CA SER B 238 22.20 -2.73 -1.43
C SER B 238 22.92 -4.03 -1.06
N ASP B 239 24.24 -4.00 -1.01
CA ASP B 239 25.02 -5.13 -0.45
C ASP B 239 24.79 -5.36 1.03
N ARG B 240 24.08 -4.45 1.72
CA ARG B 240 23.76 -4.66 3.13
C ARG B 240 22.34 -5.23 3.28
N ILE B 241 21.65 -5.48 2.17
CA ILE B 241 20.37 -6.24 2.16
C ILE B 241 20.78 -7.70 2.02
N GLU B 242 20.57 -8.47 3.08
CA GLU B 242 20.96 -9.87 3.09
C GLU B 242 20.00 -10.77 2.39
N ARG B 243 18.73 -10.59 2.72
CA ARG B 243 17.68 -11.51 2.30
C ARG B 243 16.34 -10.83 2.32
N GLY B 244 15.57 -11.01 1.26
CA GLY B 244 14.21 -10.46 1.18
C GLY B 244 14.22 -9.36 0.14
N PRO B 245 13.13 -8.59 0.05
CA PRO B 245 11.97 -8.76 0.88
C PRO B 245 11.16 -10.01 0.45
N GLY B 246 10.34 -10.48 1.38
CA GLY B 246 9.62 -11.72 1.15
C GLY B 246 8.37 -11.79 2.01
N ARG B 247 7.62 -12.88 1.81
CA ARG B 247 6.54 -13.28 2.75
C ARG B 247 7.07 -14.52 3.45
N HIS B 248 7.04 -14.56 4.77
CA HIS B 248 7.48 -15.78 5.48
C HIS B 248 6.36 -16.82 5.37
N GLY B 249 6.68 -18.12 5.37
CA GLY B 249 5.65 -19.16 5.64
C GLY B 249 5.36 -19.15 7.12
N VAL B 250 6.35 -19.50 7.92
CA VAL B 250 6.31 -19.29 9.38
C VAL B 250 6.05 -17.84 9.71
N SER B 251 4.98 -17.58 10.44
CA SER B 251 4.50 -16.24 10.88
C SER B 251 3.59 -15.53 9.91
N ASN B 252 3.69 -15.85 8.62
CA ASN B 252 2.90 -15.15 7.55
C ASN B 252 3.23 -13.65 7.42
N ALA B 253 4.33 -13.21 8.01
CA ALA B 253 4.69 -11.80 7.95
C ALA B 253 5.45 -11.45 6.69
N PHE B 254 5.38 -10.19 6.26
CA PHE B 254 6.22 -9.68 5.21
C PHE B 254 7.50 -9.22 5.87
N TYR B 255 8.64 -9.46 5.28
CA TYR B 255 9.92 -9.32 5.96
C TYR B 255 11.07 -8.87 5.07
N LEU B 256 12.14 -8.44 5.73
CA LEU B 256 13.41 -8.04 5.09
C LEU B 256 14.54 -8.24 6.12
N PHE B 257 15.67 -8.77 5.66
CA PHE B 257 16.88 -8.82 6.52
C PHE B 257 17.98 -7.99 5.99
N ILE B 258 18.49 -7.09 6.85
CA ILE B 258 19.57 -6.20 6.56
C ILE B 258 20.66 -6.31 7.63
N LEU B 259 21.88 -5.82 7.31
CA LEU B 259 23.04 -6.00 8.16
C LEU B 259 23.57 -4.61 8.53
N ASP B 260 23.81 -4.41 9.82
CA ASP B 260 24.38 -3.15 10.31
C ASP B 260 25.88 -3.12 10.09
N PRO B 261 26.52 -1.99 10.39
CA PRO B 261 27.97 -1.91 10.11
C PRO B 261 28.85 -2.92 10.80
N ASP B 262 28.41 -3.52 11.92
CA ASP B 262 29.16 -4.59 12.58
C ASP B 262 28.63 -5.99 12.23
N ASN B 263 27.82 -6.05 11.19
N ASN B 263 27.82 -6.05 11.19
CA ASN B 263 27.17 -7.27 10.73
CA ASN B 263 27.15 -7.28 10.76
C ASN B 263 26.06 -7.79 11.65
C ASN B 263 26.15 -7.85 11.77
N HIS B 264 25.61 -7.00 12.64
CA HIS B 264 24.39 -7.37 13.35
C HIS B 264 23.24 -7.36 12.39
N ARG B 265 22.46 -8.44 12.41
CA ARG B 265 21.35 -8.60 11.50
C ARG B 265 20.08 -7.97 12.11
N ILE B 266 19.41 -7.13 11.32
CA ILE B 266 18.14 -6.58 11.67
C ILE B 266 17.04 -7.09 10.70
N GLU B 267 15.89 -7.46 11.23
CA GLU B 267 14.77 -7.86 10.42
C GLU B 267 13.75 -6.75 10.52
N ILE B 268 13.15 -6.42 9.40
CA ILE B 268 11.97 -5.58 9.36
C ILE B 268 10.79 -6.46 8.97
N TYR B 269 9.68 -6.30 9.68
CA TYR B 269 8.63 -7.33 9.74
C TYR B 269 7.27 -6.66 9.80
N THR B 270 6.25 -7.23 9.16
CA THR B 270 4.91 -6.67 9.34
C THR B 270 3.83 -7.73 9.10
N GLN B 271 2.73 -7.60 9.83
CA GLN B 271 1.48 -8.32 9.52
C GLN B 271 1.49 -9.82 9.76
N ASP B 272 2.00 -10.17 10.92
CA ASP B 272 1.72 -11.49 11.48
C ASP B 272 0.35 -11.49 12.15
N TYR B 273 -0.01 -12.58 12.84
CA TYR B 273 -1.36 -12.77 13.33
C TYR B 273 -1.42 -12.91 14.86
N TYR B 274 -2.63 -12.92 15.38
CA TYR B 274 -2.89 -12.94 16.80
C TYR B 274 -2.71 -14.34 17.37
N THR B 275 -1.96 -14.42 18.45
CA THR B 275 -1.69 -15.72 19.09
C THR B 275 -2.04 -15.81 20.58
N GLY B 276 -2.78 -14.82 21.08
CA GLY B 276 -2.98 -14.62 22.51
C GLY B 276 -3.80 -15.66 23.23
N ASP B 277 -4.65 -16.36 22.48
CA ASP B 277 -5.41 -17.51 23.07
C ASP B 277 -4.49 -18.65 23.52
N PRO B 278 -4.77 -19.23 24.69
CA PRO B 278 -3.83 -20.18 25.27
C PRO B 278 -3.76 -21.52 24.51
N ASP B 279 -4.79 -21.82 23.72
CA ASP B 279 -4.81 -23.01 22.87
C ASP B 279 -4.63 -22.62 21.40
N ASN B 280 -3.98 -21.49 21.19
CA ASN B 280 -3.59 -21.08 19.83
C ASN B 280 -2.97 -22.31 19.11
N PRO B 281 -3.47 -22.66 17.94
CA PRO B 281 -2.96 -23.87 17.29
C PRO B 281 -1.50 -23.70 16.84
N THR B 282 -0.65 -24.62 17.25
CA THR B 282 0.77 -24.63 16.94
C THR B 282 0.93 -25.16 15.54
N ILE B 283 1.69 -24.46 14.70
CA ILE B 283 1.87 -24.91 13.30
C ILE B 283 3.25 -25.52 13.17
N THR B 284 3.35 -26.77 12.70
CA THR B 284 4.65 -27.37 12.43
C THR B 284 4.84 -27.50 10.94
N TRP B 285 5.94 -26.95 10.46
CA TRP B 285 6.31 -27.03 9.07
C TRP B 285 7.40 -28.07 8.94
N ASN B 286 7.39 -28.79 7.82
CA ASN B 286 8.45 -29.73 7.53
C ASN B 286 9.63 -28.92 7.03
N VAL B 287 10.84 -29.31 7.42
CA VAL B 287 12.07 -28.57 7.05
C VAL B 287 12.30 -28.60 5.53
N HIS B 288 11.81 -29.64 4.84
CA HIS B 288 11.95 -29.74 3.38
C HIS B 288 10.94 -28.96 2.57
N ASP B 289 9.98 -28.32 3.22
CA ASP B 289 8.94 -27.55 2.55
C ASP B 289 9.56 -26.24 2.10
N ASN B 290 9.69 -26.07 0.79
CA ASN B 290 10.33 -24.87 0.24
C ASN B 290 9.53 -23.58 0.41
N GLN B 291 8.30 -23.63 0.93
CA GLN B 291 7.55 -22.43 1.24
C GLN B 291 7.57 -22.05 2.72
N ARG B 292 8.35 -22.78 3.56
CA ARG B 292 8.29 -22.55 5.01
C ARG B 292 8.94 -21.24 5.47
N ARG B 293 10.05 -20.86 4.85
CA ARG B 293 10.79 -19.64 5.28
C ARG B 293 10.42 -18.46 4.36
N ASP B 294 10.44 -18.71 3.07
CA ASP B 294 9.90 -17.77 2.06
C ASP B 294 8.78 -18.50 1.33
N TRP B 295 7.57 -17.96 1.56
CA TRP B 295 6.31 -18.50 1.02
C TRP B 295 6.29 -18.52 -0.46
N TRP B 296 7.09 -17.63 -1.09
CA TRP B 296 7.19 -17.60 -2.54
C TRP B 296 8.25 -18.52 -3.13
N GLY B 297 8.93 -19.27 -2.25
CA GLY B 297 9.92 -20.20 -2.67
C GLY B 297 11.31 -19.69 -2.91
N ASN B 298 11.56 -18.40 -2.69
CA ASN B 298 12.85 -17.84 -2.94
C ASN B 298 13.86 -18.47 -2.00
N PRO B 299 15.08 -18.73 -2.49
CA PRO B 299 16.06 -19.43 -1.71
C PRO B 299 16.55 -18.61 -0.53
N VAL B 300 16.97 -19.33 0.52
CA VAL B 300 17.47 -18.71 1.73
C VAL B 300 18.97 -18.66 1.56
N VAL B 301 19.56 -17.47 1.60
CA VAL B 301 21.00 -17.31 1.37
C VAL B 301 21.74 -18.04 2.48
N PRO B 302 22.89 -18.71 2.16
CA PRO B 302 23.58 -19.49 3.17
C PRO B 302 24.06 -18.69 4.38
N SER B 303 24.40 -17.41 4.20
CA SER B 303 24.82 -16.56 5.33
C SER B 303 23.72 -16.48 6.39
N TRP B 304 22.46 -16.59 5.98
CA TRP B 304 21.34 -16.53 6.92
C TRP B 304 21.41 -17.70 7.88
N TYR B 305 21.91 -18.84 7.41
CA TYR B 305 22.05 -19.95 8.28
C TYR B 305 23.34 -19.96 9.04
N THR B 306 24.41 -19.37 8.52
CA THR B 306 25.71 -19.58 9.13
C THR B 306 26.23 -18.40 9.98
N GLU B 307 25.76 -17.20 9.71
CA GLU B 307 26.31 -16.00 10.35
C GLU B 307 25.35 -15.47 11.41
N ALA B 308 25.93 -15.08 12.54
CA ALA B 308 25.13 -14.50 13.62
C ALA B 308 26.11 -13.76 14.56
N SER B 309 25.57 -12.95 15.45
CA SER B 309 26.34 -12.12 16.35
C SER B 309 26.77 -12.85 17.62
N LYS B 310 27.98 -12.53 18.04
CA LYS B 310 28.46 -12.94 19.35
C LYS B 310 27.58 -12.39 20.46
N VAL B 311 27.57 -13.10 21.59
CA VAL B 311 26.90 -12.63 22.75
C VAL B 311 27.89 -12.55 23.91
N LEU B 312 27.67 -11.60 24.79
CA LEU B 312 28.55 -11.39 25.95
C LEU B 312 28.01 -12.05 27.22
N ASP B 313 28.94 -12.42 28.11
CA ASP B 313 28.60 -12.77 29.48
C ASP B 313 28.50 -11.51 30.37
N LEU B 314 28.21 -11.70 31.66
CA LEU B 314 27.97 -10.56 32.54
C LEU B 314 29.22 -9.74 32.78
N ASP B 315 30.38 -10.35 32.57
CA ASP B 315 31.66 -9.66 32.67
C ASP B 315 32.02 -8.91 31.41
N GLY B 316 31.25 -9.06 30.34
CA GLY B 316 31.54 -8.38 29.06
C GLY B 316 32.46 -9.17 28.14
N ASN B 317 32.77 -10.42 28.50
CA ASN B 317 33.57 -11.30 27.64
C ASN B 317 32.65 -12.06 26.72
N VAL B 318 33.18 -12.42 25.55
CA VAL B 318 32.39 -13.19 24.59
C VAL B 318 32.09 -14.62 25.12
N GLN B 319 30.85 -15.06 24.98
CA GLN B 319 30.48 -16.44 25.35
C GLN B 319 31.07 -17.42 24.33
N GLU B 320 31.67 -18.52 24.82
CA GLU B 320 32.19 -19.62 23.99
C GLU B 320 31.05 -20.28 23.20
N ILE B 321 31.34 -20.65 21.97
CA ILE B 321 30.34 -21.25 21.05
C ILE B 321 30.33 -22.75 21.21
N ILE B 322 29.15 -23.34 21.33
CA ILE B 322 29.02 -24.80 21.44
C ILE B 322 28.43 -25.27 20.12
N GLU B 323 29.07 -26.27 19.52
CA GLU B 323 28.65 -26.71 18.19
C GLU B 323 27.34 -27.51 18.23
N ARG B 324 26.47 -27.24 17.27
CA ARG B 324 25.28 -28.08 17.07
C ARG B 324 25.67 -29.45 16.50
N THR B 325 25.11 -30.52 17.05
CA THR B 325 25.33 -31.88 16.57
C THR B 325 24.10 -32.44 15.83
N ASP B 326 22.92 -31.90 16.10
CA ASP B 326 21.72 -32.21 15.31
C ASP B 326 21.93 -31.74 13.85
N ASP B 327 21.11 -32.27 12.96
CA ASP B 327 21.19 -31.94 11.55
C ASP B 327 21.02 -30.44 11.31
N SER B 328 21.66 -29.98 10.26
CA SER B 328 21.72 -28.59 9.88
C SER B 328 20.63 -28.34 8.86
N GLU B 329 19.83 -27.31 9.07
CA GLU B 329 18.82 -26.90 8.12
C GLU B 329 19.39 -26.57 6.73
N LEU B 330 20.49 -25.83 6.74
CA LEU B 330 21.19 -25.57 5.51
C LEU B 330 21.50 -26.87 4.79
N GLU B 331 22.12 -27.81 5.49
CA GLU B 331 22.59 -29.01 4.84
C GLU B 331 21.44 -29.82 4.30
N VAL B 332 20.37 -29.96 5.07
CA VAL B 332 19.33 -30.86 4.65
C VAL B 332 18.41 -30.26 3.59
N THR B 333 18.53 -28.98 3.33
CA THR B 333 17.66 -28.31 2.35
C THR B 333 18.34 -27.84 1.09
N ILE B 334 19.50 -27.21 1.24
CA ILE B 334 20.21 -26.62 0.08
C ILE B 334 21.64 -27.13 -0.08
N GLY B 335 22.10 -27.98 0.83
CA GLY B 335 23.41 -28.60 0.75
C GLY B 335 23.48 -29.74 -0.26
N ALA B 336 24.63 -30.36 -0.32
CA ALA B 336 24.92 -31.38 -1.33
C ALA B 336 23.93 -32.52 -1.33
N ASP B 337 23.51 -32.94 -0.13
CA ASP B 337 22.56 -34.05 0.05
C ASP B 337 21.17 -33.48 0.41
N GLY B 338 20.96 -32.22 0.08
CA GLY B 338 19.75 -31.51 0.47
C GLY B 338 18.57 -31.88 -0.41
N PHE B 339 17.38 -31.55 0.10
CA PHE B 339 16.17 -31.76 -0.63
C PHE B 339 15.15 -30.72 -0.19
N SER B 340 14.42 -30.17 -1.17
N SER B 340 14.43 -30.12 -1.15
CA SER B 340 13.24 -29.37 -0.89
CA SER B 340 13.21 -29.38 -0.83
C SER B 340 12.12 -29.68 -1.87
C SER B 340 12.14 -29.56 -1.88
N PHE B 341 10.88 -29.44 -1.45
CA PHE B 341 9.69 -29.64 -2.32
C PHE B 341 8.83 -28.40 -2.34
N THR B 342 8.11 -28.24 -3.43
CA THR B 342 7.07 -27.25 -3.48
C THR B 342 5.73 -27.86 -3.07
N ARG B 343 5.44 -29.04 -3.60
CA ARG B 343 4.20 -29.80 -3.29
C ARG B 343 4.67 -31.12 -2.73
N ALA B 344 4.24 -31.43 -1.52
CA ALA B 344 4.59 -32.72 -0.88
C ALA B 344 4.26 -33.88 -1.80
N GLY B 345 5.23 -34.78 -1.97
CA GLY B 345 5.10 -35.94 -2.84
C GLY B 345 5.22 -35.72 -4.35
N ASP B 346 5.45 -34.48 -4.79
CA ASP B 346 5.52 -34.19 -6.22
C ASP B 346 6.99 -33.94 -6.57
N GLU B 347 7.54 -34.73 -7.49
CA GLU B 347 8.90 -34.51 -7.98
C GLU B 347 9.05 -33.18 -8.73
N ASP B 348 8.01 -32.81 -9.46
CA ASP B 348 8.01 -31.58 -10.17
C ASP B 348 8.00 -30.41 -9.15
N GLY B 349 8.89 -29.42 -9.27
CA GLY B 349 9.00 -28.35 -8.27
C GLY B 349 9.86 -28.74 -7.03
N SER B 350 10.53 -29.88 -7.12
N SER B 350 10.53 -29.89 -7.12
CA SER B 350 11.42 -30.31 -6.06
CA SER B 350 11.42 -30.36 -6.06
C SER B 350 12.85 -29.97 -6.48
C SER B 350 12.88 -30.14 -6.49
N TYR B 351 13.75 -29.97 -5.50
CA TYR B 351 15.14 -29.53 -5.68
C TYR B 351 15.96 -30.54 -4.89
N HIS B 352 16.96 -31.08 -5.58
CA HIS B 352 17.86 -32.06 -5.04
C HIS B 352 19.25 -31.48 -5.09
N GLY B 353 19.85 -31.30 -3.91
CA GLY B 353 21.23 -30.85 -3.82
C GLY B 353 21.50 -29.43 -4.27
N GLN B 354 20.48 -28.59 -4.24
N GLN B 354 20.49 -28.59 -4.21
CA GLN B 354 20.68 -27.20 -4.58
CA GLN B 354 20.66 -27.22 -4.63
C GLN B 354 19.51 -26.40 -4.09
C GLN B 354 19.53 -26.41 -4.05
N ALA B 355 19.65 -25.09 -4.19
CA ALA B 355 18.65 -24.17 -3.74
C ALA B 355 17.62 -24.02 -4.85
N SER B 356 16.48 -23.38 -4.52
CA SER B 356 15.42 -23.14 -5.47
C SER B 356 15.84 -22.05 -6.48
N LYS B 357 15.01 -21.88 -7.50
CA LYS B 357 15.12 -20.80 -8.50
C LYS B 357 16.42 -20.77 -9.30
N GLY B 358 17.12 -21.91 -9.42
CA GLY B 358 18.28 -22.03 -10.30
C GLY B 358 19.63 -21.69 -9.68
N PHE B 359 19.67 -21.53 -8.37
CA PHE B 359 20.91 -21.28 -7.65
C PHE B 359 21.48 -22.46 -6.86
N LYS B 360 22.79 -22.41 -6.63
CA LYS B 360 23.51 -23.36 -5.76
C LYS B 360 24.32 -22.59 -4.74
N LEU B 361 24.70 -23.27 -3.67
CA LEU B 361 25.59 -22.69 -2.65
C LEU B 361 26.89 -22.12 -3.28
N GLY B 362 27.23 -20.85 -2.99
CA GLY B 362 28.52 -20.29 -3.46
C GLY B 362 29.70 -21.04 -2.84
N GLU C 4 -18.26 29.79 -30.74
CA GLU C 4 -18.00 31.19 -31.13
C GLU C 4 -16.56 31.68 -30.98
N ILE C 5 -15.62 30.90 -30.43
CA ILE C 5 -14.22 31.28 -30.60
C ILE C 5 -13.79 30.66 -31.95
N PRO C 6 -13.48 31.51 -32.96
CA PRO C 6 -13.22 30.88 -34.24
C PRO C 6 -11.88 30.13 -34.24
N LYS C 7 -11.83 29.08 -35.05
CA LYS C 7 -10.64 28.28 -35.21
C LYS C 7 -9.71 29.03 -36.15
N PRO C 8 -8.50 29.37 -35.71
CA PRO C 8 -7.56 29.99 -36.65
C PRO C 8 -7.21 29.11 -37.84
N VAL C 9 -6.88 29.72 -38.98
CA VAL C 9 -6.23 28.99 -40.06
C VAL C 9 -4.79 28.59 -39.72
N ALA C 10 -4.09 29.39 -38.91
CA ALA C 10 -2.74 29.05 -38.47
C ALA C 10 -2.75 27.74 -37.70
N PRO C 11 -1.78 26.88 -37.99
CA PRO C 11 -1.88 25.61 -37.27
C PRO C 11 -1.61 25.75 -35.76
N ALA C 12 -2.26 24.91 -34.97
CA ALA C 12 -2.13 24.92 -33.52
C ALA C 12 -0.73 24.49 -33.12
N PRO C 13 -0.15 25.07 -32.05
CA PRO C 13 1.06 24.43 -31.53
C PRO C 13 0.77 23.00 -31.07
N ASP C 14 1.77 22.14 -31.16
CA ASP C 14 1.71 20.78 -30.61
C ASP C 14 2.06 20.81 -29.12
N ILE C 15 1.06 20.74 -28.26
CA ILE C 15 1.24 20.82 -26.82
C ILE C 15 1.50 19.42 -26.28
N LEU C 16 2.54 19.31 -25.48
CA LEU C 16 2.87 18.01 -24.92
C LEU C 16 2.05 17.71 -23.66
N ARG C 17 2.01 18.70 -22.77
CA ARG C 17 1.53 18.54 -21.41
C ARG C 17 1.53 19.85 -20.67
N CYS C 18 0.73 19.91 -19.62
CA CYS C 18 0.85 20.92 -18.57
C CYS C 18 2.26 20.75 -17.94
N ALA C 19 2.97 21.87 -17.71
CA ALA C 19 4.35 21.82 -17.23
C ALA C 19 4.62 22.53 -15.92
N TYR C 20 4.08 23.74 -15.77
CA TYR C 20 4.18 24.44 -14.50
C TYR C 20 3.17 25.51 -14.36
N ALA C 21 2.98 25.95 -13.13
CA ALA C 21 2.22 27.17 -12.86
C ALA C 21 3.06 28.17 -12.13
N GLU C 22 2.80 29.44 -12.33
CA GLU C 22 3.42 30.53 -11.58
C GLU C 22 2.30 31.12 -10.73
N LEU C 23 2.43 31.01 -9.42
CA LEU C 23 1.44 31.53 -8.46
C LEU C 23 2.06 32.73 -7.76
N VAL C 24 1.34 33.84 -7.74
CA VAL C 24 1.73 34.96 -6.89
C VAL C 24 1.26 34.65 -5.46
N VAL C 25 2.19 34.82 -4.51
CA VAL C 25 1.92 34.61 -3.11
C VAL C 25 2.29 35.88 -2.36
N THR C 26 1.66 36.10 -1.19
CA THR C 26 1.88 37.34 -0.44
C THR C 26 2.99 37.27 0.59
N ASP C 27 3.22 36.10 1.16
CA ASP C 27 4.27 35.87 2.18
C ASP C 27 5.12 34.68 1.75
N LEU C 28 6.29 34.97 1.18
CA LEU C 28 7.07 33.91 0.54
C LEU C 28 7.49 32.85 1.57
N ALA C 29 7.88 33.27 2.75
CA ALA C 29 8.33 32.31 3.78
C ALA C 29 7.19 31.39 4.24
N LYS C 30 5.99 31.93 4.45
CA LYS C 30 4.86 31.06 4.73
C LYS C 30 4.58 30.09 3.61
N SER C 31 4.62 30.59 2.37
CA SER C 31 4.37 29.70 1.24
C SER C 31 5.41 28.59 1.12
N ARG C 32 6.66 28.92 1.34
CA ARG C 32 7.73 27.97 1.32
C ARG C 32 7.51 26.92 2.38
N ASN C 33 7.09 27.32 3.57
N ASN C 33 7.04 27.30 3.57
CA ASN C 33 6.80 26.35 4.60
CA ASN C 33 6.76 26.31 4.61
C ASN C 33 5.81 25.30 4.04
C ASN C 33 5.70 25.30 4.20
N PHE C 34 4.72 25.78 3.44
CA PHE C 34 3.68 24.93 2.95
C PHE C 34 4.19 23.99 1.86
N TYR C 35 4.80 24.55 0.83
CA TYR C 35 5.14 23.74 -0.34
C TYR C 35 6.41 22.93 -0.17
N VAL C 36 7.33 23.37 0.67
CA VAL C 36 8.57 22.60 0.89
C VAL C 36 8.44 21.80 2.16
N ASP C 37 8.18 22.45 3.27
CA ASP C 37 8.20 21.69 4.58
C ASP C 37 6.97 20.81 4.77
N VAL C 38 5.79 21.24 4.38
CA VAL C 38 4.64 20.38 4.50
C VAL C 38 4.53 19.40 3.33
N LEU C 39 4.54 19.88 2.08
CA LEU C 39 4.30 19.05 0.95
C LEU C 39 5.55 18.35 0.32
N GLY C 40 6.72 18.84 0.67
CA GLY C 40 7.97 18.19 0.29
C GLY C 40 8.40 18.34 -1.14
N LEU C 41 7.95 19.41 -1.81
CA LEU C 41 8.44 19.68 -3.14
C LEU C 41 9.93 20.11 -3.07
N HIS C 42 10.65 19.87 -4.16
CA HIS C 42 12.08 19.99 -4.25
C HIS C 42 12.50 21.31 -4.84
N VAL C 43 13.41 21.97 -4.17
CA VAL C 43 13.86 23.31 -4.60
C VAL C 43 14.82 23.25 -5.78
N SER C 44 14.40 23.85 -6.91
CA SER C 44 15.24 24.07 -8.06
C SER C 44 16.02 25.37 -8.04
N TYR C 45 15.50 26.40 -7.41
CA TYR C 45 16.17 27.67 -7.29
C TYR C 45 15.38 28.48 -6.29
N GLU C 46 16.04 29.27 -5.44
CA GLU C 46 15.29 30.24 -4.67
C GLU C 46 16.09 31.49 -4.40
N ASP C 47 15.38 32.60 -4.26
CA ASP C 47 15.97 33.84 -3.76
C ASP C 47 14.89 34.53 -2.94
N GLU C 48 15.06 35.82 -2.63
CA GLU C 48 14.10 36.48 -1.73
C GLU C 48 12.81 36.86 -2.41
N ASN C 49 12.73 36.74 -3.73
CA ASN C 49 11.54 37.07 -4.47
C ASN C 49 10.78 35.88 -5.04
N GLN C 50 11.45 34.75 -5.26
CA GLN C 50 10.80 33.58 -5.87
C GLN C 50 11.35 32.27 -5.34
N ILE C 51 10.50 31.24 -5.34
CA ILE C 51 10.91 29.88 -5.07
C ILE C 51 10.46 29.03 -6.24
N TYR C 52 11.40 28.29 -6.85
CA TYR C 52 11.16 27.36 -7.96
C TYR C 52 11.17 25.93 -7.45
N LEU C 53 10.07 25.21 -7.68
CA LEU C 53 9.90 23.88 -7.08
C LEU C 53 9.57 22.84 -8.13
N ARG C 54 9.97 21.60 -7.88
CA ARG C 54 9.62 20.51 -8.79
C ARG C 54 9.27 19.25 -8.05
N SER C 55 8.56 18.38 -8.75
CA SER C 55 8.16 17.10 -8.24
C SER C 55 9.25 16.02 -8.41
N PHE C 56 9.04 14.88 -7.75
CA PHE C 56 10.07 13.86 -7.61
C PHE C 56 10.56 13.34 -8.93
N GLU C 57 9.67 13.20 -9.93
CA GLU C 57 10.06 12.54 -11.17
C GLU C 57 10.34 13.54 -12.34
N GLU C 58 10.35 14.81 -12.03
CA GLU C 58 10.44 15.84 -13.08
C GLU C 58 11.92 16.01 -13.49
N PHE C 59 12.16 16.28 -14.75
CA PHE C 59 13.52 16.64 -15.23
C PHE C 59 13.61 18.06 -15.79
N ILE C 60 12.46 18.68 -16.12
CA ILE C 60 12.48 20.10 -16.51
C ILE C 60 12.67 20.94 -15.25
N HIS C 61 12.95 22.22 -15.44
CA HIS C 61 13.48 23.01 -14.30
C HIS C 61 12.57 23.05 -13.10
N HIS C 62 11.26 23.17 -13.33
CA HIS C 62 10.32 23.29 -12.25
C HIS C 62 8.92 23.00 -12.71
N ASN C 63 8.05 22.72 -11.73
CA ASN C 63 6.63 22.54 -11.92
C ASN C 63 5.80 23.67 -11.28
N LEU C 64 6.45 24.47 -10.45
CA LEU C 64 5.75 25.48 -9.68
C LEU C 64 6.72 26.60 -9.39
N VAL C 65 6.30 27.83 -9.65
CA VAL C 65 7.04 29.00 -9.33
C VAL C 65 6.15 29.81 -8.38
N LEU C 66 6.70 30.14 -7.19
CA LEU C 66 6.06 31.01 -6.22
C LEU C 66 6.77 32.37 -6.29
N THR C 67 6.02 33.39 -6.66
CA THR C 67 6.53 34.73 -6.87
C THR C 67 5.88 35.64 -5.87
N LYS C 68 6.67 36.34 -5.09
CA LYS C 68 6.16 37.32 -4.14
C LYS C 68 5.50 38.47 -4.87
N GLY C 69 4.31 38.85 -4.42
CA GLY C 69 3.57 39.96 -5.02
C GLY C 69 2.45 40.44 -4.10
N PRO C 70 1.82 41.57 -4.44
CA PRO C 70 0.89 42.22 -3.50
C PRO C 70 -0.50 41.53 -3.43
N VAL C 71 -0.89 40.81 -4.48
CA VAL C 71 -2.19 40.16 -4.60
C VAL C 71 -2.01 38.71 -5.05
N ALA C 72 -2.43 37.77 -4.22
CA ALA C 72 -2.30 36.35 -4.54
C ALA C 72 -3.18 36.03 -5.76
N ALA C 73 -2.60 35.39 -6.76
CA ALA C 73 -3.27 35.09 -8.01
C ALA C 73 -2.45 34.08 -8.81
N LEU C 74 -3.07 33.48 -9.80
CA LEU C 74 -2.33 32.79 -10.85
C LEU C 74 -1.72 33.81 -11.81
N LYS C 75 -0.41 33.71 -12.05
CA LYS C 75 0.24 34.59 -13.01
C LYS C 75 0.44 33.91 -14.39
N ALA C 76 0.65 32.60 -14.40
CA ALA C 76 0.76 31.86 -15.71
C ALA C 76 0.55 30.39 -15.51
N MET C 77 -0.20 29.77 -16.42
N MET C 77 -0.26 29.79 -16.39
CA MET C 77 -0.30 28.32 -16.49
CA MET C 77 -0.38 28.33 -16.56
C MET C 77 0.37 27.89 -17.77
C MET C 77 0.46 28.02 -17.79
N ALA C 78 1.48 27.18 -17.62
CA ALA C 78 2.42 26.89 -18.71
C ALA C 78 2.30 25.48 -19.22
N PHE C 79 2.25 25.37 -20.54
CA PHE C 79 2.28 24.12 -21.27
C PHE C 79 3.58 24.02 -22.05
N ARG C 80 4.18 22.85 -22.03
CA ARG C 80 5.34 22.56 -22.84
C ARG C 80 4.89 22.15 -24.23
N VAL C 81 5.55 22.67 -25.26
CA VAL C 81 5.24 22.31 -26.65
C VAL C 81 6.37 21.46 -27.23
N ARG C 82 6.10 20.78 -28.34
CA ARG C 82 6.96 19.69 -28.79
C ARG C 82 8.29 20.16 -29.35
N THR C 83 8.31 21.29 -30.04
CA THR C 83 9.55 21.77 -30.64
C THR C 83 9.65 23.29 -30.45
N PRO C 84 10.85 23.85 -30.63
CA PRO C 84 11.01 25.31 -30.59
C PRO C 84 10.10 26.09 -31.54
N GLU C 85 9.85 25.50 -32.70
CA GLU C 85 9.01 26.13 -33.72
C GLU C 85 7.56 26.18 -33.31
N ASP C 86 7.19 25.37 -32.35
CA ASP C 86 5.81 25.39 -31.85
C ASP C 86 5.55 26.63 -31.04
N VAL C 87 6.58 27.30 -30.53
CA VAL C 87 6.38 28.58 -29.85
C VAL C 87 6.00 29.67 -30.90
N ASP C 88 6.71 29.69 -32.00
CA ASP C 88 6.29 30.53 -33.17
C ASP C 88 4.86 30.23 -33.61
N LYS C 89 4.51 28.96 -33.69
CA LYS C 89 3.14 28.58 -34.04
C LYS C 89 2.10 29.13 -33.02
N ALA C 90 2.40 29.01 -31.72
CA ALA C 90 1.49 29.49 -30.69
C ALA C 90 1.30 31.01 -30.85
N GLU C 91 2.37 31.74 -31.13
CA GLU C 91 2.27 33.18 -31.30
C GLU C 91 1.35 33.56 -32.48
N ALA C 92 1.57 32.91 -33.62
CA ALA C 92 0.76 33.16 -34.84
C ALA C 92 -0.70 32.79 -34.57
N TYR C 93 -0.93 31.69 -33.85
CA TYR C 93 -2.27 31.20 -33.49
C TYR C 93 -3.06 32.18 -32.62
N TYR C 94 -2.45 32.60 -31.52
CA TYR C 94 -3.12 33.53 -30.66
C TYR C 94 -3.22 34.94 -31.24
N GLN C 95 -2.28 35.35 -32.07
CA GLN C 95 -2.39 36.63 -32.78
C GLN C 95 -3.62 36.63 -33.67
N GLU C 96 -3.87 35.51 -34.37
CA GLU C 96 -5.04 35.38 -35.21
C GLU C 96 -6.32 35.38 -34.40
N LEU C 97 -6.27 34.82 -33.18
CA LEU C 97 -7.44 34.86 -32.27
C LEU C 97 -7.74 36.27 -31.77
N GLY C 98 -6.80 37.19 -31.97
CA GLY C 98 -6.95 38.56 -31.54
C GLY C 98 -6.55 38.81 -30.10
N CYS C 99 -5.89 37.82 -29.50
CA CYS C 99 -5.40 37.92 -28.13
C CYS C 99 -4.13 38.75 -27.95
N ARG C 100 -3.99 39.34 -26.78
CA ARG C 100 -2.79 40.03 -26.43
C ARG C 100 -1.70 38.99 -26.11
N THR C 101 -0.51 39.19 -26.65
CA THR C 101 0.58 38.25 -26.46
C THR C 101 1.86 38.98 -26.13
N GLU C 102 2.77 38.27 -25.48
CA GLU C 102 4.10 38.77 -25.16
C GLU C 102 5.13 37.66 -25.35
N ARG C 103 6.15 37.91 -26.17
CA ARG C 103 7.20 36.92 -26.44
C ARG C 103 8.51 37.33 -25.76
N ARG C 104 9.06 36.48 -24.88
CA ARG C 104 10.36 36.73 -24.32
C ARG C 104 11.33 35.64 -24.76
N LYS C 105 12.27 36.02 -25.62
CA LYS C 105 13.20 35.03 -26.13
C LYS C 105 14.09 34.42 -25.06
N ASP C 106 14.22 35.08 -23.91
CA ASP C 106 14.97 34.51 -22.81
C ASP C 106 14.11 34.06 -21.62
N GLY C 107 12.80 33.97 -21.84
CA GLY C 107 11.83 33.49 -20.82
C GLY C 107 11.37 34.54 -19.83
N PHE C 108 10.28 34.23 -19.10
CA PHE C 108 9.72 35.09 -18.08
C PHE C 108 10.24 34.74 -16.69
N VAL C 109 10.58 33.46 -16.50
CA VAL C 109 11.05 32.92 -15.22
C VAL C 109 12.32 32.11 -15.48
N LYS C 110 13.10 31.92 -14.43
CA LYS C 110 14.36 31.20 -14.53
C LYS C 110 14.09 29.77 -15.00
N GLY C 111 15.00 29.24 -15.80
CA GLY C 111 14.94 27.84 -16.17
C GLY C 111 14.07 27.62 -17.39
N ILE C 112 13.46 28.69 -17.90
CA ILE C 112 12.67 28.59 -19.14
C ILE C 112 13.30 29.53 -20.15
N GLY C 113 13.44 29.06 -21.38
CA GLY C 113 13.98 29.82 -22.48
C GLY C 113 12.87 30.54 -23.25
N ASP C 114 12.98 30.58 -24.57
CA ASP C 114 11.99 31.21 -25.41
C ASP C 114 10.54 30.82 -25.06
N ALA C 115 9.74 31.82 -24.71
CA ALA C 115 8.43 31.60 -24.16
C ALA C 115 7.46 32.64 -24.67
N LEU C 116 6.22 32.21 -24.88
CA LEU C 116 5.14 33.15 -25.25
C LEU C 116 4.11 33.10 -24.11
N ARG C 117 3.74 34.26 -23.56
CA ARG C 117 2.56 34.36 -22.72
C ARG C 117 1.43 35.09 -23.43
N VAL C 118 0.21 34.66 -23.17
CA VAL C 118 -0.97 35.22 -23.89
C VAL C 118 -2.12 35.40 -22.87
N GLU C 119 -2.99 36.38 -23.09
CA GLU C 119 -4.27 36.48 -22.38
C GLU C 119 -5.20 35.76 -23.29
N ASP C 120 -5.58 34.56 -22.96
CA ASP C 120 -6.31 33.72 -23.90
C ASP C 120 -7.79 34.13 -23.97
N PRO C 121 -8.56 33.49 -24.89
CA PRO C 121 -9.89 34.01 -25.07
C PRO C 121 -10.83 33.83 -23.90
N LEU C 122 -10.47 33.00 -22.92
CA LEU C 122 -11.25 32.82 -21.71
C LEU C 122 -10.66 33.69 -20.56
N GLY C 123 -9.66 34.50 -20.88
CA GLY C 123 -9.09 35.44 -19.92
C GLY C 123 -7.96 34.87 -19.10
N PHE C 124 -7.48 33.67 -19.45
CA PHE C 124 -6.42 33.00 -18.65
C PHE C 124 -5.04 33.29 -19.17
N PRO C 125 -4.06 33.44 -18.25
CA PRO C 125 -2.71 33.67 -18.75
C PRO C 125 -2.03 32.34 -19.07
N TYR C 126 -1.95 31.97 -20.33
CA TYR C 126 -1.29 30.76 -20.73
C TYR C 126 0.15 31.09 -21.14
N GLU C 127 1.10 30.19 -20.86
CA GLU C 127 2.44 30.23 -21.41
C GLU C 127 2.68 28.96 -22.24
N PHE C 128 3.41 29.13 -23.36
CA PHE C 128 3.90 28.07 -24.23
C PHE C 128 5.40 28.25 -24.33
N PHE C 129 6.13 27.17 -24.06
CA PHE C 129 7.57 27.17 -24.22
C PHE C 129 8.01 25.79 -24.59
N PHE C 130 9.19 25.70 -25.17
CA PHE C 130 9.93 24.42 -25.34
C PHE C 130 11.19 24.34 -24.48
N GLU C 131 12.05 25.36 -24.61
CA GLU C 131 13.36 25.33 -23.99
C GLU C 131 13.24 25.42 -22.49
N THR C 132 13.91 24.51 -21.81
CA THR C 132 14.00 24.56 -20.36
C THR C 132 15.31 23.94 -19.91
N THR C 133 15.85 24.45 -18.80
CA THR C 133 17.03 23.89 -18.17
C THR C 133 16.69 22.57 -17.56
N HIS C 134 17.38 21.51 -17.97
CA HIS C 134 17.19 20.22 -17.34
C HIS C 134 17.91 20.18 -16.00
N VAL C 135 17.32 19.45 -15.07
CA VAL C 135 17.87 19.28 -13.72
C VAL C 135 17.97 17.81 -13.41
N GLU C 136 18.52 17.46 -12.27
CA GLU C 136 18.60 16.07 -11.88
C GLU C 136 17.21 15.53 -11.68
N ARG C 137 16.86 14.46 -12.41
N ARG C 137 16.86 14.46 -12.40
CA ARG C 137 15.59 13.80 -12.25
CA ARG C 137 15.56 13.87 -12.23
C ARG C 137 15.74 12.99 -10.94
C ARG C 137 15.65 12.94 -11.00
N LEU C 138 14.87 13.26 -9.97
CA LEU C 138 15.03 12.65 -8.65
C LEU C 138 14.29 11.32 -8.49
N HIS C 139 13.87 10.71 -9.59
CA HIS C 139 12.87 9.59 -9.51
C HIS C 139 13.34 8.37 -8.76
N MET C 140 14.66 8.16 -8.65
CA MET C 140 15.21 7.05 -7.83
C MET C 140 15.94 7.52 -6.60
N ARG C 141 15.76 8.78 -6.24
CA ARG C 141 16.39 9.30 -5.00
C ARG C 141 15.50 8.98 -3.78
N TYR C 142 15.42 7.70 -3.47
CA TYR C 142 14.62 7.24 -2.38
C TYR C 142 15.15 7.69 -1.03
N ASP C 143 16.41 8.15 -0.99
CA ASP C 143 16.93 8.80 0.21
C ASP C 143 16.26 10.16 0.50
N LEU C 144 15.63 10.76 -0.50
CA LEU C 144 14.90 12.00 -0.38
C LEU C 144 13.38 11.78 -0.33
N TYR C 145 12.91 10.58 -0.64
CA TYR C 145 11.49 10.33 -0.80
C TYR C 145 10.75 10.48 0.53
N SER C 146 9.70 11.28 0.49
N SER C 146 9.71 11.29 0.54
CA SER C 146 8.79 11.55 1.60
CA SER C 146 8.89 11.46 1.73
C SER C 146 7.63 10.54 1.64
C SER C 146 7.67 10.56 1.67
N ALA C 147 7.11 10.27 2.84
CA ALA C 147 5.94 9.44 2.96
C ALA C 147 4.73 9.99 2.15
N GLY C 148 4.72 11.28 1.89
CA GLY C 148 3.71 11.90 1.07
C GLY C 148 4.12 12.38 -0.27
N GLU C 149 5.16 11.77 -0.83
CA GLU C 149 5.83 12.35 -1.98
C GLU C 149 4.96 12.71 -3.21
N LEU C 150 5.09 13.94 -3.67
CA LEU C 150 4.49 14.42 -4.95
C LEU C 150 5.40 14.09 -6.11
N VAL C 151 4.91 13.29 -7.03
CA VAL C 151 5.78 12.68 -8.03
C VAL C 151 5.72 13.34 -9.39
N ARG C 152 4.56 13.89 -9.80
CA ARG C 152 4.39 14.61 -11.05
C ARG C 152 3.41 15.77 -10.91
N LEU C 153 3.56 16.75 -11.81
CA LEU C 153 2.47 17.69 -12.00
C LEU C 153 1.46 17.02 -12.97
N ASP C 154 0.18 16.97 -12.59
CA ASP C 154 -0.82 16.31 -13.39
C ASP C 154 -1.69 17.24 -14.23
N HIS C 155 -2.30 18.29 -13.66
CA HIS C 155 -3.25 19.09 -14.44
C HIS C 155 -3.57 20.38 -13.78
N PHE C 156 -4.20 21.28 -14.54
CA PHE C 156 -4.87 22.43 -14.00
C PHE C 156 -6.39 22.29 -14.08
N ASN C 157 -7.11 23.11 -13.33
CA ASN C 157 -8.57 23.18 -13.42
C ASN C 157 -8.95 24.68 -13.40
N GLN C 158 -9.64 25.09 -14.47
CA GLN C 158 -10.02 26.49 -14.74
C GLN C 158 -11.52 26.68 -14.53
N VAL C 159 -11.92 27.75 -13.86
CA VAL C 159 -13.33 28.09 -13.72
C VAL C 159 -13.67 29.11 -14.81
N THR C 160 -14.65 28.78 -15.63
CA THR C 160 -15.08 29.63 -16.75
C THR C 160 -16.60 29.61 -16.84
N PRO C 161 -17.22 30.73 -17.28
CA PRO C 161 -18.69 30.75 -17.24
C PRO C 161 -19.45 29.86 -18.26
N ASP C 162 -18.85 29.61 -19.42
CA ASP C 162 -19.49 28.89 -20.53
C ASP C 162 -18.57 27.77 -20.97
N VAL C 163 -18.91 26.57 -20.49
CA VAL C 163 -18.09 25.42 -20.73
C VAL C 163 -18.01 25.00 -22.20
N PRO C 164 -19.14 24.92 -22.94
CA PRO C 164 -19.08 24.54 -24.37
C PRO C 164 -18.21 25.47 -25.18
N ARG C 165 -18.29 26.76 -24.88
CA ARG C 165 -17.45 27.76 -25.54
C ARG C 165 -15.95 27.50 -25.32
N GLY C 166 -15.52 27.23 -24.08
CA GLY C 166 -14.12 26.96 -23.81
C GLY C 166 -13.72 25.58 -24.29
N ARG C 167 -14.63 24.61 -24.18
CA ARG C 167 -14.32 23.26 -24.67
C ARG C 167 -13.99 23.24 -26.15
N LYS C 168 -14.77 23.96 -26.96
CA LYS C 168 -14.51 23.98 -28.41
C LYS C 168 -13.16 24.61 -28.69
N TYR C 169 -12.84 25.69 -27.97
CA TYR C 169 -11.54 26.38 -28.13
C TYR C 169 -10.37 25.45 -27.79
N LEU C 170 -10.49 24.69 -26.68
CA LEU C 170 -9.48 23.74 -26.33
C LEU C 170 -9.36 22.54 -27.27
N GLU C 171 -10.48 22.05 -27.80
CA GLU C 171 -10.46 21.04 -28.83
C GLU C 171 -9.72 21.49 -30.09
N ASP C 172 -9.91 22.74 -30.47
CA ASP C 172 -9.20 23.30 -31.63
C ASP C 172 -7.67 23.33 -31.38
N LEU C 173 -7.28 23.48 -30.11
CA LEU C 173 -5.91 23.48 -29.68
C LEU C 173 -5.38 22.05 -29.56
N GLY C 174 -6.22 21.04 -29.77
CA GLY C 174 -5.80 19.63 -29.78
C GLY C 174 -6.09 18.85 -28.50
N PHE C 175 -6.74 19.50 -27.55
CA PHE C 175 -7.14 18.79 -26.33
C PHE C 175 -8.33 17.92 -26.67
N ARG C 176 -8.38 16.72 -26.10
CA ARG C 176 -9.53 15.87 -26.30
C ARG C 176 -10.27 15.66 -25.02
N VAL C 177 -11.58 15.76 -25.07
CA VAL C 177 -12.43 15.61 -23.89
C VAL C 177 -12.49 14.10 -23.54
N THR C 178 -12.27 13.80 -22.28
CA THR C 178 -12.32 12.44 -21.79
C THR C 178 -13.59 12.20 -21.01
N GLU C 179 -13.99 13.16 -20.15
CA GLU C 179 -15.22 13.10 -19.36
C GLU C 179 -15.86 14.44 -19.27
N ASP C 180 -17.14 14.39 -19.00
CA ASP C 180 -17.90 15.60 -18.70
C ASP C 180 -19.12 15.34 -17.85
N ILE C 181 -19.70 16.41 -17.36
CA ILE C 181 -20.90 16.41 -16.54
C ILE C 181 -21.95 17.28 -17.22
N GLN C 182 -23.12 16.68 -17.44
CA GLN C 182 -24.23 17.32 -18.13
C GLN C 182 -25.59 17.05 -17.41
N ASP C 183 -26.64 17.76 -17.80
CA ASP C 183 -27.98 17.32 -17.42
C ASP C 183 -28.81 17.02 -18.65
N ASP C 184 -30.02 16.49 -18.43
CA ASP C 184 -30.91 16.10 -19.54
C ASP C 184 -31.39 17.30 -20.34
N GLU C 185 -31.43 18.46 -19.67
CA GLU C 185 -31.83 19.71 -20.27
C GLU C 185 -30.77 20.28 -21.21
N GLY C 186 -29.55 19.73 -21.16
CA GLY C 186 -28.53 20.06 -22.14
C GLY C 186 -27.45 20.99 -21.59
N THR C 187 -27.41 21.22 -20.29
CA THR C 187 -26.41 22.11 -19.70
C THR C 187 -25.14 21.31 -19.48
N THR C 188 -23.96 21.88 -19.77
CA THR C 188 -22.65 21.29 -19.42
C THR C 188 -22.11 22.03 -18.24
N TYR C 189 -21.76 21.29 -17.19
CA TYR C 189 -21.30 21.88 -15.97
C TYR C 189 -19.77 21.80 -15.82
N ALA C 190 -19.15 20.84 -16.49
CA ALA C 190 -17.69 20.62 -16.42
C ALA C 190 -17.24 19.69 -17.52
N ALA C 191 -15.98 19.83 -17.89
CA ALA C 191 -15.37 18.98 -18.92
C ALA C 191 -13.89 18.82 -18.63
N TRP C 192 -13.35 17.62 -18.87
CA TRP C 192 -11.93 17.30 -18.66
C TRP C 192 -11.29 16.97 -19.99
N MET C 193 -10.10 17.46 -20.26
N MET C 193 -10.07 17.43 -20.23
CA MET C 193 -9.50 17.27 -21.56
CA MET C 193 -9.48 17.36 -21.55
C MET C 193 -7.99 17.14 -21.46
C MET C 193 -7.96 17.20 -21.49
N HIS C 194 -7.42 16.36 -22.37
CA HIS C 194 -5.99 16.01 -22.32
C HIS C 194 -5.22 16.13 -23.60
N ARG C 195 -3.91 16.27 -23.40
CA ARG C 195 -2.87 16.05 -24.42
C ARG C 195 -1.99 14.83 -24.12
N LYS C 196 -1.61 14.60 -22.86
CA LYS C 196 -0.55 13.62 -22.58
C LYS C 196 -1.02 12.19 -22.41
N GLY C 197 -2.33 11.93 -22.46
CA GLY C 197 -2.80 10.52 -22.40
C GLY C 197 -3.24 10.06 -20.99
N THR C 198 -3.47 11.04 -20.11
CA THR C 198 -4.15 10.85 -18.84
C THR C 198 -5.52 11.50 -18.98
N VAL C 199 -6.32 11.44 -17.90
CA VAL C 199 -7.69 11.94 -17.99
C VAL C 199 -7.70 13.42 -18.38
N HIS C 200 -6.72 14.19 -17.91
CA HIS C 200 -6.66 15.59 -18.31
C HIS C 200 -5.36 16.27 -18.07
N ASP C 201 -5.15 17.33 -18.86
CA ASP C 201 -4.10 18.31 -18.59
C ASP C 201 -4.71 19.61 -18.11
N THR C 202 -5.92 19.88 -18.59
CA THR C 202 -6.73 20.96 -18.03
C THR C 202 -8.13 20.54 -17.97
N ALA C 203 -8.91 21.29 -17.21
CA ALA C 203 -10.33 20.96 -17.04
C ALA C 203 -11.05 22.28 -16.96
N LEU C 204 -12.31 22.31 -17.36
CA LEU C 204 -13.13 23.52 -17.26
C LEU C 204 -14.26 23.22 -16.30
N THR C 205 -14.37 24.03 -15.26
CA THR C 205 -15.44 24.02 -14.28
C THR C 205 -16.35 25.21 -14.58
N GLY C 206 -17.64 24.97 -14.76
CA GLY C 206 -18.64 26.05 -14.89
C GLY C 206 -18.77 26.89 -13.62
N GLY C 207 -18.49 28.19 -13.75
CA GLY C 207 -18.65 29.11 -12.65
C GLY C 207 -18.18 30.48 -13.10
N ASN C 208 -18.13 31.41 -12.18
CA ASN C 208 -17.67 32.73 -12.49
C ASN C 208 -16.15 32.74 -12.77
N GLY C 209 -15.71 33.36 -13.86
CA GLY C 209 -14.30 33.34 -14.24
C GLY C 209 -13.90 34.44 -15.19
N PRO C 210 -12.59 34.52 -15.48
CA PRO C 210 -11.58 33.47 -15.20
C PRO C 210 -11.08 33.42 -13.76
N ARG C 211 -11.09 32.21 -13.19
CA ARG C 211 -10.41 31.95 -11.90
C ARG C 211 -9.78 30.57 -12.03
N LEU C 212 -8.70 30.37 -11.28
CA LEU C 212 -8.06 29.08 -11.26
C LEU C 212 -8.65 28.29 -10.11
N HIS C 213 -9.26 27.14 -10.40
CA HIS C 213 -9.82 26.30 -9.39
C HIS C 213 -8.71 25.61 -8.59
N HIS C 214 -7.81 24.89 -9.28
CA HIS C 214 -6.70 24.22 -8.63
C HIS C 214 -5.59 23.85 -9.53
N VAL C 215 -4.44 23.51 -8.94
CA VAL C 215 -3.37 22.82 -9.62
C VAL C 215 -3.26 21.44 -8.96
N ALA C 216 -3.07 20.40 -9.75
CA ALA C 216 -2.96 19.02 -9.24
C ALA C 216 -1.61 18.38 -9.46
N PHE C 217 -1.14 17.69 -8.41
CA PHE C 217 0.05 16.87 -8.35
C PHE C 217 -0.33 15.44 -8.07
N SER C 218 0.41 14.49 -8.60
N SER C 218 0.44 14.51 -8.59
CA SER C 218 0.12 13.08 -8.37
CA SER C 218 0.18 13.08 -8.38
C SER C 218 1.10 12.46 -7.43
C SER C 218 1.06 12.54 -7.29
N THR C 219 0.64 11.41 -6.76
CA THR C 219 1.47 10.56 -5.96
C THR C 219 1.53 9.18 -6.59
N HIS C 220 2.39 8.31 -6.06
CA HIS C 220 2.43 6.93 -6.58
C HIS C 220 1.23 6.14 -6.13
N GLU C 221 0.93 6.20 -4.84
CA GLU C 221 -0.07 5.34 -4.24
C GLU C 221 -1.02 6.10 -3.35
N LYS C 222 -2.08 5.42 -2.99
CA LYS C 222 -3.09 6.03 -2.18
C LYS C 222 -2.56 6.36 -0.80
N HIS C 223 -1.72 5.49 -0.24
CA HIS C 223 -1.21 5.76 1.09
C HIS C 223 -0.45 7.06 1.18
N ASN C 224 0.17 7.49 0.06
CA ASN C 224 0.88 8.77 0.05
C ASN C 224 -0.06 9.95 0.30
N ILE C 225 -1.27 9.87 -0.24
CA ILE C 225 -2.30 10.87 0.01
C ILE C 225 -2.80 10.86 1.43
N ILE C 226 -3.04 9.67 2.00
N ILE C 226 -3.02 9.67 2.00
CA ILE C 226 -3.40 9.51 3.40
CA ILE C 226 -3.43 9.51 3.38
C ILE C 226 -2.38 10.20 4.30
C ILE C 226 -2.39 10.13 4.33
N GLN C 227 -1.12 10.00 3.99
CA GLN C 227 -0.03 10.63 4.76
C GLN C 227 -0.05 12.12 4.75
N ILE C 228 -0.41 12.73 3.64
CA ILE C 228 -0.53 14.18 3.62
C ILE C 228 -1.56 14.62 4.64
N CYS C 229 -2.73 13.98 4.65
CA CYS C 229 -3.74 14.26 5.64
C CYS C 229 -3.21 14.07 7.07
N ASP C 230 -2.56 12.95 7.33
CA ASP C 230 -2.08 12.63 8.67
C ASP C 230 -1.09 13.70 9.13
N LYS C 231 -0.22 14.10 8.20
CA LYS C 231 0.77 15.14 8.49
C LYS C 231 0.09 16.45 8.86
N MET C 232 -0.87 16.87 8.04
CA MET C 232 -1.65 18.06 8.35
C MET C 232 -2.36 18.03 9.68
N GLY C 233 -2.87 16.83 10.08
CA GLY C 233 -3.36 16.67 11.41
C GLY C 233 -2.30 16.91 12.50
N ALA C 234 -1.11 16.34 12.28
CA ALA C 234 -0.01 16.45 13.26
C ALA C 234 0.51 17.87 13.39
N LEU C 235 0.51 18.59 12.29
CA LEU C 235 0.87 20.01 12.27
C LEU C 235 -0.27 20.94 12.67
N ARG C 236 -1.39 20.32 13.07
CA ARG C 236 -2.59 21.03 13.53
C ARG C 236 -3.04 22.09 12.50
N ILE C 237 -3.02 21.71 11.23
CA ILE C 237 -3.51 22.52 10.08
C ILE C 237 -4.57 21.74 9.30
N SER C 238 -5.32 20.89 10.01
CA SER C 238 -6.40 20.12 9.38
C SER C 238 -7.53 21.03 8.85
N ASP C 239 -7.63 22.25 9.34
CA ASP C 239 -8.54 23.21 8.73
C ASP C 239 -8.23 23.56 7.27
N ARG C 240 -7.02 23.27 6.82
CA ARG C 240 -6.58 23.55 5.46
C ARG C 240 -6.84 22.36 4.57
N ILE C 241 -7.39 21.27 5.11
CA ILE C 241 -7.92 20.18 4.29
C ILE C 241 -9.35 20.54 3.91
N GLU C 242 -9.58 20.79 2.63
CA GLU C 242 -10.87 21.28 2.16
C GLU C 242 -11.88 20.18 1.90
N ARG C 243 -11.45 19.15 1.17
CA ARG C 243 -12.33 18.08 0.72
C ARG C 243 -11.52 16.81 0.47
N GLY C 244 -12.03 15.68 0.91
CA GLY C 244 -11.35 14.40 0.67
C GLY C 244 -10.74 13.97 1.99
N PRO C 245 -9.94 12.93 1.96
CA PRO C 245 -9.61 12.20 0.71
C PRO C 245 -10.81 11.37 0.22
N GLY C 246 -10.78 11.05 -1.08
CA GLY C 246 -11.91 10.40 -1.72
C GLY C 246 -11.48 9.68 -3.01
N ARG C 247 -12.44 8.96 -3.57
CA ARG C 247 -12.37 8.43 -4.91
C ARG C 247 -13.27 9.32 -5.74
N HIS C 248 -12.72 9.86 -6.81
CA HIS C 248 -13.55 10.59 -7.77
C HIS C 248 -14.35 9.62 -8.61
N GLY C 249 -15.51 10.06 -9.06
CA GLY C 249 -16.28 9.35 -10.11
C GLY C 249 -15.63 9.68 -11.43
N VAL C 250 -15.82 10.91 -11.89
CA VAL C 250 -15.04 11.39 -13.00
C VAL C 250 -13.55 11.16 -12.72
N SER C 251 -12.88 10.42 -13.60
CA SER C 251 -11.43 10.20 -13.61
C SER C 251 -11.06 8.93 -12.86
N ASN C 252 -11.87 8.50 -11.91
CA ASN C 252 -11.58 7.32 -11.08
C ASN C 252 -10.32 7.48 -10.23
N ALA C 253 -9.86 8.70 -10.06
CA ALA C 253 -8.62 8.94 -9.29
C ALA C 253 -8.91 9.06 -7.82
N PHE C 254 -7.95 8.67 -7.00
CA PHE C 254 -7.99 8.91 -5.56
C PHE C 254 -7.47 10.31 -5.33
N TYR C 255 -8.17 11.09 -4.52
CA TYR C 255 -7.88 12.54 -4.43
C TYR C 255 -7.93 13.15 -3.03
N LEU C 256 -7.41 14.36 -2.96
CA LEU C 256 -7.45 15.22 -1.78
C LEU C 256 -7.36 16.64 -2.24
N PHE C 257 -8.14 17.55 -1.65
CA PHE C 257 -7.96 18.97 -1.92
C PHE C 257 -7.52 19.71 -0.64
N ILE C 258 -6.47 20.51 -0.74
CA ILE C 258 -5.96 21.30 0.36
C ILE C 258 -5.75 22.75 -0.05
N LEU C 259 -5.64 23.63 0.95
CA LEU C 259 -5.54 25.10 0.68
C LEU C 259 -4.20 25.64 1.13
N ASP C 260 -3.49 26.32 0.23
CA ASP C 260 -2.20 26.94 0.63
C ASP C 260 -2.44 28.21 1.45
N PRO C 261 -1.37 28.88 1.94
CA PRO C 261 -1.57 30.07 2.83
C PRO C 261 -2.32 31.28 2.21
N ASP C 262 -2.37 31.39 0.89
CA ASP C 262 -3.15 32.39 0.14
C ASP C 262 -4.46 31.85 -0.42
N ASN C 263 -4.84 30.69 0.07
CA ASN C 263 -6.01 29.97 -0.37
C ASN C 263 -6.00 29.46 -1.77
N HIS C 264 -4.81 29.35 -2.37
CA HIS C 264 -4.74 28.61 -3.62
C HIS C 264 -5.00 27.14 -3.29
N ARG C 265 -5.82 26.49 -4.12
CA ARG C 265 -6.21 25.10 -3.89
C ARG C 265 -5.29 24.20 -4.67
N ILE C 266 -4.79 23.18 -3.98
CA ILE C 266 -3.93 22.15 -4.55
C ILE C 266 -4.65 20.82 -4.43
N GLU C 267 -4.74 20.08 -5.51
CA GLU C 267 -5.26 18.72 -5.47
C GLU C 267 -4.08 17.73 -5.50
N ILE C 268 -4.16 16.68 -4.68
CA ILE C 268 -3.25 15.55 -4.78
C ILE C 268 -4.08 14.39 -5.32
N TYR C 269 -3.53 13.66 -6.30
CA TYR C 269 -4.31 12.89 -7.24
C TYR C 269 -3.51 11.62 -7.57
N THR C 270 -4.14 10.47 -7.68
CA THR C 270 -3.40 9.27 -8.14
C THR C 270 -4.34 8.30 -8.81
N GLN C 271 -3.78 7.59 -9.80
CA GLN C 271 -4.39 6.37 -10.38
C GLN C 271 -5.65 6.60 -11.23
N ASP C 272 -5.60 7.61 -12.06
CA ASP C 272 -6.50 7.64 -13.24
C ASP C 272 -6.05 6.72 -14.35
N TYR C 273 -6.72 6.75 -15.51
CA TYR C 273 -6.50 5.69 -16.52
C TYR C 273 -5.99 6.27 -17.87
N TYR C 274 -5.58 5.37 -18.75
CA TYR C 274 -5.00 5.78 -20.06
C TYR C 274 -6.04 6.25 -21.09
N THR C 275 -5.76 7.39 -21.72
CA THR C 275 -6.72 8.01 -22.66
C THR C 275 -6.14 8.29 -24.05
N GLY C 276 -4.93 7.78 -24.30
CA GLY C 276 -4.13 8.09 -25.48
C GLY C 276 -4.70 7.66 -26.82
N ASP C 277 -5.59 6.69 -26.82
CA ASP C 277 -6.15 6.26 -28.10
C ASP C 277 -7.11 7.36 -28.62
N PRO C 278 -7.09 7.63 -29.92
CA PRO C 278 -7.91 8.75 -30.38
C PRO C 278 -9.43 8.55 -30.29
N ASP C 279 -9.87 7.29 -30.20
CA ASP C 279 -11.26 6.97 -30.02
C ASP C 279 -11.56 6.55 -28.57
N ASN C 280 -10.72 7.00 -27.65
CA ASN C 280 -10.97 6.81 -26.24
C ASN C 280 -12.42 7.15 -25.91
N PRO C 281 -13.16 6.20 -25.30
CA PRO C 281 -14.58 6.41 -24.98
C PRO C 281 -14.78 7.58 -24.02
N THR C 282 -15.56 8.58 -24.43
N THR C 282 -15.59 8.54 -24.44
CA THR C 282 -15.91 9.72 -23.55
CA THR C 282 -15.98 9.61 -23.55
C THR C 282 -17.05 9.34 -22.61
C THR C 282 -16.94 9.07 -22.50
N ILE C 283 -16.91 9.67 -21.31
CA ILE C 283 -17.88 9.35 -20.30
C ILE C 283 -18.62 10.63 -19.92
N THR C 284 -19.95 10.58 -19.93
CA THR C 284 -20.81 11.68 -19.52
C THR C 284 -21.57 11.25 -18.31
N TRP C 285 -21.42 12.04 -17.24
CA TRP C 285 -22.16 11.84 -16.02
C TRP C 285 -23.30 12.84 -15.95
N ASN C 286 -24.40 12.42 -15.34
CA ASN C 286 -25.47 13.29 -14.95
C ASN C 286 -25.13 14.12 -13.72
N VAL C 287 -25.45 15.40 -13.80
CA VAL C 287 -25.12 16.33 -12.71
C VAL C 287 -25.79 15.92 -11.40
N HIS C 288 -26.91 15.18 -11.45
CA HIS C 288 -27.59 14.80 -10.22
C HIS C 288 -27.13 13.48 -9.62
N ASP C 289 -26.13 12.85 -10.24
CA ASP C 289 -25.61 11.57 -9.79
C ASP C 289 -24.61 11.89 -8.64
N ASN C 290 -24.97 11.45 -7.44
CA ASN C 290 -24.18 11.71 -6.22
C ASN C 290 -22.85 10.97 -6.13
N GLN C 291 -22.62 10.07 -7.08
CA GLN C 291 -21.31 9.42 -7.20
C GLN C 291 -20.37 10.02 -8.28
N ARG C 292 -20.77 11.11 -8.93
CA ARG C 292 -20.01 11.68 -10.04
C ARG C 292 -18.73 12.36 -9.62
N ARG C 293 -18.74 12.98 -8.42
CA ARG C 293 -17.61 13.77 -7.93
C ARG C 293 -16.87 13.00 -6.85
N ASP C 294 -17.59 12.56 -5.84
CA ASP C 294 -17.04 11.61 -4.92
C ASP C 294 -17.81 10.31 -5.12
N TRP C 295 -17.11 9.29 -5.59
CA TRP C 295 -17.71 7.96 -5.86
C TRP C 295 -18.37 7.31 -4.67
N TRP C 296 -17.91 7.67 -3.46
CA TRP C 296 -18.44 7.11 -2.25
C TRP C 296 -19.62 7.90 -1.72
N GLY C 297 -20.04 8.94 -2.45
CA GLY C 297 -21.19 9.72 -2.14
C GLY C 297 -20.98 10.68 -0.99
N ASN C 298 -19.74 11.02 -0.69
CA ASN C 298 -19.50 11.97 0.36
C ASN C 298 -19.90 13.34 -0.23
N PRO C 299 -20.44 14.23 0.60
CA PRO C 299 -20.89 15.55 0.11
C PRO C 299 -19.76 16.44 -0.35
N VAL C 300 -20.01 17.26 -1.39
CA VAL C 300 -19.04 18.29 -1.87
C VAL C 300 -19.32 19.62 -1.16
N VAL C 301 -18.41 20.00 -0.27
CA VAL C 301 -18.50 21.22 0.51
C VAL C 301 -18.69 22.43 -0.42
N PRO C 302 -19.58 23.36 -0.02
CA PRO C 302 -19.94 24.44 -0.95
C PRO C 302 -18.74 25.28 -1.38
N SER C 303 -17.75 25.46 -0.51
CA SER C 303 -16.53 26.25 -0.84
C SER C 303 -15.81 25.75 -2.08
N TRP C 304 -15.93 24.46 -2.37
CA TRP C 304 -15.28 23.83 -3.52
C TRP C 304 -15.90 24.36 -4.81
N TYR C 305 -17.18 24.70 -4.77
CA TYR C 305 -17.83 25.29 -5.93
C TYR C 305 -17.71 26.82 -6.02
N THR C 306 -17.60 27.52 -4.90
CA THR C 306 -17.67 28.98 -4.95
C THR C 306 -16.30 29.71 -4.89
N GLU C 307 -15.29 29.07 -4.28
CA GLU C 307 -13.96 29.68 -4.11
C GLU C 307 -12.97 29.20 -5.16
N ALA C 308 -12.19 30.15 -5.69
CA ALA C 308 -11.13 29.89 -6.65
C ALA C 308 -10.24 31.10 -6.71
N SER C 309 -9.04 30.91 -7.26
CA SER C 309 -8.01 31.95 -7.30
C SER C 309 -8.21 32.95 -8.44
N LYS C 310 -7.93 34.23 -8.14
CA LYS C 310 -7.85 35.24 -9.18
C LYS C 310 -6.74 34.87 -10.20
N VAL C 311 -6.90 35.36 -11.44
CA VAL C 311 -5.84 35.25 -12.44
C VAL C 311 -5.42 36.65 -12.87
N LEU C 312 -4.17 36.78 -13.30
CA LEU C 312 -3.61 38.08 -13.70
C LEU C 312 -3.58 38.15 -15.22
N ASP C 313 -3.62 39.39 -15.71
CA ASP C 313 -3.34 39.69 -17.09
C ASP C 313 -1.81 39.87 -17.30
N LEU C 314 -1.40 40.18 -18.51
CA LEU C 314 0.03 40.22 -18.81
C LEU C 314 0.75 41.40 -18.11
N ASP C 315 0.01 42.42 -17.66
CA ASP C 315 0.60 43.53 -16.88
C ASP C 315 0.64 43.24 -15.38
N GLY C 316 0.15 42.07 -14.96
CA GLY C 316 0.08 41.71 -13.53
C GLY C 316 -1.16 42.22 -12.82
N ASN C 317 -2.12 42.76 -13.56
CA ASN C 317 -3.37 43.19 -12.94
C ASN C 317 -4.40 42.06 -12.90
N VAL C 318 -5.26 42.07 -11.88
CA VAL C 318 -6.29 41.04 -11.76
C VAL C 318 -7.31 41.13 -12.91
N GLN C 319 -7.58 39.97 -13.50
CA GLN C 319 -8.57 39.88 -14.57
C GLN C 319 -9.94 40.00 -14.00
N GLU C 320 -10.77 40.82 -14.68
CA GLU C 320 -12.16 41.02 -14.31
C GLU C 320 -12.91 39.71 -14.55
N ILE C 321 -13.90 39.46 -13.70
CA ILE C 321 -14.69 38.22 -13.64
C ILE C 321 -16.02 38.36 -14.39
N ILE C 322 -16.42 37.32 -15.11
CA ILE C 322 -17.70 37.30 -15.82
C ILE C 322 -18.58 36.26 -15.11
N GLU C 323 -19.81 36.59 -14.80
N GLU C 323 -19.81 36.65 -14.77
CA GLU C 323 -20.58 35.70 -13.95
CA GLU C 323 -20.76 35.74 -14.05
C GLU C 323 -21.37 34.71 -14.83
C GLU C 323 -21.27 34.65 -14.96
N ARG C 324 -21.37 33.44 -14.43
CA ARG C 324 -22.00 32.34 -15.20
C ARG C 324 -23.50 32.56 -15.27
N THR C 325 -24.09 32.45 -16.47
CA THR C 325 -25.52 32.63 -16.59
C THR C 325 -26.21 31.26 -16.77
N ASP C 326 -25.45 30.23 -17.13
CA ASP C 326 -25.98 28.85 -17.22
C ASP C 326 -26.27 28.37 -15.80
N ASP C 327 -27.04 27.30 -15.65
CA ASP C 327 -27.29 26.69 -14.32
C ASP C 327 -26.03 26.31 -13.53
N SER C 328 -26.16 26.40 -12.21
CA SER C 328 -25.09 26.21 -11.27
C SER C 328 -25.15 24.81 -10.70
N GLU C 329 -24.03 24.10 -10.76
CA GLU C 329 -23.96 22.73 -10.24
C GLU C 329 -24.26 22.68 -8.74
N LEU C 330 -23.68 23.61 -7.98
CA LEU C 330 -24.06 23.75 -6.57
C LEU C 330 -25.57 23.91 -6.40
N GLU C 331 -26.18 24.83 -7.16
CA GLU C 331 -27.62 25.08 -7.02
C GLU C 331 -28.49 23.88 -7.40
N VAL C 332 -28.16 23.18 -8.48
CA VAL C 332 -29.00 22.06 -8.90
C VAL C 332 -28.81 20.79 -8.10
N THR C 333 -27.80 20.70 -7.24
CA THR C 333 -27.51 19.47 -6.46
C THR C 333 -27.67 19.62 -4.93
N ILE C 334 -27.17 20.72 -4.37
CA ILE C 334 -27.21 20.90 -2.92
C ILE C 334 -27.88 22.18 -2.50
N GLY C 335 -28.33 22.99 -3.46
CA GLY C 335 -29.02 24.24 -3.15
C GLY C 335 -30.44 23.92 -2.75
N ALA C 336 -31.23 24.95 -2.46
CA ALA C 336 -32.57 24.76 -1.90
C ALA C 336 -33.53 24.00 -2.82
N ASP C 337 -33.38 24.12 -4.14
CA ASP C 337 -34.22 23.39 -5.13
C ASP C 337 -33.45 22.26 -5.85
N GLY C 338 -32.33 21.88 -5.27
CA GLY C 338 -31.45 20.90 -5.89
C GLY C 338 -31.77 19.49 -5.43
N PHE C 339 -31.12 18.54 -6.09
CA PHE C 339 -31.20 17.17 -5.65
C PHE C 339 -30.12 16.33 -6.29
N SER C 340 -29.87 15.20 -5.65
CA SER C 340 -28.98 14.18 -6.15
C SER C 340 -29.55 12.80 -5.78
N PHE C 341 -29.09 11.80 -6.50
CA PHE C 341 -29.48 10.41 -6.28
C PHE C 341 -28.27 9.52 -6.17
N THR C 342 -28.43 8.39 -5.48
CA THR C 342 -27.45 7.34 -5.48
C THR C 342 -27.75 6.41 -6.65
N ARG C 343 -29.04 6.02 -6.78
CA ARG C 343 -29.50 5.18 -7.88
C ARG C 343 -30.61 5.93 -8.60
N ALA C 344 -30.43 6.12 -9.91
CA ALA C 344 -31.35 6.90 -10.75
C ALA C 344 -32.75 6.35 -10.60
N GLY C 345 -33.70 7.22 -10.24
CA GLY C 345 -35.10 6.86 -10.09
C GLY C 345 -35.49 6.34 -8.72
N ASP C 346 -34.55 6.28 -7.78
CA ASP C 346 -34.81 5.72 -6.46
C ASP C 346 -34.75 6.83 -5.41
N GLU C 347 -35.84 6.98 -4.64
CA GLU C 347 -35.89 8.00 -3.57
C GLU C 347 -35.05 7.61 -2.37
N ASP C 348 -34.88 6.31 -2.12
CA ASP C 348 -33.96 5.87 -1.08
C ASP C 348 -32.54 6.21 -1.57
N GLY C 349 -31.76 6.89 -0.73
CA GLY C 349 -30.42 7.35 -1.10
C GLY C 349 -30.39 8.66 -1.87
N SER C 350 -31.53 9.33 -1.98
CA SER C 350 -31.59 10.63 -2.65
C SER C 350 -31.62 11.76 -1.64
N TYR C 351 -31.18 12.93 -2.09
CA TYR C 351 -31.02 14.09 -1.26
C TYR C 351 -31.73 15.26 -1.95
N HIS C 352 -32.52 16.01 -1.18
CA HIS C 352 -33.31 17.14 -1.72
C HIS C 352 -33.09 18.35 -0.85
N GLY C 353 -32.65 19.46 -1.45
CA GLY C 353 -32.32 20.69 -0.72
C GLY C 353 -31.30 20.50 0.41
N GLN C 354 -30.31 19.62 0.18
CA GLN C 354 -29.39 19.14 1.24
C GLN C 354 -28.23 18.38 0.62
N GLU D 4 22.10 -1.60 -40.49
CA GLU D 4 22.06 -2.13 -41.87
C GLU D 4 20.63 -2.51 -42.26
N ILE D 5 19.63 -2.24 -41.40
CA ILE D 5 18.26 -2.19 -41.92
C ILE D 5 18.02 -0.76 -42.43
N PRO D 6 17.76 -0.60 -43.73
CA PRO D 6 17.65 0.77 -44.27
C PRO D 6 16.39 1.48 -43.78
N LYS D 7 16.45 2.80 -43.68
CA LYS D 7 15.27 3.64 -43.39
C LYS D 7 14.51 3.76 -44.69
N PRO D 8 13.22 3.35 -44.72
CA PRO D 8 12.46 3.51 -45.95
C PRO D 8 12.19 4.97 -46.31
N VAL D 9 11.98 5.24 -47.59
CA VAL D 9 11.42 6.51 -48.06
C VAL D 9 9.96 6.63 -47.64
N ALA D 10 9.20 5.53 -47.72
CA ALA D 10 7.80 5.50 -47.25
C ALA D 10 7.72 5.92 -45.79
N PRO D 11 6.72 6.74 -45.43
CA PRO D 11 6.56 7.20 -44.06
C PRO D 11 6.15 6.08 -43.08
N ALA D 12 6.72 6.10 -41.89
CA ALA D 12 6.40 5.13 -40.86
C ALA D 12 4.93 5.31 -40.46
N PRO D 13 4.25 4.22 -40.11
CA PRO D 13 2.92 4.35 -39.49
C PRO D 13 3.04 5.02 -38.15
N ASP D 14 2.00 5.76 -37.75
CA ASP D 14 1.98 6.35 -36.41
C ASP D 14 1.41 5.31 -35.39
N ILE D 15 2.31 4.77 -34.59
CA ILE D 15 2.00 3.69 -33.64
C ILE D 15 1.65 4.30 -32.32
N LEU D 16 0.48 3.92 -31.78
CA LEU D 16 -0.01 4.42 -30.47
C LEU D 16 0.66 3.73 -29.31
N ARG D 17 0.68 2.40 -29.33
CA ARG D 17 0.99 1.61 -28.15
C ARG D 17 0.97 0.12 -28.52
N CYS D 18 1.62 -0.68 -27.71
CA CYS D 18 1.36 -2.09 -27.71
C CYS D 18 -0.10 -2.31 -27.34
N ALA D 19 -0.75 -3.27 -27.98
CA ALA D 19 -2.19 -3.50 -27.79
C ALA D 19 -2.54 -4.91 -27.37
N TYR D 20 -2.02 -5.91 -28.06
CA TYR D 20 -2.26 -7.28 -27.63
C TYR D 20 -1.21 -8.24 -28.15
N ALA D 21 -1.09 -9.44 -27.53
CA ALA D 21 -0.26 -10.54 -28.04
C ALA D 21 -1.15 -11.72 -28.33
N GLU D 22 -0.82 -12.48 -29.36
CA GLU D 22 -1.49 -13.77 -29.58
C GLU D 22 -0.48 -14.83 -29.27
N LEU D 23 -0.71 -15.62 -28.23
CA LEU D 23 0.16 -16.68 -27.80
C LEU D 23 -0.50 -18.04 -28.16
N VAL D 24 0.29 -18.95 -28.74
CA VAL D 24 -0.16 -20.27 -28.98
C VAL D 24 0.13 -21.04 -27.70
N VAL D 25 -0.86 -21.81 -27.30
CA VAL D 25 -0.83 -22.61 -26.09
C VAL D 25 -1.24 -24.04 -26.41
N THR D 26 -0.72 -25.01 -25.68
CA THR D 26 -0.95 -26.42 -26.03
C THR D 26 -2.19 -26.97 -25.35
N ASP D 27 -2.55 -26.46 -24.18
CA ASP D 27 -3.72 -26.97 -23.47
C ASP D 27 -4.56 -25.78 -23.00
N LEU D 28 -5.62 -25.52 -23.75
CA LEU D 28 -6.40 -24.31 -23.50
C LEU D 28 -6.98 -24.22 -22.09
N ALA D 29 -7.45 -25.31 -21.54
CA ALA D 29 -8.05 -25.27 -20.22
C ALA D 29 -7.03 -25.00 -19.15
N LYS D 30 -5.85 -25.59 -19.24
CA LYS D 30 -4.80 -25.27 -18.28
C LYS D 30 -4.35 -23.83 -18.37
N SER D 31 -4.26 -23.30 -19.59
CA SER D 31 -3.92 -21.89 -19.79
C SER D 31 -5.06 -21.01 -19.30
N ARG D 32 -6.30 -21.44 -19.51
CA ARG D 32 -7.42 -20.65 -18.91
C ARG D 32 -7.34 -20.56 -17.40
N ASN D 33 -7.04 -21.67 -16.76
CA ASN D 33 -6.90 -21.67 -15.32
C ASN D 33 -5.85 -20.64 -14.85
N PHE D 34 -4.73 -20.57 -15.56
CA PHE D 34 -3.67 -19.64 -15.22
C PHE D 34 -4.07 -18.20 -15.42
N TYR D 35 -4.57 -17.86 -16.61
CA TYR D 35 -4.81 -16.47 -16.94
C TYR D 35 -6.07 -15.89 -16.31
N VAL D 36 -7.10 -16.73 -16.16
CA VAL D 36 -8.37 -16.26 -15.63
C VAL D 36 -8.45 -16.56 -14.14
N ASP D 37 -8.25 -17.81 -13.74
CA ASP D 37 -8.43 -18.16 -12.33
C ASP D 37 -7.32 -17.73 -11.42
N VAL D 38 -6.07 -17.83 -11.84
CA VAL D 38 -4.96 -17.35 -11.01
C VAL D 38 -4.78 -15.83 -11.16
N LEU D 39 -4.64 -15.36 -12.40
CA LEU D 39 -4.33 -13.96 -12.68
C LEU D 39 -5.50 -13.01 -12.78
N GLY D 40 -6.69 -13.52 -13.05
CA GLY D 40 -7.86 -12.69 -12.94
C GLY D 40 -8.15 -11.83 -14.16
N LEU D 41 -7.61 -12.17 -15.31
CA LEU D 41 -7.94 -11.44 -16.54
C LEU D 41 -9.39 -11.70 -16.93
N HIS D 42 -9.97 -10.79 -17.73
CA HIS D 42 -11.41 -10.80 -18.01
C HIS D 42 -11.65 -11.32 -19.36
N VAL D 43 -12.62 -12.22 -19.48
CA VAL D 43 -12.85 -12.90 -20.77
C VAL D 43 -13.72 -12.03 -21.65
N SER D 44 -13.26 -11.71 -22.84
CA SER D 44 -14.04 -10.97 -23.86
C SER D 44 -14.76 -11.94 -24.80
N TYR D 45 -14.18 -13.10 -25.06
CA TYR D 45 -14.80 -14.11 -25.91
C TYR D 45 -14.06 -15.40 -25.66
N GLU D 46 -14.73 -16.53 -25.70
CA GLU D 46 -13.97 -17.79 -25.72
C GLU D 46 -14.72 -18.89 -26.37
N ASP D 47 -13.99 -19.85 -26.92
CA ASP D 47 -14.57 -21.08 -27.46
C ASP D 47 -13.55 -22.20 -27.28
N GLU D 48 -13.74 -23.33 -27.97
CA GLU D 48 -12.82 -24.47 -27.78
C GLU D 48 -11.44 -24.23 -28.40
N ASN D 49 -11.28 -23.17 -29.19
CA ASN D 49 -10.04 -22.93 -29.93
C ASN D 49 -9.23 -21.76 -29.37
N GLN D 50 -9.91 -20.78 -28.79
CA GLN D 50 -9.22 -19.55 -28.37
C GLN D 50 -9.88 -18.93 -27.15
N ILE D 51 -9.12 -18.16 -26.39
CA ILE D 51 -9.69 -17.37 -25.30
C ILE D 51 -9.17 -15.98 -25.47
N TYR D 52 -10.08 -15.01 -25.44
CA TYR D 52 -9.72 -13.61 -25.60
C TYR D 52 -9.87 -12.93 -24.23
N LEU D 53 -8.81 -12.26 -23.82
CA LEU D 53 -8.68 -11.70 -22.47
C LEU D 53 -8.29 -10.25 -22.53
N ARG D 54 -8.83 -9.49 -21.59
CA ARG D 54 -8.49 -8.09 -21.40
C ARG D 54 -8.23 -7.74 -19.92
N SER D 55 -7.51 -6.66 -19.76
CA SER D 55 -7.20 -6.10 -18.46
C SER D 55 -8.35 -5.24 -17.94
N PHE D 56 -8.24 -4.83 -16.67
CA PHE D 56 -9.31 -4.12 -15.95
C PHE D 56 -9.67 -2.76 -16.58
N GLU D 57 -8.71 -2.04 -17.15
CA GLU D 57 -8.95 -0.71 -17.67
C GLU D 57 -9.14 -0.67 -19.18
N GLU D 58 -9.07 -1.80 -19.87
CA GLU D 58 -9.08 -1.79 -21.32
C GLU D 58 -10.47 -1.58 -21.90
N PHE D 59 -10.54 -0.87 -23.03
CA PHE D 59 -11.78 -0.72 -23.81
C PHE D 59 -11.73 -1.36 -25.19
N ILE D 60 -10.53 -1.66 -25.74
CA ILE D 60 -10.46 -2.42 -26.98
C ILE D 60 -10.78 -3.88 -26.62
N HIS D 61 -10.98 -4.73 -27.64
CA HIS D 61 -11.61 -6.03 -27.41
C HIS D 61 -10.79 -6.94 -26.52
N HIS D 62 -9.47 -6.88 -26.64
CA HIS D 62 -8.60 -7.74 -25.85
C HIS D 62 -7.17 -7.26 -25.82
N ASN D 63 -6.46 -7.75 -24.80
CA ASN D 63 -5.01 -7.58 -24.68
C ASN D 63 -4.22 -8.88 -24.90
N LEU D 64 -4.91 -10.01 -24.89
CA LEU D 64 -4.27 -11.31 -24.98
C LEU D 64 -5.21 -12.29 -25.64
N VAL D 65 -4.70 -12.99 -26.65
CA VAL D 65 -5.45 -14.05 -27.33
C VAL D 65 -4.66 -15.33 -27.10
N LEU D 66 -5.29 -16.29 -26.46
CA LEU D 66 -4.72 -17.62 -26.30
C LEU D 66 -5.31 -18.51 -27.39
N THR D 67 -4.43 -19.01 -28.24
CA THR D 67 -4.84 -19.84 -29.41
C THR D 67 -4.32 -21.23 -29.22
N LYS D 68 -5.19 -22.22 -29.17
CA LYS D 68 -4.74 -23.62 -29.11
C LYS D 68 -3.97 -24.01 -30.35
N GLY D 69 -2.82 -24.65 -30.14
CA GLY D 69 -1.98 -25.13 -31.25
C GLY D 69 -0.97 -26.18 -30.79
N PRO D 70 -0.30 -26.84 -31.75
CA PRO D 70 0.65 -27.94 -31.47
C PRO D 70 1.93 -27.50 -30.74
N VAL D 71 2.38 -26.27 -31.02
CA VAL D 71 3.64 -25.80 -30.51
C VAL D 71 3.48 -24.42 -29.90
N ALA D 72 3.83 -24.31 -28.63
CA ALA D 72 3.60 -23.07 -27.92
C ALA D 72 4.63 -22.05 -28.42
N ALA D 73 4.19 -20.82 -28.65
CA ALA D 73 4.98 -19.83 -29.35
C ALA D 73 4.18 -18.52 -29.37
N LEU D 74 4.89 -17.44 -29.64
CA LEU D 74 4.26 -16.18 -29.97
C LEU D 74 3.81 -16.21 -31.40
N LYS D 75 2.55 -15.92 -31.64
CA LYS D 75 2.07 -15.88 -33.03
C LYS D 75 2.00 -14.45 -33.59
N ALA D 76 1.66 -13.47 -32.72
CA ALA D 76 1.67 -12.07 -33.14
C ALA D 76 1.81 -11.14 -31.97
N MET D 77 2.62 -10.10 -32.13
N MET D 77 2.69 -10.13 -32.13
CA MET D 77 2.62 -9.01 -31.20
CA MET D 77 2.74 -8.94 -31.25
C MET D 77 2.07 -7.78 -31.92
C MET D 77 2.01 -7.84 -32.00
N ALA D 78 0.95 -7.26 -31.41
CA ALA D 78 0.15 -6.26 -32.10
C ALA D 78 0.27 -4.88 -31.45
N PHE D 79 0.34 -3.88 -32.33
CA PHE D 79 0.45 -2.45 -32.02
C PHE D 79 -0.69 -1.76 -32.67
N ARG D 80 -1.42 -0.96 -31.90
CA ARG D 80 -2.47 -0.19 -32.47
C ARG D 80 -1.88 1.07 -33.10
N VAL D 81 -2.36 1.41 -34.29
CA VAL D 81 -1.95 2.64 -35.02
C VAL D 81 -3.01 3.71 -34.91
N ARG D 82 -2.68 4.95 -35.19
CA ARG D 82 -3.55 6.06 -34.84
C ARG D 82 -4.78 6.22 -35.73
N THR D 83 -4.66 5.85 -36.99
CA THR D 83 -5.76 5.97 -37.96
C THR D 83 -5.83 4.75 -38.88
N PRO D 84 -6.98 4.52 -39.54
CA PRO D 84 -7.05 3.44 -40.55
C PRO D 84 -5.97 3.56 -41.61
N GLU D 85 -5.67 4.80 -42.03
CA GLU D 85 -4.68 5.05 -43.08
C GLU D 85 -3.27 4.61 -42.64
N ASP D 86 -2.99 4.58 -41.34
CA ASP D 86 -1.69 4.08 -40.87
C ASP D 86 -1.44 2.61 -41.13
N VAL D 87 -2.50 1.82 -41.29
CA VAL D 87 -2.32 0.41 -41.68
C VAL D 87 -1.78 0.32 -43.12
N ASP D 88 -2.33 1.13 -44.04
CA ASP D 88 -1.76 1.24 -45.36
C ASP D 88 -0.29 1.74 -45.29
N LYS D 89 0.00 2.71 -44.42
CA LYS D 89 1.36 3.17 -44.28
C LYS D 89 2.26 2.01 -43.83
N ALA D 90 1.82 1.23 -42.85
CA ALA D 90 2.60 0.06 -42.40
C ALA D 90 2.87 -0.91 -43.55
N GLU D 91 1.88 -1.08 -44.41
CA GLU D 91 2.02 -2.05 -45.49
C GLU D 91 3.07 -1.57 -46.47
N ALA D 92 3.03 -0.29 -46.82
CA ALA D 92 3.99 0.27 -47.80
C ALA D 92 5.41 0.27 -47.20
N TYR D 93 5.48 0.50 -45.90
CA TYR D 93 6.77 0.60 -45.18
C TYR D 93 7.48 -0.77 -45.17
N TYR D 94 6.76 -1.80 -44.78
CA TYR D 94 7.38 -3.11 -44.71
C TYR D 94 7.61 -3.72 -46.10
N GLN D 95 6.79 -3.33 -47.07
CA GLN D 95 7.04 -3.77 -48.43
C GLN D 95 8.34 -3.19 -48.94
N GLU D 96 8.66 -1.96 -48.56
CA GLU D 96 9.90 -1.32 -49.00
C GLU D 96 11.10 -1.92 -48.27
N LEU D 97 10.92 -2.36 -47.02
CA LEU D 97 11.94 -3.12 -46.31
C LEU D 97 12.15 -4.52 -46.90
N GLY D 98 11.31 -4.95 -47.83
CA GLY D 98 11.37 -6.29 -48.37
C GLY D 98 10.88 -7.39 -47.43
N CYS D 99 9.99 -7.05 -46.51
CA CYS D 99 9.43 -8.06 -45.62
C CYS D 99 8.15 -8.70 -46.16
N ARG D 100 7.96 -9.97 -45.83
CA ARG D 100 6.71 -10.63 -46.06
C ARG D 100 5.58 -9.99 -45.25
N THR D 101 4.50 -9.65 -45.95
CA THR D 101 3.33 -9.09 -45.30
C THR D 101 2.08 -9.88 -45.69
N GLU D 102 1.08 -9.81 -44.79
CA GLU D 102 -0.25 -10.34 -45.04
C GLU D 102 -1.30 -9.36 -44.48
N ARG D 103 -2.21 -8.95 -45.34
CA ARG D 103 -3.28 -8.01 -45.01
C ARG D 103 -4.63 -8.71 -45.01
N ARG D 104 -5.41 -8.55 -43.95
CA ARG D 104 -6.78 -9.06 -43.87
C ARG D 104 -7.74 -7.94 -43.51
N LYS D 105 -8.60 -7.58 -44.46
CA LYS D 105 -9.58 -6.52 -44.18
C LYS D 105 -10.51 -6.78 -43.03
N ASP D 106 -10.72 -8.07 -42.77
N ASP D 106 -10.82 -8.03 -42.69
CA ASP D 106 -11.61 -8.64 -41.77
CA ASP D 106 -11.67 -8.28 -41.50
C ASP D 106 -10.94 -8.93 -40.40
C ASP D 106 -10.92 -8.99 -40.37
N GLY D 107 -9.61 -8.80 -40.32
CA GLY D 107 -8.85 -9.24 -39.16
C GLY D 107 -8.32 -10.66 -39.19
N PHE D 108 -7.36 -10.93 -38.31
CA PHE D 108 -6.78 -12.26 -38.11
C PHE D 108 -7.38 -12.92 -36.88
N VAL D 109 -7.78 -12.10 -35.90
CA VAL D 109 -8.44 -12.59 -34.69
C VAL D 109 -9.75 -11.81 -34.49
N LYS D 110 -10.65 -12.35 -33.69
CA LYS D 110 -11.92 -11.66 -33.41
C LYS D 110 -11.75 -10.33 -32.72
N GLY D 111 -12.59 -9.37 -33.09
CA GLY D 111 -12.62 -8.07 -32.39
C GLY D 111 -11.58 -7.12 -32.92
N ILE D 112 -10.80 -7.57 -33.92
CA ILE D 112 -9.90 -6.70 -34.66
C ILE D 112 -10.41 -6.65 -36.12
N GLY D 113 -10.44 -5.47 -36.70
CA GLY D 113 -10.81 -5.32 -38.09
C GLY D 113 -9.56 -5.32 -38.97
N ASP D 114 -9.50 -4.41 -39.92
CA ASP D 114 -8.46 -4.39 -40.94
C ASP D 114 -7.05 -4.42 -40.32
N ALA D 115 -6.27 -5.42 -40.67
CA ALA D 115 -5.02 -5.61 -39.96
C ALA D 115 -3.95 -6.10 -40.90
N LEU D 116 -2.71 -5.75 -40.59
CA LEU D 116 -1.56 -6.20 -41.36
C LEU D 116 -0.62 -6.96 -40.43
N ARG D 117 -0.25 -8.18 -40.83
CA ARG D 117 0.79 -8.93 -40.13
C ARG D 117 2.02 -8.98 -41.01
N VAL D 118 3.19 -8.84 -40.40
CA VAL D 118 4.44 -8.86 -41.13
C VAL D 118 5.44 -9.76 -40.41
N GLU D 119 6.34 -10.38 -41.17
CA GLU D 119 7.56 -10.95 -40.63
C GLU D 119 8.60 -9.85 -40.69
N ASP D 120 8.93 -9.27 -39.52
CA ASP D 120 9.74 -8.08 -39.51
C ASP D 120 11.24 -8.41 -39.74
N PRO D 121 12.10 -7.39 -39.87
CA PRO D 121 13.50 -7.71 -40.24
C PRO D 121 14.28 -8.43 -39.15
N LEU D 122 13.73 -8.46 -37.94
CA LEU D 122 14.32 -9.23 -36.83
C LEU D 122 13.66 -10.59 -36.67
N GLY D 123 12.75 -10.96 -37.56
CA GLY D 123 12.12 -12.27 -37.52
C GLY D 123 10.85 -12.32 -36.67
N PHE D 124 10.36 -11.19 -36.20
CA PHE D 124 9.20 -11.14 -35.33
C PHE D 124 7.89 -10.93 -36.11
N PRO D 125 6.81 -11.58 -35.64
CA PRO D 125 5.52 -11.36 -36.26
C PRO D 125 4.83 -10.17 -35.62
N TYR D 126 4.89 -9.04 -36.28
CA TYR D 126 4.22 -7.84 -35.84
C TYR D 126 2.86 -7.75 -36.53
N GLU D 127 1.84 -7.29 -35.79
CA GLU D 127 0.58 -6.87 -36.35
C GLU D 127 0.39 -5.36 -36.13
N PHE D 128 -0.16 -4.70 -37.16
CA PHE D 128 -0.63 -3.31 -37.06
C PHE D 128 -2.12 -3.25 -37.40
N PHE D 129 -2.89 -2.57 -36.57
CA PHE D 129 -4.33 -2.43 -36.79
C PHE D 129 -4.80 -1.10 -36.15
N PHE D 130 -5.90 -0.57 -36.68
CA PHE D 130 -6.65 0.51 -36.02
C PHE D 130 -8.01 -0.01 -35.48
N GLU D 131 -8.81 -0.59 -36.38
CA GLU D 131 -10.19 -1.01 -36.08
C GLU D 131 -10.24 -2.13 -35.04
N THR D 132 -11.08 -1.94 -34.03
CA THR D 132 -11.26 -2.93 -32.98
C THR D 132 -12.64 -2.72 -32.38
N THR D 133 -13.26 -3.82 -31.98
CA THR D 133 -14.55 -3.81 -31.29
C THR D 133 -14.43 -3.33 -29.85
N HIS D 134 -15.08 -2.24 -29.51
CA HIS D 134 -15.05 -1.72 -28.13
C HIS D 134 -15.86 -2.58 -27.22
N VAL D 135 -15.40 -2.74 -25.97
CA VAL D 135 -16.11 -3.53 -25.01
C VAL D 135 -16.34 -2.65 -23.75
N GLU D 136 -17.06 -3.17 -22.78
CA GLU D 136 -17.26 -2.46 -21.49
C GLU D 136 -15.91 -2.27 -20.79
N ARG D 137 -15.59 -1.00 -20.58
CA ARG D 137 -14.35 -0.67 -19.88
C ARG D 137 -14.60 -0.90 -18.40
N LEU D 138 -13.89 -1.86 -17.81
CA LEU D 138 -14.14 -2.28 -16.44
C LEU D 138 -13.52 -1.49 -15.31
N HIS D 139 -13.01 -0.31 -15.61
CA HIS D 139 -12.14 0.41 -14.68
C HIS D 139 -12.76 0.82 -13.37
N MET D 140 -14.08 0.88 -13.26
CA MET D 140 -14.72 1.21 -12.01
C MET D 140 -15.58 0.03 -11.47
N ARG D 141 -15.36 -1.15 -12.01
CA ARG D 141 -16.09 -2.34 -11.58
C ARG D 141 -15.40 -2.98 -10.37
N TYR D 142 -15.40 -2.21 -9.28
CA TYR D 142 -14.77 -2.65 -8.03
C TYR D 142 -15.48 -3.84 -7.40
N ASP D 143 -16.69 -4.15 -7.85
CA ASP D 143 -17.34 -5.41 -7.52
C ASP D 143 -16.62 -6.62 -8.12
N LEU D 144 -15.81 -6.41 -9.15
CA LEU D 144 -15.01 -7.46 -9.82
C LEU D 144 -13.52 -7.46 -9.44
N TYR D 145 -13.06 -6.38 -8.82
CA TYR D 145 -11.64 -6.10 -8.65
C TYR D 145 -11.01 -7.14 -7.74
N SER D 146 -9.95 -7.76 -8.19
N SER D 146 -9.91 -7.70 -8.22
CA SER D 146 -9.25 -8.75 -7.36
CA SER D 146 -9.12 -8.69 -7.49
C SER D 146 -8.08 -8.09 -6.69
C SER D 146 -8.08 -8.01 -6.62
N ALA D 147 -7.63 -8.71 -5.59
CA ALA D 147 -6.51 -8.25 -4.82
C ALA D 147 -5.20 -8.17 -5.66
N GLY D 148 -5.13 -8.92 -6.74
CA GLY D 148 -3.98 -8.88 -7.64
C GLY D 148 -4.32 -8.31 -9.03
N GLU D 149 -5.32 -7.45 -9.10
CA GLU D 149 -5.87 -6.96 -10.41
C GLU D 149 -4.81 -6.44 -11.41
N LEU D 150 -4.83 -7.03 -12.61
CA LEU D 150 -4.07 -6.56 -13.77
C LEU D 150 -4.90 -5.49 -14.52
N VAL D 151 -4.34 -4.27 -14.57
CA VAL D 151 -5.10 -3.13 -15.03
C VAL D 151 -4.87 -2.69 -16.46
N ARG D 152 -3.67 -2.95 -17.00
N ARG D 152 -3.66 -2.87 -17.00
CA ARG D 152 -3.29 -2.55 -18.35
CA ARG D 152 -3.37 -2.53 -18.40
C ARG D 152 -2.30 -3.56 -18.93
C ARG D 152 -2.28 -3.47 -18.94
N LEU D 153 -2.25 -3.63 -20.25
CA LEU D 153 -1.10 -4.22 -20.95
C LEU D 153 -0.03 -3.13 -21.05
N ASP D 154 1.20 -3.39 -20.61
CA ASP D 154 2.24 -2.35 -20.65
C ASP D 154 3.21 -2.53 -21.80
N HIS D 155 3.77 -3.72 -22.02
CA HIS D 155 4.84 -3.84 -23.01
C HIS D 155 5.15 -5.27 -23.37
N PHE D 156 5.96 -5.40 -24.41
CA PHE D 156 6.55 -6.65 -24.82
C PHE D 156 8.07 -6.58 -24.63
N ASN D 157 8.73 -7.72 -24.56
CA ASN D 157 10.19 -7.73 -24.55
C ASN D 157 10.67 -8.85 -25.47
N GLN D 158 11.51 -8.47 -26.43
CA GLN D 158 11.96 -9.33 -27.52
C GLN D 158 13.40 -9.71 -27.35
N VAL D 159 13.74 -10.99 -27.57
CA VAL D 159 15.16 -11.42 -27.60
C VAL D 159 15.69 -11.43 -29.03
N THR D 160 16.81 -10.73 -29.25
CA THR D 160 17.40 -10.61 -30.59
C THR D 160 18.92 -10.54 -30.44
N PRO D 161 19.67 -11.13 -31.41
CA PRO D 161 21.12 -11.26 -31.22
C PRO D 161 21.93 -9.95 -31.27
N ASP D 162 21.46 -8.99 -32.03
CA ASP D 162 22.18 -7.74 -32.28
C ASP D 162 21.29 -6.56 -31.89
N VAL D 163 21.50 -6.03 -30.68
CA VAL D 163 20.61 -5.02 -30.13
C VAL D 163 20.69 -3.73 -30.95
N PRO D 164 21.91 -3.18 -31.24
CA PRO D 164 21.90 -1.94 -32.05
C PRO D 164 21.24 -2.00 -33.40
N ARG D 165 21.28 -3.15 -34.08
CA ARG D 165 20.63 -3.32 -35.40
C ARG D 165 19.11 -3.17 -35.24
N GLY D 166 18.60 -3.81 -34.22
CA GLY D 166 17.15 -3.72 -33.92
C GLY D 166 16.71 -2.37 -33.44
N ARG D 167 17.53 -1.75 -32.58
N ARG D 167 17.54 -1.78 -32.58
CA ARG D 167 17.18 -0.45 -32.04
CA ARG D 167 17.29 -0.45 -32.04
C ARG D 167 17.12 0.62 -33.14
C ARG D 167 17.11 0.58 -33.14
N LYS D 168 18.04 0.60 -34.08
CA LYS D 168 18.02 1.52 -35.20
C LYS D 168 16.71 1.42 -35.99
N TYR D 169 16.35 0.17 -36.28
CA TYR D 169 15.12 -0.14 -37.01
C TYR D 169 13.88 0.35 -36.22
N LEU D 170 13.85 0.14 -34.90
CA LEU D 170 12.71 0.62 -34.11
C LEU D 170 12.67 2.12 -34.02
N GLU D 171 13.85 2.77 -34.00
CA GLU D 171 13.90 4.24 -33.98
C GLU D 171 13.29 4.82 -35.27
N ASP D 172 13.58 4.22 -36.40
CA ASP D 172 13.00 4.66 -37.68
C ASP D 172 11.48 4.46 -37.73
N LEU D 173 11.00 3.42 -37.05
CA LEU D 173 9.53 3.23 -36.81
C LEU D 173 8.89 4.20 -35.84
N GLY D 174 9.70 5.03 -35.18
CA GLY D 174 9.22 6.08 -34.31
C GLY D 174 9.37 5.84 -32.83
N PHE D 175 9.84 4.66 -32.45
CA PHE D 175 10.08 4.31 -31.05
C PHE D 175 11.26 5.10 -30.56
N ARG D 176 11.21 5.64 -29.33
CA ARG D 176 12.35 6.36 -28.75
C ARG D 176 12.95 5.61 -27.58
N VAL D 177 14.27 5.52 -27.60
CA VAL D 177 14.97 4.81 -26.54
C VAL D 177 14.93 5.62 -25.28
N THR D 178 14.63 4.94 -24.18
CA THR D 178 14.55 5.56 -22.86
C THR D 178 15.73 5.15 -22.02
N GLU D 179 16.01 3.86 -21.97
CA GLU D 179 17.11 3.32 -21.17
C GLU D 179 17.84 2.23 -21.93
N ASP D 180 19.09 1.97 -21.57
CA ASP D 180 19.81 0.84 -22.12
C ASP D 180 20.89 0.36 -21.19
N ILE D 181 21.46 -0.80 -21.53
CA ILE D 181 22.52 -1.38 -20.71
C ILE D 181 23.70 -1.67 -21.65
N GLN D 182 24.86 -1.18 -21.28
CA GLN D 182 26.07 -1.26 -22.12
C GLN D 182 27.28 -1.58 -21.27
N ASP D 183 28.39 -1.99 -21.89
CA ASP D 183 29.62 -1.99 -21.14
C ASP D 183 30.59 -0.92 -21.64
N ASP D 184 31.72 -0.81 -20.97
CA ASP D 184 32.69 0.21 -21.32
C ASP D 184 33.40 -0.02 -22.68
N GLU D 185 33.32 -1.21 -23.26
N GLU D 185 33.26 -1.22 -23.22
CA GLU D 185 33.95 -1.47 -24.57
CA GLU D 185 33.91 -1.66 -24.44
C GLU D 185 32.89 -1.69 -25.64
C GLU D 185 32.93 -1.62 -25.62
N GLY D 186 31.77 -0.99 -25.45
CA GLY D 186 30.87 -0.72 -26.52
C GLY D 186 29.82 -1.76 -26.86
N THR D 187 29.69 -2.82 -26.06
CA THR D 187 28.64 -3.80 -26.29
C THR D 187 27.33 -3.31 -25.63
N THR D 188 26.23 -3.43 -26.38
CA THR D 188 24.87 -3.18 -25.91
C THR D 188 24.22 -4.49 -25.60
N TYR D 189 23.66 -4.61 -24.39
CA TYR D 189 22.99 -5.81 -23.92
C TYR D 189 21.47 -5.74 -23.96
N ALA D 190 20.92 -4.55 -23.88
CA ALA D 190 19.47 -4.36 -23.78
C ALA D 190 19.12 -2.88 -24.05
N ALA D 191 17.95 -2.68 -24.62
CA ALA D 191 17.44 -1.34 -24.86
C ALA D 191 15.92 -1.31 -24.69
N TRP D 192 15.40 -0.21 -24.16
CA TRP D 192 13.98 -0.02 -23.92
C TRP D 192 13.51 1.16 -24.75
N MET D 193 12.34 1.03 -25.35
CA MET D 193 11.86 2.06 -26.28
C MET D 193 10.33 2.16 -26.33
N HIS D 194 9.85 3.38 -26.56
CA HIS D 194 8.44 3.65 -26.32
C HIS D 194 7.83 4.44 -27.42
N ARG D 195 6.49 4.38 -27.46
CA ARG D 195 5.65 5.32 -28.20
C ARG D 195 4.64 6.01 -27.25
N LYS D 196 4.10 5.32 -26.25
CA LYS D 196 2.97 5.86 -25.47
C LYS D 196 3.31 6.71 -24.24
N GLY D 197 4.56 7.02 -24.00
CA GLY D 197 4.89 7.96 -22.93
C GLY D 197 5.24 7.25 -21.62
N THR D 198 5.40 5.93 -21.65
CA THR D 198 5.97 5.17 -20.52
C THR D 198 7.40 4.74 -20.91
N VAL D 199 8.10 4.02 -20.04
CA VAL D 199 9.45 3.60 -20.33
C VAL D 199 9.53 2.77 -21.59
N HIS D 200 8.54 1.91 -21.83
CA HIS D 200 8.55 1.13 -23.05
C HIS D 200 7.26 0.61 -23.50
N ASP D 201 7.19 0.34 -24.82
CA ASP D 201 6.14 -0.48 -25.41
C ASP D 201 6.76 -1.78 -25.86
N THR D 202 8.02 -1.72 -26.29
CA THR D 202 8.77 -2.93 -26.52
C THR D 202 10.22 -2.68 -26.10
N ALA D 203 10.96 -3.74 -26.00
CA ALA D 203 12.33 -3.71 -25.46
C ALA D 203 13.05 -4.82 -26.14
N LEU D 204 14.37 -4.64 -26.31
CA LEU D 204 15.20 -5.65 -26.93
C LEU D 204 16.21 -6.16 -25.92
N THR D 205 16.31 -7.48 -25.78
CA THR D 205 17.22 -8.10 -24.86
C THR D 205 18.20 -8.86 -25.76
N GLY D 206 19.51 -8.64 -25.61
CA GLY D 206 20.49 -9.36 -26.43
C GLY D 206 20.47 -10.85 -26.13
N GLY D 207 20.34 -11.71 -27.15
CA GLY D 207 20.37 -13.14 -26.94
C GLY D 207 20.02 -13.84 -28.24
N ASN D 208 20.11 -15.15 -28.27
CA ASN D 208 19.68 -15.89 -29.45
C ASN D 208 18.22 -15.60 -29.78
N GLY D 209 17.91 -15.37 -31.05
CA GLY D 209 16.60 -14.89 -31.43
C GLY D 209 16.28 -15.09 -32.87
N PRO D 210 15.01 -14.86 -33.26
CA PRO D 210 13.96 -14.21 -32.49
C PRO D 210 13.31 -15.12 -31.48
N ARG D 211 13.19 -14.61 -30.25
CA ARG D 211 12.36 -15.24 -29.24
C ARG D 211 11.61 -14.14 -28.48
N LEU D 212 10.47 -14.47 -27.92
CA LEU D 212 9.70 -13.50 -27.10
C LEU D 212 10.12 -13.70 -25.64
N HIS D 213 10.68 -12.66 -25.03
CA HIS D 213 11.10 -12.81 -23.66
C HIS D 213 9.90 -12.79 -22.73
N HIS D 214 9.04 -11.79 -22.83
CA HIS D 214 7.86 -11.68 -22.00
C HIS D 214 6.85 -10.73 -22.53
N VAL D 215 5.63 -10.80 -21.96
CA VAL D 215 4.59 -9.80 -22.08
C VAL D 215 4.31 -9.28 -20.67
N ALA D 216 4.15 -7.98 -20.52
CA ALA D 216 4.01 -7.36 -19.21
C ALA D 216 2.66 -6.70 -19.04
N PHE D 217 2.05 -6.91 -17.89
CA PHE D 217 0.82 -6.25 -17.49
C PHE D 217 1.10 -5.39 -16.27
N SER D 218 0.37 -4.28 -16.13
N SER D 218 0.37 -4.29 -16.08
CA SER D 218 0.51 -3.41 -14.95
CA SER D 218 0.61 -3.47 -14.92
C SER D 218 -0.50 -3.73 -13.84
C SER D 218 -0.51 -3.62 -13.88
N THR D 219 -0.19 -3.31 -12.62
CA THR D 219 -1.18 -3.20 -11.56
C THR D 219 -1.20 -1.74 -11.11
N HIS D 220 -2.18 -1.39 -10.28
CA HIS D 220 -2.22 -0.06 -9.68
C HIS D 220 -1.12 0.15 -8.69
N GLU D 221 -0.91 -0.81 -7.79
CA GLU D 221 -0.04 -0.60 -6.63
C GLU D 221 0.86 -1.80 -6.39
N LYS D 222 1.84 -1.60 -5.54
CA LYS D 222 2.82 -2.62 -5.32
C LYS D 222 2.23 -3.81 -4.56
N HIS D 223 1.25 -3.54 -3.70
CA HIS D 223 0.66 -4.62 -2.95
C HIS D 223 -0.08 -5.55 -3.83
N ASN D 224 -0.53 -5.10 -5.01
CA ASN D 224 -1.19 -5.99 -5.94
C ASN D 224 -0.25 -7.06 -6.48
N ILE D 225 1.01 -6.69 -6.69
CA ILE D 225 2.01 -7.65 -7.11
C ILE D 225 2.34 -8.62 -5.98
N ILE D 226 2.47 -8.11 -4.77
N ILE D 226 2.47 -8.11 -4.77
CA ILE D 226 2.70 -8.97 -3.61
CA ILE D 226 2.70 -8.98 -3.61
C ILE D 226 1.59 -10.03 -3.48
C ILE D 226 1.59 -10.03 -3.50
N GLN D 227 0.35 -9.63 -3.72
CA GLN D 227 -0.79 -10.55 -3.64
C GLN D 227 -0.68 -11.67 -4.67
N ILE D 228 -0.22 -11.35 -5.86
CA ILE D 228 -0.01 -12.42 -6.90
C ILE D 228 0.95 -13.49 -6.37
N CYS D 229 2.06 -13.08 -5.78
CA CYS D 229 2.99 -14.01 -5.15
C CYS D 229 2.32 -14.82 -4.05
N ASP D 230 1.63 -14.13 -3.17
CA ASP D 230 0.98 -14.76 -2.01
C ASP D 230 -0.01 -15.80 -2.52
N LYS D 231 -0.78 -15.44 -3.55
CA LYS D 231 -1.75 -16.36 -4.12
C LYS D 231 -1.10 -17.61 -4.71
N MET D 232 0.02 -17.41 -5.41
CA MET D 232 0.76 -18.52 -6.03
C MET D 232 1.32 -19.44 -4.93
N GLY D 233 1.71 -18.88 -3.80
CA GLY D 233 2.10 -19.72 -2.68
C GLY D 233 0.95 -20.53 -2.11
N ALA D 234 -0.23 -19.90 -1.97
CA ALA D 234 -1.39 -20.59 -1.47
C ALA D 234 -1.87 -21.72 -2.38
N LEU D 235 -1.72 -21.50 -3.67
CA LEU D 235 -2.04 -22.50 -4.68
C LEU D 235 -0.93 -23.55 -4.86
N ARG D 236 0.18 -23.40 -4.12
CA ARG D 236 1.30 -24.30 -4.14
C ARG D 236 1.91 -24.39 -5.56
N ILE D 237 1.96 -23.26 -6.23
CA ILE D 237 2.61 -23.10 -7.54
C ILE D 237 3.73 -22.03 -7.46
N SER D 238 4.40 -21.93 -6.29
CA SER D 238 5.48 -20.98 -6.14
C SER D 238 6.67 -21.31 -7.08
N ASP D 239 6.71 -22.55 -7.55
CA ASP D 239 7.75 -22.92 -8.48
C ASP D 239 7.55 -22.20 -9.83
N ARG D 240 6.36 -21.65 -10.06
CA ARG D 240 6.10 -20.87 -11.28
C ARG D 240 6.39 -19.35 -11.13
N ILE D 241 6.87 -18.96 -9.96
CA ILE D 241 7.37 -17.59 -9.73
C ILE D 241 8.85 -17.69 -10.13
N GLU D 242 9.24 -17.01 -11.18
CA GLU D 242 10.57 -17.15 -11.75
C GLU D 242 11.54 -16.20 -11.05
N ARG D 243 11.13 -14.97 -10.89
CA ARG D 243 12.05 -13.92 -10.50
C ARG D 243 11.25 -12.81 -9.85
N GLY D 244 11.70 -12.36 -8.69
CA GLY D 244 11.06 -11.23 -8.01
C GLY D 244 10.27 -11.70 -6.82
N PRO D 245 9.45 -10.82 -6.25
CA PRO D 245 9.27 -9.48 -6.70
C PRO D 245 10.47 -8.60 -6.39
N GLY D 246 10.52 -7.51 -7.13
CA GLY D 246 11.58 -6.54 -6.89
C GLY D 246 11.29 -5.17 -7.43
N ARG D 247 12.31 -4.31 -7.29
CA ARG D 247 12.33 -2.98 -7.89
C ARG D 247 13.34 -3.04 -9.02
N HIS D 248 12.97 -2.63 -10.23
CA HIS D 248 13.92 -2.57 -11.30
C HIS D 248 14.79 -1.38 -11.13
N GLY D 249 16.04 -1.49 -11.57
CA GLY D 249 16.87 -0.27 -11.81
C GLY D 249 16.39 0.46 -13.05
N VAL D 250 16.66 -0.15 -14.20
CA VAL D 250 16.09 0.30 -15.47
C VAL D 250 14.57 0.34 -15.29
N SER D 251 13.99 1.47 -15.57
CA SER D 251 12.52 1.73 -15.48
C SER D 251 12.02 2.17 -14.17
N ASN D 252 12.69 1.81 -13.07
CA ASN D 252 12.22 2.10 -11.72
C ASN D 252 10.91 1.45 -11.30
N ALA D 253 10.46 0.47 -12.07
CA ALA D 253 9.20 -0.17 -11.81
C ALA D 253 9.33 -1.30 -10.78
N PHE D 254 8.27 -1.53 -10.04
CA PHE D 254 8.15 -2.69 -9.17
C PHE D 254 7.63 -3.84 -10.04
N TYR D 255 8.21 -5.02 -9.89
CA TYR D 255 8.03 -6.11 -10.86
C TYR D 255 7.98 -7.49 -10.27
N LEU D 256 7.46 -8.39 -11.10
CA LEU D 256 7.47 -9.85 -10.86
C LEU D 256 7.49 -10.56 -12.20
N PHE D 257 8.16 -11.70 -12.27
CA PHE D 257 8.12 -12.56 -13.48
C PHE D 257 7.60 -13.91 -13.09
N ILE D 258 6.58 -14.35 -13.82
CA ILE D 258 5.99 -15.66 -13.58
C ILE D 258 5.93 -16.42 -14.89
N LEU D 259 5.69 -17.75 -14.82
CA LEU D 259 5.69 -18.56 -16.00
C LEU D 259 4.33 -19.24 -16.15
N ASP D 260 3.69 -19.09 -17.30
CA ASP D 260 2.47 -19.78 -17.62
C ASP D 260 2.70 -21.30 -17.89
N PRO D 261 1.61 -22.07 -18.07
CA PRO D 261 1.71 -23.53 -18.25
C PRO D 261 2.57 -24.00 -19.44
N ASP D 262 2.76 -23.15 -20.44
CA ASP D 262 3.65 -23.50 -21.57
C ASP D 262 5.00 -22.81 -21.45
N ASN D 263 5.31 -22.31 -20.25
N ASN D 263 5.31 -22.31 -20.25
CA ASN D 263 6.53 -21.56 -19.96
CA ASN D 263 6.51 -21.53 -19.98
C ASN D 263 6.63 -20.17 -20.59
C ASN D 263 6.65 -20.22 -20.71
N HIS D 264 5.53 -19.65 -21.16
CA HIS D 264 5.55 -18.26 -21.58
C HIS D 264 5.73 -17.41 -20.33
N ARG D 265 6.64 -16.44 -20.40
CA ARG D 265 6.91 -15.56 -19.29
C ARG D 265 6.04 -14.33 -19.27
N ILE D 266 5.37 -14.08 -18.14
CA ILE D 266 4.59 -12.89 -17.92
C ILE D 266 5.22 -12.03 -16.84
N GLU D 267 5.33 -10.73 -17.12
CA GLU D 267 5.79 -9.74 -16.14
C GLU D 267 4.58 -9.00 -15.60
N ILE D 268 4.56 -8.77 -14.28
CA ILE D 268 3.62 -7.86 -13.67
C ILE D 268 4.48 -6.66 -13.20
N TYR D 269 4.02 -5.44 -13.46
CA TYR D 269 4.86 -4.24 -13.43
C TYR D 269 4.03 -3.08 -12.90
N THR D 270 4.64 -2.18 -12.14
CA THR D 270 3.93 -0.96 -11.79
C THR D 270 4.86 0.18 -11.52
N GLN D 271 4.40 1.39 -11.79
CA GLN D 271 5.04 2.63 -11.34
C GLN D 271 6.39 3.02 -11.94
N ASP D 272 6.48 2.83 -13.25
CA ASP D 272 7.52 3.54 -14.00
C ASP D 272 7.14 5.03 -14.18
N TYR D 273 7.90 5.77 -14.99
CA TYR D 273 7.82 7.22 -15.08
C TYR D 273 7.45 7.71 -16.49
N TYR D 274 7.14 8.99 -16.58
CA TYR D 274 6.72 9.66 -17.84
C TYR D 274 7.92 9.93 -18.76
N THR D 275 7.77 9.54 -20.03
CA THR D 275 8.84 9.69 -20.99
C THR D 275 8.35 10.43 -22.25
N GLY D 276 7.16 10.99 -22.23
CA GLY D 276 6.61 11.57 -23.45
C GLY D 276 7.26 12.85 -23.99
N ASP D 277 8.09 13.54 -23.23
CA ASP D 277 8.78 14.71 -23.77
C ASP D 277 9.90 14.26 -24.75
N PRO D 278 10.04 14.96 -25.90
CA PRO D 278 10.97 14.44 -26.91
C PRO D 278 12.43 14.46 -26.51
N ASP D 279 12.79 15.30 -25.54
CA ASP D 279 14.15 15.32 -25.04
C ASP D 279 14.25 14.61 -23.69
N ASN D 280 13.33 13.71 -23.44
CA ASN D 280 13.36 12.85 -22.25
C ASN D 280 14.78 12.35 -22.08
N PRO D 281 15.39 12.57 -20.89
CA PRO D 281 16.80 12.18 -20.73
C PRO D 281 16.97 10.65 -20.76
N THR D 282 17.86 10.17 -21.62
CA THR D 282 18.11 8.73 -21.67
C THR D 282 19.02 8.32 -20.50
N ILE D 283 18.94 7.08 -20.09
CA ILE D 283 19.74 6.56 -18.95
C ILE D 283 20.46 5.32 -19.49
N THR D 284 21.78 5.33 -19.39
CA THR D 284 22.60 4.15 -19.74
C THR D 284 23.20 3.57 -18.46
N TRP D 285 22.97 2.28 -18.27
CA TRP D 285 23.54 1.55 -17.14
C TRP D 285 24.69 0.69 -17.60
N ASN D 286 25.70 0.53 -16.74
CA ASN D 286 26.80 -0.35 -16.97
C ASN D 286 26.30 -1.78 -16.65
N VAL D 287 26.71 -2.73 -17.51
CA VAL D 287 26.26 -4.10 -17.40
C VAL D 287 26.72 -4.72 -16.07
N HIS D 288 27.83 -4.24 -15.49
CA HIS D 288 28.35 -4.82 -14.21
C HIS D 288 27.75 -4.18 -12.97
N ASP D 289 26.84 -3.25 -13.17
CA ASP D 289 26.15 -2.55 -12.05
C ASP D 289 25.04 -3.47 -11.48
N ASN D 290 25.25 -4.02 -10.29
CA ASN D 290 24.34 -5.02 -9.75
C ASN D 290 23.01 -4.44 -9.28
N GLN D 291 22.82 -3.14 -9.45
CA GLN D 291 21.50 -2.51 -9.16
C GLN D 291 20.74 -2.17 -10.46
N ARG D 292 21.30 -2.59 -11.60
CA ARG D 292 20.62 -2.22 -12.87
C ARG D 292 19.31 -2.94 -13.20
N ARG D 293 19.22 -4.21 -12.82
CA ARG D 293 18.09 -5.07 -13.09
C ARG D 293 17.23 -5.18 -11.86
N ASP D 294 17.82 -5.52 -10.71
CA ASP D 294 17.14 -5.44 -9.47
C ASP D 294 17.89 -4.40 -8.65
N TRP D 295 17.20 -3.34 -8.31
CA TRP D 295 17.75 -2.18 -7.60
C TRP D 295 18.23 -2.55 -6.25
N TRP D 296 17.67 -3.61 -5.67
CA TRP D 296 18.08 -4.09 -4.34
C TRP D 296 19.21 -5.05 -4.38
N GLY D 297 19.71 -5.35 -5.57
CA GLY D 297 20.89 -6.17 -5.75
C GLY D 297 20.62 -7.65 -5.74
N ASN D 298 19.34 -8.03 -5.72
CA ASN D 298 19.01 -9.47 -5.74
C ASN D 298 19.46 -10.09 -7.06
N PRO D 299 19.92 -11.34 -7.02
CA PRO D 299 20.49 -11.97 -8.21
C PRO D 299 19.45 -12.25 -9.25
N VAL D 300 19.86 -12.13 -10.51
CA VAL D 300 18.97 -12.48 -11.59
C VAL D 300 19.14 -13.97 -11.85
N VAL D 301 18.04 -14.67 -11.79
CA VAL D 301 18.05 -16.11 -11.97
C VAL D 301 18.45 -16.48 -13.42
N PRO D 302 19.27 -17.51 -13.61
CA PRO D 302 19.87 -17.73 -14.92
C PRO D 302 18.85 -18.00 -16.03
N SER D 303 17.76 -18.67 -15.68
CA SER D 303 16.68 -18.91 -16.63
C SER D 303 16.17 -17.65 -17.25
N TRP D 304 16.24 -16.54 -16.52
CA TRP D 304 15.75 -15.27 -17.04
C TRP D 304 16.54 -14.87 -18.24
N TYR D 305 17.83 -15.20 -18.25
CA TYR D 305 18.69 -14.90 -19.36
C TYR D 305 18.68 -15.93 -20.47
N THR D 306 18.36 -17.18 -20.17
CA THR D 306 18.49 -18.24 -21.15
C THR D 306 17.19 -18.71 -21.82
N GLU D 307 16.03 -18.54 -21.17
CA GLU D 307 14.81 -19.13 -21.62
C GLU D 307 13.89 -18.04 -22.17
N ALA D 308 13.24 -18.34 -23.29
CA ALA D 308 12.31 -17.39 -23.94
C ALA D 308 11.48 -18.20 -24.94
N SER D 309 10.34 -17.66 -25.31
CA SER D 309 9.40 -18.38 -26.19
C SER D 309 9.76 -18.31 -27.64
N LYS D 310 9.48 -19.40 -28.33
CA LYS D 310 9.53 -19.44 -29.76
C LYS D 310 8.61 -18.39 -30.37
N VAL D 311 8.93 -17.97 -31.59
CA VAL D 311 8.01 -17.16 -32.39
C VAL D 311 7.73 -17.81 -33.73
N LEU D 312 6.53 -17.52 -34.21
CA LEU D 312 6.05 -18.03 -35.50
C LEU D 312 6.20 -17.05 -36.65
N ASP D 313 6.34 -17.61 -37.84
CA ASP D 313 6.24 -16.86 -39.10
C ASP D 313 4.78 -16.82 -39.55
N LEU D 314 4.50 -16.21 -40.70
CA LEU D 314 3.09 -15.98 -41.03
C LEU D 314 2.38 -17.27 -41.43
N ASP D 315 3.13 -18.34 -41.70
CA ASP D 315 2.55 -19.66 -41.99
C ASP D 315 2.29 -20.47 -40.76
N GLY D 316 2.77 -19.98 -39.61
CA GLY D 316 2.57 -20.69 -38.38
C GLY D 316 3.71 -21.61 -38.01
N ASN D 317 4.82 -21.55 -38.76
CA ASN D 317 6.00 -22.34 -38.45
C ASN D 317 6.97 -21.55 -37.56
N VAL D 318 7.71 -22.26 -36.73
CA VAL D 318 8.64 -21.62 -35.81
C VAL D 318 9.78 -20.97 -36.59
N GLN D 319 10.14 -19.74 -36.25
CA GLN D 319 11.28 -19.09 -36.85
C GLN D 319 12.56 -19.69 -36.34
N GLU D 320 13.51 -19.91 -37.26
CA GLU D 320 14.83 -20.38 -36.93
C GLU D 320 15.52 -19.34 -36.01
N ILE D 321 16.29 -19.84 -35.07
CA ILE D 321 17.02 -19.05 -34.10
C ILE D 321 18.43 -18.72 -34.64
N ILE D 322 18.84 -17.47 -34.55
CA ILE D 322 20.20 -17.02 -34.89
C ILE D 322 20.96 -16.75 -33.59
N GLU D 323 22.21 -17.20 -33.50
CA GLU D 323 22.95 -17.09 -32.26
C GLU D 323 23.56 -15.72 -32.10
N ARG D 324 23.52 -15.22 -30.87
CA ARG D 324 24.20 -13.99 -30.51
C ARG D 324 25.70 -14.28 -30.50
N THR D 325 26.46 -13.36 -31.10
CA THR D 325 27.92 -13.36 -31.12
C THR D 325 28.53 -12.30 -30.14
N ASP D 326 27.82 -11.21 -29.85
CA ASP D 326 28.29 -10.26 -28.80
C ASP D 326 28.31 -10.96 -27.43
N ASP D 327 28.92 -10.31 -26.44
CA ASP D 327 29.02 -10.89 -25.12
C ASP D 327 27.64 -11.12 -24.49
N SER D 328 27.57 -12.18 -23.70
CA SER D 328 26.39 -12.56 -22.95
C SER D 328 26.31 -11.80 -21.63
N GLU D 329 25.14 -11.19 -21.33
CA GLU D 329 24.95 -10.58 -20.01
C GLU D 329 25.11 -11.57 -18.85
N LEU D 330 24.56 -12.78 -18.98
CA LEU D 330 24.72 -13.76 -17.92
C LEU D 330 26.20 -13.97 -17.65
N GLU D 331 26.96 -14.29 -18.69
CA GLU D 331 28.34 -14.68 -18.50
C GLU D 331 29.17 -13.58 -17.87
N VAL D 332 28.97 -12.35 -18.35
CA VAL D 332 29.81 -11.25 -17.87
C VAL D 332 29.44 -10.78 -16.47
N THR D 333 28.28 -11.15 -15.96
CA THR D 333 27.87 -10.72 -14.63
C THR D 333 27.80 -11.80 -13.51
N ILE D 334 27.22 -12.96 -13.78
CA ILE D 334 27.01 -14.01 -12.76
C ILE D 334 27.66 -15.38 -13.06
N GLY D 335 28.20 -15.48 -14.26
CA GLY D 335 28.93 -16.65 -14.68
C GLY D 335 30.20 -16.81 -13.90
N ALA D 336 30.87 -17.97 -14.08
CA ALA D 336 32.13 -18.22 -13.42
C ALA D 336 33.23 -17.19 -13.71
N ASP D 337 33.16 -16.46 -14.84
CA ASP D 337 34.09 -15.36 -15.17
C ASP D 337 33.49 -13.96 -15.01
N GLY D 338 32.33 -13.91 -14.40
CA GLY D 338 31.50 -12.71 -14.39
C GLY D 338 31.84 -11.83 -13.22
N PHE D 339 31.38 -10.59 -13.27
CA PHE D 339 31.52 -9.77 -12.10
C PHE D 339 30.45 -8.69 -12.09
N SER D 340 30.09 -8.27 -10.91
CA SER D 340 29.21 -7.15 -10.74
C SER D 340 29.62 -6.39 -9.48
N PHE D 341 29.21 -5.15 -9.44
CA PHE D 341 29.56 -4.24 -8.31
C PHE D 341 28.30 -3.62 -7.71
N THR D 342 28.40 -3.18 -6.46
CA THR D 342 27.36 -2.37 -5.79
C THR D 342 27.71 -0.87 -6.01
N ARG D 343 28.98 -0.55 -5.74
CA ARG D 343 29.53 0.81 -5.91
C ARG D 343 30.68 0.71 -6.91
N ALA D 344 30.58 1.46 -8.01
CA ALA D 344 31.60 1.41 -9.06
C ALA D 344 32.96 1.70 -8.44
N GLY D 345 33.93 0.84 -8.73
CA GLY D 345 35.28 1.00 -8.21
C GLY D 345 35.52 0.38 -6.85
N ASP D 346 34.49 -0.15 -6.19
CA ASP D 346 34.65 -0.63 -4.84
C ASP D 346 34.65 -2.15 -4.82
N GLU D 347 35.68 -2.75 -4.22
CA GLU D 347 35.69 -4.20 -4.10
C GLU D 347 34.67 -4.72 -3.05
N ASP D 348 34.49 -3.97 -1.97
CA ASP D 348 33.40 -4.26 -0.98
C ASP D 348 32.06 -4.26 -1.71
N GLY D 349 31.25 -5.31 -1.60
CA GLY D 349 29.95 -5.32 -2.27
C GLY D 349 30.05 -5.71 -3.72
N SER D 350 31.22 -6.21 -4.13
N SER D 350 31.23 -6.20 -4.12
CA SER D 350 31.33 -6.72 -5.49
CA SER D 350 31.39 -6.72 -5.48
C SER D 350 31.37 -8.24 -5.49
C SER D 350 31.29 -8.23 -5.47
N TYR D 351 30.95 -8.80 -6.62
CA TYR D 351 30.82 -10.25 -6.79
C TYR D 351 31.63 -10.69 -7.97
N HIS D 352 32.47 -11.72 -7.76
CA HIS D 352 33.33 -12.27 -8.80
C HIS D 352 33.07 -13.74 -8.96
N GLY D 353 32.69 -14.14 -10.15
CA GLY D 353 32.45 -15.55 -10.44
C GLY D 353 31.19 -16.15 -9.83
N GLN D 354 30.33 -15.31 -9.27
CA GLN D 354 29.06 -15.79 -8.75
C GLN D 354 28.06 -14.66 -8.68
N ALA D 355 26.83 -14.98 -8.31
CA ALA D 355 25.79 -14.01 -8.23
C ALA D 355 25.88 -13.26 -6.88
N SER D 356 25.11 -12.20 -6.76
CA SER D 356 24.99 -11.51 -5.49
C SER D 356 24.32 -12.39 -4.44
N LYS D 357 24.53 -11.99 -3.19
CA LYS D 357 23.81 -12.48 -2.04
C LYS D 357 24.31 -13.86 -1.56
N GLY D 358 25.24 -14.50 -2.27
CA GLY D 358 25.86 -15.72 -1.76
C GLY D 358 25.58 -16.96 -2.59
N PHE D 359 24.95 -16.79 -3.74
CA PHE D 359 24.63 -17.93 -4.62
C PHE D 359 25.61 -18.06 -5.79
N LYS D 360 25.79 -19.28 -6.29
CA LYS D 360 26.42 -19.47 -7.61
C LYS D 360 25.38 -20.08 -8.54
N LEU D 361 25.69 -20.20 -9.84
CA LEU D 361 24.71 -20.75 -10.80
C LEU D 361 24.46 -22.23 -10.49
N GLY D 362 23.19 -22.65 -10.47
CA GLY D 362 22.83 -24.06 -10.27
C GLY D 362 23.04 -24.86 -11.55
#